data_3E5C
# 
_entry.id   3E5C 
# 
_audit_conform.dict_name       mmcif_pdbx.dic 
_audit_conform.dict_version    5.387 
_audit_conform.dict_location   http://mmcif.pdb.org/dictionaries/ascii/mmcif_pdbx.dic 
# 
loop_
_database_2.database_id 
_database_2.database_code 
_database_2.pdbx_database_accession 
_database_2.pdbx_DOI 
PDB   3E5C         pdb_00003e5c 10.2210/pdb3e5c/pdb 
NDB   UR0166       ?            ?                   
RCSB  RCSB048894   ?            ?                   
WWPDB D_1000048894 ?            ?                   
# 
loop_
_pdbx_audit_revision_history.ordinal 
_pdbx_audit_revision_history.data_content_type 
_pdbx_audit_revision_history.major_revision 
_pdbx_audit_revision_history.minor_revision 
_pdbx_audit_revision_history.revision_date 
1 'Structure model' 1 0 2008-10-07 
2 'Structure model' 1 1 2011-07-13 
3 'Structure model' 1 2 2024-02-21 
# 
_pdbx_audit_revision_details.ordinal             1 
_pdbx_audit_revision_details.revision_ordinal    1 
_pdbx_audit_revision_details.data_content_type   'Structure model' 
_pdbx_audit_revision_details.provider            repository 
_pdbx_audit_revision_details.type                'Initial release' 
_pdbx_audit_revision_details.description         ? 
_pdbx_audit_revision_details.details             ? 
# 
loop_
_pdbx_audit_revision_group.ordinal 
_pdbx_audit_revision_group.revision_ordinal 
_pdbx_audit_revision_group.data_content_type 
_pdbx_audit_revision_group.group 
1 2 'Structure model' 'Version format compliance' 
2 3 'Structure model' 'Data collection'           
3 3 'Structure model' 'Database references'       
4 3 'Structure model' 'Derived calculations'      
# 
loop_
_pdbx_audit_revision_category.ordinal 
_pdbx_audit_revision_category.revision_ordinal 
_pdbx_audit_revision_category.data_content_type 
_pdbx_audit_revision_category.category 
1 3 'Structure model' chem_comp_atom   
2 3 'Structure model' chem_comp_bond   
3 3 'Structure model' database_2       
4 3 'Structure model' struct_conn      
5 3 'Structure model' struct_conn_type 
6 3 'Structure model' struct_site      
# 
loop_
_pdbx_audit_revision_item.ordinal 
_pdbx_audit_revision_item.revision_ordinal 
_pdbx_audit_revision_item.data_content_type 
_pdbx_audit_revision_item.item 
1  3 'Structure model' '_database_2.pdbx_DOI'                
2  3 'Structure model' '_database_2.pdbx_database_accession' 
3  3 'Structure model' '_struct_conn.conn_type_id'           
4  3 'Structure model' '_struct_conn.id'                     
5  3 'Structure model' '_struct_conn.pdbx_dist_value'        
6  3 'Structure model' '_struct_conn.pdbx_leaving_atom_flag' 
7  3 'Structure model' '_struct_conn.ptnr1_auth_comp_id'     
8  3 'Structure model' '_struct_conn.ptnr1_auth_seq_id'      
9  3 'Structure model' '_struct_conn.ptnr1_label_asym_id'    
10 3 'Structure model' '_struct_conn.ptnr1_label_atom_id'    
11 3 'Structure model' '_struct_conn.ptnr1_label_comp_id'    
12 3 'Structure model' '_struct_conn.ptnr1_label_seq_id'     
13 3 'Structure model' '_struct_conn.ptnr2_auth_comp_id'     
14 3 'Structure model' '_struct_conn.ptnr2_auth_seq_id'      
15 3 'Structure model' '_struct_conn.ptnr2_label_asym_id'    
16 3 'Structure model' '_struct_conn.ptnr2_label_atom_id'    
17 3 'Structure model' '_struct_conn.ptnr2_label_comp_id'    
18 3 'Structure model' '_struct_conn.ptnr2_label_seq_id'     
19 3 'Structure model' '_struct_conn_type.id'                
20 3 'Structure model' '_struct_site.pdbx_auth_asym_id'      
21 3 'Structure model' '_struct_site.pdbx_auth_comp_id'      
22 3 'Structure model' '_struct_site.pdbx_auth_seq_id'       
# 
_pdbx_database_status.status_code                     REL 
_pdbx_database_status.entry_id                        3E5C 
_pdbx_database_status.recvd_initial_deposition_date   2008-08-13 
_pdbx_database_status.deposit_site                    RCSB 
_pdbx_database_status.process_site                    RCSB 
_pdbx_database_status.status_code_sf                  REL 
_pdbx_database_status.status_code_mr                  ? 
_pdbx_database_status.SG_entry                        ? 
_pdbx_database_status.pdb_format_compatible           Y 
_pdbx_database_status.status_code_cs                  ? 
_pdbx_database_status.status_code_nmr_data            ? 
_pdbx_database_status.methods_development_category    ? 
# 
loop_
_pdbx_database_related.db_name 
_pdbx_database_related.db_id 
_pdbx_database_related.details 
_pdbx_database_related.content_type 
PDB 3E5E . unspecified 
PDB 3E5F . unspecified 
# 
_audit_author.name           'Lu, C.' 
_audit_author.pdbx_ordinal   1 
# 
_citation.id                        primary 
_citation.title                     
'Crystal structures of the SAM-III/S(MK) riboswitch reveal the SAM-dependent translation inhibition mechanism.' 
_citation.journal_abbrev            Nat.Struct.Mol.Biol. 
_citation.journal_volume            15 
_citation.page_first                1076 
_citation.page_last                 1083 
_citation.year                      2008 
_citation.journal_id_ASTM           ? 
_citation.country                   US 
_citation.journal_id_ISSN           1545-9993 
_citation.journal_id_CSD            ? 
_citation.book_publisher            ? 
_citation.pdbx_database_id_PubMed   18806797 
_citation.pdbx_database_id_DOI      10.1038/nsmb.1494 
# 
loop_
_citation_author.citation_id 
_citation_author.name 
_citation_author.ordinal 
_citation_author.identifier_ORCID 
primary 'Lu, C.'          1 ? 
primary 'Smith, A.M.'     2 ? 
primary 'Fuchs, R.T.'     3 ? 
primary 'Ding, F.'        4 ? 
primary 'Rajashankar, K.' 5 ? 
primary 'Henkin, T.M.'    6 ? 
primary 'Ke, A.'          7 ? 
# 
loop_
_entity.id 
_entity.type 
_entity.src_method 
_entity.pdbx_description 
_entity.formula_weight 
_entity.pdbx_number_of_molecules 
_entity.pdbx_ec 
_entity.pdbx_mutation 
_entity.pdbx_fragment 
_entity.details 
1 polymer     syn 'SMK box (SAM-III) Riboswitch' 17402.322 1  ? ? ? ? 
2 non-polymer syn 'STRONTIUM ION'                87.620    15 ? ? ? ? 
3 non-polymer syn S-ADENOSYLMETHIONINE           398.437   1  ? ? ? ? 
4 water       nat water                          18.015    69 ? ? ? ? 
# 
_entity_poly.entity_id                      1 
_entity_poly.type                           polyribonucleotide 
_entity_poly.nstd_linkage                   no 
_entity_poly.nstd_monomer                   yes 
_entity_poly.pdbx_seq_one_letter_code       '(GTP)UUCCCGAAAGGAUGGCGGAAACGCCAGAUGCCUUGUAACCGAAAGGGGGAAU' 
_entity_poly.pdbx_seq_one_letter_code_can   GUUCCCGAAAGGAUGGCGGAAACGCCAGAUGCCUUGUAACCGAAAGGGGGAAU 
_entity_poly.pdbx_strand_id                 A 
_entity_poly.pdbx_target_identifier         ? 
# 
loop_
_pdbx_entity_nonpoly.entity_id 
_pdbx_entity_nonpoly.name 
_pdbx_entity_nonpoly.comp_id 
2 'STRONTIUM ION'      SR  
3 S-ADENOSYLMETHIONINE SAM 
4 water                HOH 
# 
loop_
_entity_poly_seq.entity_id 
_entity_poly_seq.num 
_entity_poly_seq.mon_id 
_entity_poly_seq.hetero 
1 1  GTP n 
1 2  U   n 
1 3  U   n 
1 4  C   n 
1 5  C   n 
1 6  C   n 
1 7  G   n 
1 8  A   n 
1 9  A   n 
1 10 A   n 
1 11 G   n 
1 12 G   n 
1 13 A   n 
1 14 U   n 
1 15 G   n 
1 16 G   n 
1 17 C   n 
1 18 G   n 
1 19 G   n 
1 20 A   n 
1 21 A   n 
1 22 A   n 
1 23 C   n 
1 24 G   n 
1 25 C   n 
1 26 C   n 
1 27 A   n 
1 28 G   n 
1 29 A   n 
1 30 U   n 
1 31 G   n 
1 32 C   n 
1 33 C   n 
1 34 U   n 
1 35 U   n 
1 36 G   n 
1 37 U   n 
1 38 A   n 
1 39 A   n 
1 40 C   n 
1 41 C   n 
1 42 G   n 
1 43 A   n 
1 44 A   n 
1 45 A   n 
1 46 G   n 
1 47 G   n 
1 48 G   n 
1 49 G   n 
1 50 G   n 
1 51 A   n 
1 52 A   n 
1 53 U   n 
# 
_pdbx_entity_src_syn.entity_id              1 
_pdbx_entity_src_syn.pdbx_src_id            1 
_pdbx_entity_src_syn.pdbx_alt_source_flag   sample 
_pdbx_entity_src_syn.pdbx_beg_seq_num       ? 
_pdbx_entity_src_syn.pdbx_end_seq_num       ? 
_pdbx_entity_src_syn.organism_scientific    ? 
_pdbx_entity_src_syn.organism_common_name   ? 
_pdbx_entity_src_syn.ncbi_taxonomy_id       ? 
_pdbx_entity_src_syn.details                'RNA was prepared by In vitro transcription' 
# 
loop_
_chem_comp.id 
_chem_comp.type 
_chem_comp.mon_nstd_flag 
_chem_comp.name 
_chem_comp.pdbx_synonyms 
_chem_comp.formula 
_chem_comp.formula_weight 
A   'RNA linking' y "ADENOSINE-5'-MONOPHOSPHATE" ? 'C10 H14 N5 O7 P'   347.221 
C   'RNA linking' y "CYTIDINE-5'-MONOPHOSPHATE"  ? 'C9 H14 N3 O8 P'    323.197 
G   'RNA linking' y "GUANOSINE-5'-MONOPHOSPHATE" ? 'C10 H14 N5 O8 P'   363.221 
GTP non-polymer   n "GUANOSINE-5'-TRIPHOSPHATE"  ? 'C10 H16 N5 O14 P3' 523.180 
HOH non-polymer   . WATER                        ? 'H2 O'              18.015  
SAM non-polymer   . S-ADENOSYLMETHIONINE         ? 'C15 H22 N6 O5 S'   398.437 
SR  non-polymer   . 'STRONTIUM ION'              ? 'Sr 2'              87.620  
U   'RNA linking' y "URIDINE-5'-MONOPHOSPHATE"   ? 'C9 H13 N2 O9 P'    324.181 
# 
loop_
_pdbx_poly_seq_scheme.asym_id 
_pdbx_poly_seq_scheme.entity_id 
_pdbx_poly_seq_scheme.seq_id 
_pdbx_poly_seq_scheme.mon_id 
_pdbx_poly_seq_scheme.ndb_seq_num 
_pdbx_poly_seq_scheme.pdb_seq_num 
_pdbx_poly_seq_scheme.auth_seq_num 
_pdbx_poly_seq_scheme.pdb_mon_id 
_pdbx_poly_seq_scheme.auth_mon_id 
_pdbx_poly_seq_scheme.pdb_strand_id 
_pdbx_poly_seq_scheme.pdb_ins_code 
_pdbx_poly_seq_scheme.hetero 
A 1 1  GTP 1  1  1  GTP GTP A . n 
A 1 2  U   2  2  2  U   URI A . n 
A 1 3  U   3  3  3  U   URI A . n 
A 1 4  C   4  4  4  C   CYT A . n 
A 1 5  C   5  5  5  C   CYT A . n 
A 1 6  C   6  6  6  C   CYT A . n 
A 1 7  G   7  7  7  G   GUA A . n 
A 1 8  A   8  8  8  A   ADE A . n 
A 1 9  A   9  9  9  A   ADE A . n 
A 1 10 A   10 10 10 A   ADE A . n 
A 1 11 G   11 11 11 G   GUA A . n 
A 1 12 G   12 12 12 G   GUA A . n 
A 1 13 A   13 13 13 A   ADE A . n 
A 1 14 U   14 14 14 U   URI A . n 
A 1 15 G   15 15 15 G   GUA A . n 
A 1 16 G   16 16 16 G   GUA A . n 
A 1 17 C   17 17 17 C   CYT A . n 
A 1 18 G   18 18 18 G   GUA A . n 
A 1 19 G   19 19 19 G   GUA A . n 
A 1 20 A   20 20 20 A   ADE A . n 
A 1 21 A   21 21 21 A   ADE A . n 
A 1 22 A   22 22 22 A   ADE A . n 
A 1 23 C   23 23 23 C   CYT A . n 
A 1 24 G   24 24 24 G   GUA A . n 
A 1 25 C   25 25 25 C   CYT A . n 
A 1 26 C   26 26 26 C   CYT A . n 
A 1 27 A   27 27 27 A   ADE A . n 
A 1 28 G   28 28 28 G   GUA A . n 
A 1 29 A   29 29 29 A   ADE A . n 
A 1 30 U   30 30 30 U   URI A . n 
A 1 31 G   31 31 31 G   GUA A . n 
A 1 32 C   32 32 32 C   CYT A . n 
A 1 33 C   33 33 33 C   CYT A . n 
A 1 34 U   34 34 34 U   URI A . n 
A 1 35 U   35 35 35 U   URI A . n 
A 1 36 G   36 36 36 G   GUA A . n 
A 1 37 U   37 37 37 U   URI A . n 
A 1 38 A   38 38 38 A   ADE A . n 
A 1 39 A   39 39 39 A   ADE A . n 
A 1 40 C   40 40 40 C   CYT A . n 
A 1 41 C   41 41 41 C   CYT A . n 
A 1 42 G   42 42 42 G   GUA A . n 
A 1 43 A   43 43 43 A   ADE A . n 
A 1 44 A   44 44 44 A   ADE A . n 
A 1 45 A   45 45 45 A   ADE A . n 
A 1 46 G   46 46 46 G   GUA A . n 
A 1 47 G   47 47 47 G   GUA A . n 
A 1 48 G   48 48 48 G   GUA A . n 
A 1 49 G   49 49 49 G   GUA A . n 
A 1 50 G   50 50 50 G   GUA A . n 
A 1 51 A   51 51 51 A   ADE A . n 
A 1 52 A   52 52 52 A   ADE A . n 
A 1 53 U   53 53 53 U   URI A . n 
# 
loop_
_pdbx_nonpoly_scheme.asym_id 
_pdbx_nonpoly_scheme.entity_id 
_pdbx_nonpoly_scheme.mon_id 
_pdbx_nonpoly_scheme.ndb_seq_num 
_pdbx_nonpoly_scheme.pdb_seq_num 
_pdbx_nonpoly_scheme.auth_seq_num 
_pdbx_nonpoly_scheme.pdb_mon_id 
_pdbx_nonpoly_scheme.auth_mon_id 
_pdbx_nonpoly_scheme.pdb_strand_id 
_pdbx_nonpoly_scheme.pdb_ins_code 
B 2 SR  1  201 201 SR  SR  A . 
C 2 SR  1  202 202 SR  SR  A . 
D 2 SR  1  203 203 SR  SR  A . 
E 2 SR  1  204 204 SR  SR  A . 
F 2 SR  1  205 205 SR  SR  A . 
G 2 SR  1  206 206 SR  SR  A . 
H 2 SR  1  207 207 SR  SR  A . 
I 2 SR  1  208 208 SR  SR  A . 
J 2 SR  1  209 209 SR  SR  A . 
K 2 SR  1  210 210 SR  SR  A . 
L 2 SR  1  211 211 SR  SR  A . 
M 2 SR  1  212 212 SR  SR  A . 
N 2 SR  1  213 213 SR  SR  A . 
O 2 SR  1  214 214 SR  SR  A . 
P 2 SR  1  215 215 SR  SR  A . 
Q 3 SAM 1  216 1   SAM SAM A . 
R 4 HOH 1  217 1   HOH HOH A . 
R 4 HOH 2  218 2   HOH HOH A . 
R 4 HOH 3  219 3   HOH HOH A . 
R 4 HOH 4  220 4   HOH HOH A . 
R 4 HOH 5  221 5   HOH HOH A . 
R 4 HOH 6  222 6   HOH HOH A . 
R 4 HOH 7  223 7   HOH HOH A . 
R 4 HOH 8  224 8   HOH HOH A . 
R 4 HOH 9  225 9   HOH HOH A . 
R 4 HOH 10 226 10  HOH HOH A . 
R 4 HOH 11 227 11  HOH HOH A . 
R 4 HOH 12 228 12  HOH HOH A . 
R 4 HOH 13 229 13  HOH HOH A . 
R 4 HOH 14 230 14  HOH HOH A . 
R 4 HOH 15 231 15  HOH HOH A . 
R 4 HOH 16 232 16  HOH HOH A . 
R 4 HOH 17 233 17  HOH HOH A . 
R 4 HOH 18 234 18  HOH HOH A . 
R 4 HOH 19 235 19  HOH HOH A . 
R 4 HOH 20 236 20  HOH HOH A . 
R 4 HOH 21 237 21  HOH HOH A . 
R 4 HOH 22 238 22  HOH HOH A . 
R 4 HOH 23 239 23  HOH HOH A . 
R 4 HOH 24 240 24  HOH HOH A . 
R 4 HOH 25 241 25  HOH HOH A . 
R 4 HOH 26 242 26  HOH HOH A . 
R 4 HOH 27 243 27  HOH HOH A . 
R 4 HOH 28 244 28  HOH HOH A . 
R 4 HOH 29 245 29  HOH HOH A . 
R 4 HOH 30 246 30  HOH HOH A . 
R 4 HOH 31 247 31  HOH HOH A . 
R 4 HOH 32 248 32  HOH HOH A . 
R 4 HOH 33 249 33  HOH HOH A . 
R 4 HOH 34 250 34  HOH HOH A . 
R 4 HOH 35 251 35  HOH HOH A . 
R 4 HOH 36 252 36  HOH HOH A . 
R 4 HOH 37 253 37  HOH HOH A . 
R 4 HOH 38 254 38  HOH HOH A . 
R 4 HOH 39 255 39  HOH HOH A . 
R 4 HOH 40 256 40  HOH HOH A . 
R 4 HOH 41 257 41  HOH HOH A . 
R 4 HOH 42 258 42  HOH HOH A . 
R 4 HOH 43 259 43  HOH HOH A . 
R 4 HOH 44 260 44  HOH HOH A . 
R 4 HOH 45 261 45  HOH HOH A . 
R 4 HOH 46 262 46  HOH HOH A . 
R 4 HOH 47 263 47  HOH HOH A . 
R 4 HOH 48 264 48  HOH HOH A . 
R 4 HOH 49 265 49  HOH HOH A . 
R 4 HOH 50 266 50  HOH HOH A . 
R 4 HOH 51 267 51  HOH HOH A . 
R 4 HOH 52 268 52  HOH HOH A . 
R 4 HOH 53 269 53  HOH HOH A . 
R 4 HOH 54 270 54  HOH HOH A . 
R 4 HOH 55 271 55  HOH HOH A . 
R 4 HOH 56 272 56  HOH HOH A . 
R 4 HOH 57 273 57  HOH HOH A . 
R 4 HOH 58 274 58  HOH HOH A . 
R 4 HOH 59 275 59  HOH HOH A . 
R 4 HOH 60 276 60  HOH HOH A . 
R 4 HOH 61 277 61  HOH HOH A . 
R 4 HOH 62 278 62  HOH HOH A . 
R 4 HOH 63 279 63  HOH HOH A . 
R 4 HOH 64 280 64  HOH HOH A . 
R 4 HOH 65 281 65  HOH HOH A . 
R 4 HOH 66 282 66  HOH HOH A . 
R 4 HOH 67 283 67  HOH HOH A . 
R 4 HOH 68 284 68  HOH HOH A . 
R 4 HOH 69 285 69  HOH HOH A . 
# 
loop_
_software.name 
_software.classification 
_software.version 
_software.citation_id 
_software.pdbx_ordinal 
CNS      refinement        1.2 ? 1 
HKL-2000 'data collection' .   ? 2 
HKL-2000 'data reduction'  .   ? 3 
HKL-2000 'data scaling'    .   ? 4 
PHASER   phasing           .   ? 5 
# 
_cell.entry_id           3E5C 
_cell.length_a           97.806 
_cell.length_b           97.806 
_cell.length_c           87.138 
_cell.angle_alpha        90.00 
_cell.angle_beta         90.00 
_cell.angle_gamma        90.00 
_cell.Z_PDB              16 
_cell.pdbx_unique_axis   ? 
_cell.length_a_esd       ? 
_cell.length_b_esd       ? 
_cell.length_c_esd       ? 
_cell.angle_alpha_esd    ? 
_cell.angle_beta_esd     ? 
_cell.angle_gamma_esd    ? 
# 
_symmetry.entry_id                         3E5C 
_symmetry.space_group_name_H-M             'I 41 2 2' 
_symmetry.pdbx_full_space_group_name_H-M   ? 
_symmetry.cell_setting                     ? 
_symmetry.Int_Tables_number                98 
_symmetry.space_group_name_Hall            ? 
# 
_exptl.entry_id          3E5C 
_exptl.method            'X-RAY DIFFRACTION' 
_exptl.crystals_number   2 
# 
_exptl_crystal.id                    1 
_exptl_crystal.density_meas          ? 
_exptl_crystal.density_Matthews      2.99 
_exptl_crystal.density_percent_sol   58.91 
_exptl_crystal.description           ? 
_exptl_crystal.F_000                 ? 
_exptl_crystal.preparation           ? 
# 
_exptl_crystal_grow.crystal_id      1 
_exptl_crystal_grow.method          'VAPOR DIFFUSION, HANGING DROP' 
_exptl_crystal_grow.temp            298 
_exptl_crystal_grow.temp_details    ? 
_exptl_crystal_grow.pH              7 
_exptl_crystal_grow.pdbx_details    
'40 mM sodium cacodylate, 80 mM SrCl, 15% MPD, 2 mM spermine-HCl, pH 7, VAPOR DIFFUSION, HANGING DROP, temperature 298K' 
_exptl_crystal_grow.pdbx_pH_range   ? 
# 
loop_
_exptl_crystal_grow_comp.crystal_id 
_exptl_crystal_grow_comp.id 
_exptl_crystal_grow_comp.sol_id 
_exptl_crystal_grow_comp.name 
_exptl_crystal_grow_comp.volume 
_exptl_crystal_grow_comp.conc 
_exptl_crystal_grow_comp.details 
1 1 1 'sodium cacodylate' ? ? ? 
1 2 1 SrCl                ? ? ? 
1 3 1 MPD                 ? ? ? 
1 4 1 spermine-HCl        ? ? ? 
1 5 2 'sodium cacodylate' ? ? ? 
1 6 2 SrCl                ? ? ? 
1 7 2 MPD                 ? ? ? 
# 
loop_
_diffrn.id 
_diffrn.ambient_temp 
_diffrn.ambient_temp_details 
_diffrn.crystal_id 
1 100 ? 1 
2 100 ? 1 
# 
loop_
_diffrn_detector.diffrn_id 
_diffrn_detector.detector 
_diffrn_detector.type 
_diffrn_detector.pdbx_collection_date 
_diffrn_detector.details 
1 CCD 'ADSC QUANTUM 315' 2007-11-21 ? 
2 CCD 'ADSC QUANTUM 210' 2007-10-22 ? 
# 
loop_
_diffrn_radiation.diffrn_id 
_diffrn_radiation.wavelength_id 
_diffrn_radiation.pdbx_monochromatic_or_laue_m_l 
_diffrn_radiation.monochromator 
_diffrn_radiation.pdbx_diffrn_protocol 
_diffrn_radiation.pdbx_scattering_type 
1 1 M ? 'SINGLE WAVELENGTH' x-ray 
2 1 M ? 'SINGLE WAVELENGTH' x-ray 
# 
loop_
_diffrn_radiation_wavelength.id 
_diffrn_radiation_wavelength.wavelength 
_diffrn_radiation_wavelength.wt 
1 0.9792 1.0 
2 0.918  1.0 
# 
loop_
_diffrn_source.diffrn_id 
_diffrn_source.source 
_diffrn_source.type 
_diffrn_source.pdbx_synchrotron_site 
_diffrn_source.pdbx_synchrotron_beamline 
_diffrn_source.pdbx_wavelength 
_diffrn_source.pdbx_wavelength_list 
1 SYNCHROTRON 'APS BEAMLINE 24-ID-E' APS   24-ID-E ? 0.9792 
2 SYNCHROTRON 'CHESS BEAMLINE F1'    CHESS F1      ? 0.918  
# 
_reflns.entry_id                     3E5C 
_reflns.observed_criterion_sigma_I   37.1 
_reflns.observed_criterion_sigma_F   ? 
_reflns.d_resolution_low             20 
_reflns.d_resolution_high            2.25 
_reflns.number_obs                   9607 
_reflns.number_all                   ? 
_reflns.percent_possible_obs         93.3 
_reflns.pdbx_Rmerge_I_obs            0.069 
_reflns.pdbx_Rsym_value              0.065 
_reflns.pdbx_netI_over_sigmaI        24.7 
_reflns.B_iso_Wilson_estimate        47.8 
_reflns.pdbx_redundancy              9.8 
_reflns.R_free_details               ? 
_reflns.limit_h_max                  ? 
_reflns.limit_h_min                  ? 
_reflns.limit_k_max                  ? 
_reflns.limit_k_min                  ? 
_reflns.limit_l_max                  ? 
_reflns.limit_l_min                  ? 
_reflns.observed_criterion_F_max     ? 
_reflns.observed_criterion_F_min     ? 
_reflns.pdbx_chi_squared             ? 
_reflns.pdbx_scaling_rejects         ? 
_reflns.pdbx_diffrn_id               1,2 
_reflns.pdbx_ordinal                 1 
# 
_reflns_shell.d_res_high             2.25 
_reflns_shell.d_res_low              2.35 
_reflns_shell.percent_possible_all   74 
_reflns_shell.Rmerge_I_obs           .37 
_reflns_shell.pdbx_Rsym_value        .417 
_reflns_shell.meanI_over_sigI_obs    1.6 
_reflns_shell.pdbx_redundancy        4.7 
_reflns_shell.percent_possible_obs   ? 
_reflns_shell.number_unique_all      666 
_reflns_shell.number_measured_all    ? 
_reflns_shell.number_measured_obs    ? 
_reflns_shell.number_unique_obs      ? 
_reflns_shell.pdbx_chi_squared       ? 
_reflns_shell.pdbx_diffrn_id         ? 
_reflns_shell.pdbx_ordinal           1 
# 
_refine.entry_id                                 3E5C 
_refine.ls_number_reflns_obs                     9607 
_refine.ls_number_reflns_all                     ? 
_refine.pdbx_ls_sigma_I                          ? 
_refine.pdbx_ls_sigma_F                          0.0 
_refine.pdbx_data_cutoff_high_absF               1443315.13 
_refine.pdbx_data_cutoff_low_absF                0.000000 
_refine.pdbx_data_cutoff_high_rms_absF           ? 
_refine.ls_d_res_low                             19.90 
_refine.ls_d_res_high                            2.25 
_refine.ls_percent_reflns_obs                    93.3 
_refine.ls_R_factor_obs                          0.221 
_refine.ls_R_factor_all                          ? 
_refine.ls_R_factor_R_work                       0.221 
_refine.ls_R_factor_R_free                       0.227 
_refine.ls_R_factor_R_free_error                 0.011 
_refine.ls_R_factor_R_free_error_details         ? 
_refine.ls_percent_reflns_R_free                 4.8 
_refine.ls_number_reflns_R_free                  460 
_refine.ls_number_parameters                     ? 
_refine.ls_number_restraints                     ? 
_refine.occupancy_min                            ? 
_refine.occupancy_max                            ? 
_refine.correlation_coeff_Fo_to_Fc               ? 
_refine.correlation_coeff_Fo_to_Fc_free          ? 
_refine.B_iso_mean                               54.5 
_refine.aniso_B[1][1]                            -8.63 
_refine.aniso_B[2][2]                            -8.63 
_refine.aniso_B[3][3]                            17.26 
_refine.aniso_B[1][2]                            0.00 
_refine.aniso_B[1][3]                            0.00 
_refine.aniso_B[2][3]                            0.00 
_refine.solvent_model_details                    'FLAT MODEL' 
_refine.solvent_model_param_ksol                 0.4 
_refine.solvent_model_param_bsol                 56.7208 
_refine.pdbx_solvent_vdw_probe_radii             ? 
_refine.pdbx_solvent_ion_probe_radii             ? 
_refine.pdbx_solvent_shrinkage_radii             ? 
_refine.pdbx_ls_cross_valid_method               THROUGHOUT 
_refine.details                                  'BULK SOLVENT MODEL USED' 
_refine.pdbx_starting_model                      ? 
_refine.pdbx_method_to_determine_struct          SAD+MR 
_refine.pdbx_isotropic_thermal_model             RESTRAINED 
_refine.pdbx_stereochemistry_target_values       ? 
_refine.pdbx_stereochem_target_val_spec_case     ? 
_refine.pdbx_R_Free_selection_details            RANDOM 
_refine.pdbx_overall_ESU_R                       ? 
_refine.pdbx_overall_ESU_R_Free                  ? 
_refine.overall_SU_ML                            ? 
_refine.overall_SU_B                             ? 
_refine.ls_redundancy_reflns_obs                 ? 
_refine.B_iso_min                                ? 
_refine.B_iso_max                                ? 
_refine.overall_SU_R_Cruickshank_DPI             ? 
_refine.overall_SU_R_free                        ? 
_refine.ls_wR_factor_R_free                      ? 
_refine.ls_wR_factor_R_work                      ? 
_refine.overall_FOM_free_R_set                   ? 
_refine.overall_FOM_work_R_set                   ? 
_refine.pdbx_overall_phase_error                 ? 
_refine.pdbx_refine_id                           'X-RAY DIFFRACTION' 
_refine.pdbx_diffrn_id                           1 
_refine.pdbx_TLS_residual_ADP_flag               ? 
_refine.pdbx_overall_SU_R_free_Cruickshank_DPI   ? 
_refine.pdbx_overall_SU_R_Blow_DPI               ? 
_refine.pdbx_overall_SU_R_free_Blow_DPI          ? 
# 
_refine_analyze.entry_id                        3E5C 
_refine_analyze.Luzzati_coordinate_error_obs    0.30 
_refine_analyze.Luzzati_sigma_a_obs             0.40 
_refine_analyze.Luzzati_d_res_low_obs           5.00 
_refine_analyze.Luzzati_coordinate_error_free   0.35 
_refine_analyze.Luzzati_sigma_a_free            0.43 
_refine_analyze.Luzzati_d_res_low_free          ? 
_refine_analyze.number_disordered_residues      ? 
_refine_analyze.occupancy_sum_hydrogen          ? 
_refine_analyze.occupancy_sum_non_hydrogen      ? 
_refine_analyze.pdbx_Luzzati_d_res_high_obs     ? 
_refine_analyze.pdbx_refine_id                  'X-RAY DIFFRACTION' 
# 
_refine_hist.pdbx_refine_id                   'X-RAY DIFFRACTION' 
_refine_hist.cycle_id                         LAST 
_refine_hist.pdbx_number_atoms_protein        0 
_refine_hist.pdbx_number_atoms_nucleic_acid   1155 
_refine_hist.pdbx_number_atoms_ligand         42 
_refine_hist.number_atoms_solvent             69 
_refine_hist.number_atoms_total               1266 
_refine_hist.d_res_high                       2.25 
_refine_hist.d_res_low                        19.90 
# 
loop_
_refine_ls_restr.type 
_refine_ls_restr.dev_ideal 
_refine_ls_restr.dev_ideal_target 
_refine_ls_restr.weight 
_refine_ls_restr.number 
_refine_ls_restr.pdbx_refine_id 
_refine_ls_restr.pdbx_restraint_function 
c_bond_d                0.011 ? ? ? 'X-RAY DIFFRACTION' ? 
c_bond_d_na             ?     ? ? ? 'X-RAY DIFFRACTION' ? 
c_bond_d_prot           ?     ? ? ? 'X-RAY DIFFRACTION' ? 
c_angle_d               ?     ? ? ? 'X-RAY DIFFRACTION' ? 
c_angle_d_na            ?     ? ? ? 'X-RAY DIFFRACTION' ? 
c_angle_d_prot          ?     ? ? ? 'X-RAY DIFFRACTION' ? 
c_angle_deg             1.7   ? ? ? 'X-RAY DIFFRACTION' ? 
c_angle_deg_na          ?     ? ? ? 'X-RAY DIFFRACTION' ? 
c_angle_deg_prot        ?     ? ? ? 'X-RAY DIFFRACTION' ? 
c_dihedral_angle_d      19.2  ? ? ? 'X-RAY DIFFRACTION' ? 
c_dihedral_angle_d_na   ?     ? ? ? 'X-RAY DIFFRACTION' ? 
c_dihedral_angle_d_prot ?     ? ? ? 'X-RAY DIFFRACTION' ? 
c_improper_angle_d      1.54  ? ? ? 'X-RAY DIFFRACTION' ? 
c_improper_angle_d_na   ?     ? ? ? 'X-RAY DIFFRACTION' ? 
c_improper_angle_d_prot ?     ? ? ? 'X-RAY DIFFRACTION' ? 
c_mcbond_it             ?     ? ? ? 'X-RAY DIFFRACTION' ? 
c_mcangle_it            ?     ? ? ? 'X-RAY DIFFRACTION' ? 
c_scbond_it             ?     ? ? ? 'X-RAY DIFFRACTION' ? 
c_scangle_it            ?     ? ? ? 'X-RAY DIFFRACTION' ? 
# 
_refine_ls_shell.pdbx_total_number_of_bins_used   6 
_refine_ls_shell.d_res_high                       2.25 
_refine_ls_shell.d_res_low                        2.39 
_refine_ls_shell.number_reflns_R_work             1108 
_refine_ls_shell.R_factor_R_work                  0.341 
_refine_ls_shell.percent_reflns_obs               69.4 
_refine_ls_shell.R_factor_R_free                  0.335 
_refine_ls_shell.R_factor_R_free_error            0.043 
_refine_ls_shell.percent_reflns_R_free            5.3 
_refine_ls_shell.number_reflns_R_free             62 
_refine_ls_shell.number_reflns_all                ? 
_refine_ls_shell.R_factor_all                     ? 
_refine_ls_shell.number_reflns_obs                ? 
_refine_ls_shell.redundancy_reflns_obs            ? 
_refine_ls_shell.pdbx_refine_id                   'X-RAY DIFFRACTION' 
# 
loop_
_pdbx_xplor_file.serial_no 
_pdbx_xplor_file.param_file 
_pdbx_xplor_file.topol_file 
_pdbx_xplor_file.pdbx_refine_id 
1 ion.param         ion.top     'X-RAY DIFFRACTION' 
2 water_rep.param   dna-rna.top 'X-RAY DIFFRACTION' 
3 dna-rna_rep.param water.top   'X-RAY DIFFRACTION' 
4 gtp.param         gtp.top     'X-RAY DIFFRACTION' 
5 samtest.param     samtest.top 'X-RAY DIFFRACTION' 
# 
_struct.entry_id                  3E5C 
_struct.title                     'Crystal Structure of the SMK box (SAM-III) Riboswitch with SAM' 
_struct.pdbx_model_details        ? 
_struct.pdbx_CASP_flag            ? 
_struct.pdbx_model_type_details   ? 
# 
_struct_keywords.entry_id        3E5C 
_struct_keywords.pdbx_keywords   RNA 
_struct_keywords.text            'SAM riboswitch SMK SAM-III translation regulation SD, RNA' 
# 
loop_
_struct_asym.id 
_struct_asym.pdbx_blank_PDB_chainid_flag 
_struct_asym.pdbx_modified 
_struct_asym.entity_id 
_struct_asym.details 
A N N 1 ? 
B N N 2 ? 
C N N 2 ? 
D N N 2 ? 
E N N 2 ? 
F N N 2 ? 
G N N 2 ? 
H N N 2 ? 
I N N 2 ? 
J N N 2 ? 
K N N 2 ? 
L N N 2 ? 
M N N 2 ? 
N N N 2 ? 
O N N 2 ? 
P N N 2 ? 
Q N N 3 ? 
R N N 4 ? 
# 
_struct_ref.id                         1 
_struct_ref.db_name                    PDB 
_struct_ref.db_code                    3E5C 
_struct_ref.pdbx_db_accession          3E5C 
_struct_ref.entity_id                  1 
_struct_ref.pdbx_align_begin           1 
_struct_ref.pdbx_seq_one_letter_code   GUUCCCGAAAGGAUGGCGGAAACGCCAGAUGCCUUGUAACCGAAAGGGGGAAU 
_struct_ref.pdbx_db_isoform            ? 
# 
_struct_ref_seq.align_id                      1 
_struct_ref_seq.ref_id                        1 
_struct_ref_seq.pdbx_PDB_id_code              3E5C 
_struct_ref_seq.pdbx_strand_id                A 
_struct_ref_seq.seq_align_beg                 1 
_struct_ref_seq.pdbx_seq_align_beg_ins_code   ? 
_struct_ref_seq.seq_align_end                 53 
_struct_ref_seq.pdbx_seq_align_end_ins_code   ? 
_struct_ref_seq.pdbx_db_accession             3E5C 
_struct_ref_seq.db_align_beg                  1 
_struct_ref_seq.pdbx_db_align_beg_ins_code    ? 
_struct_ref_seq.db_align_end                  53 
_struct_ref_seq.pdbx_db_align_end_ins_code    ? 
_struct_ref_seq.pdbx_auth_seq_align_beg       1 
_struct_ref_seq.pdbx_auth_seq_align_end       53 
# 
_pdbx_struct_assembly.id                   1 
_pdbx_struct_assembly.details              author_and_software_defined_assembly 
_pdbx_struct_assembly.method_details       PISA 
_pdbx_struct_assembly.oligomeric_details   monomeric 
_pdbx_struct_assembly.oligomeric_count     1 
# 
_pdbx_struct_assembly_gen.assembly_id       1 
_pdbx_struct_assembly_gen.oper_expression   1 
_pdbx_struct_assembly_gen.asym_id_list      A,B,C,D,E,F,G,H,I,J,K,L,M,N,O,P,Q,R 
# 
_pdbx_struct_oper_list.id                   1 
_pdbx_struct_oper_list.type                 'identity operation' 
_pdbx_struct_oper_list.name                 1_555 
_pdbx_struct_oper_list.symmetry_operation   x,y,z 
_pdbx_struct_oper_list.matrix[1][1]         1.0000000000 
_pdbx_struct_oper_list.matrix[1][2]         0.0000000000 
_pdbx_struct_oper_list.matrix[1][3]         0.0000000000 
_pdbx_struct_oper_list.vector[1]            0.0000000000 
_pdbx_struct_oper_list.matrix[2][1]         0.0000000000 
_pdbx_struct_oper_list.matrix[2][2]         1.0000000000 
_pdbx_struct_oper_list.matrix[2][3]         0.0000000000 
_pdbx_struct_oper_list.vector[2]            0.0000000000 
_pdbx_struct_oper_list.matrix[3][1]         0.0000000000 
_pdbx_struct_oper_list.matrix[3][2]         0.0000000000 
_pdbx_struct_oper_list.matrix[3][3]         1.0000000000 
_pdbx_struct_oper_list.vector[3]            0.0000000000 
# 
_struct_biol.id        1 
_struct_biol.details   ? 
# 
loop_
_struct_conn.id 
_struct_conn.conn_type_id 
_struct_conn.pdbx_leaving_atom_flag 
_struct_conn.pdbx_PDB_id 
_struct_conn.ptnr1_label_asym_id 
_struct_conn.ptnr1_label_comp_id 
_struct_conn.ptnr1_label_seq_id 
_struct_conn.ptnr1_label_atom_id 
_struct_conn.pdbx_ptnr1_label_alt_id 
_struct_conn.pdbx_ptnr1_PDB_ins_code 
_struct_conn.pdbx_ptnr1_standard_comp_id 
_struct_conn.ptnr1_symmetry 
_struct_conn.ptnr2_label_asym_id 
_struct_conn.ptnr2_label_comp_id 
_struct_conn.ptnr2_label_seq_id 
_struct_conn.ptnr2_label_atom_id 
_struct_conn.pdbx_ptnr2_label_alt_id 
_struct_conn.pdbx_ptnr2_PDB_ins_code 
_struct_conn.ptnr1_auth_asym_id 
_struct_conn.ptnr1_auth_comp_id 
_struct_conn.ptnr1_auth_seq_id 
_struct_conn.ptnr2_auth_asym_id 
_struct_conn.ptnr2_auth_comp_id 
_struct_conn.ptnr2_auth_seq_id 
_struct_conn.ptnr2_symmetry 
_struct_conn.pdbx_ptnr3_label_atom_id 
_struct_conn.pdbx_ptnr3_label_seq_id 
_struct_conn.pdbx_ptnr3_label_comp_id 
_struct_conn.pdbx_ptnr3_label_asym_id 
_struct_conn.pdbx_ptnr3_label_alt_id 
_struct_conn.pdbx_ptnr3_PDB_ins_code 
_struct_conn.details 
_struct_conn.pdbx_dist_value 
_struct_conn.pdbx_value_order 
_struct_conn.pdbx_role 
covale1  covale both ? A GTP 1  "O3'" ? ? ? 1_555 A U   2  P  ? ? A GTP 1   A U   2   1_555 ? ? ? ? ? ? ?             1.700 ? ? 
metalc1  metalc ?    ? A GTP 1  O2A   ? ? ? 1_555 M SR  .  SR ? ? A GTP 1   A SR  212 1_555 ? ? ? ? ? ? ?             2.648 ? ? 
metalc2  metalc ?    ? A C   6  OP2   ? ? ? 1_555 H SR  .  SR ? ? A C   6   A SR  207 1_555 ? ? ? ? ? ? ?             2.556 ? ? 
metalc3  metalc ?    ? A U   14 O4    ? ? ? 1_555 N SR  .  SR ? ? A U   14  A SR  213 1_555 ? ? ? ? ? ? ?             2.533 ? ? 
metalc4  metalc ?    ? A A   38 OP2   ? ? ? 1_555 P SR  .  SR ? ? A A   38  A SR  215 1_555 ? ? ? ? ? ? ?             2.411 ? ? 
metalc5  metalc ?    ? H SR  .  SR    ? ? ? 1_555 R HOH .  O  ? ? A SR  207 A HOH 282 1_555 ? ? ? ? ? ? ?             2.554 ? ? 
metalc6  metalc ?    ? I SR  .  SR    ? ? ? 1_555 R HOH .  O  ? ? A SR  208 A HOH 224 1_555 ? ? ? ? ? ? ?             2.411 ? ? 
hydrog1  hydrog ?    ? A GTP 1  N1    ? ? ? 1_555 A U   53 O2 ? ? A GTP 1   A U   53  1_555 ? ? ? ? ? ? TYPE_28_PAIR  ?     ? ? 
hydrog2  hydrog ?    ? A GTP 1  O6    ? ? ? 1_555 A U   53 N3 ? ? A GTP 1   A U   53  1_555 ? ? ? ? ? ? TYPE_28_PAIR  ?     ? ? 
hydrog3  hydrog ?    ? A U   2  N3    ? ? ? 1_555 A A   52 N1 ? ? A U   2   A A   52  1_555 ? ? ? ? ? ? WATSON-CRICK  ?     ? ? 
hydrog4  hydrog ?    ? A U   2  O4    ? ? ? 1_555 A A   52 N6 ? ? A U   2   A A   52  1_555 ? ? ? ? ? ? WATSON-CRICK  ?     ? ? 
hydrog5  hydrog ?    ? A U   3  N3    ? ? ? 1_555 A A   51 N1 ? ? A U   3   A A   51  1_555 ? ? ? ? ? ? WATSON-CRICK  ?     ? ? 
hydrog6  hydrog ?    ? A U   3  O4    ? ? ? 1_555 A A   51 N6 ? ? A U   3   A A   51  1_555 ? ? ? ? ? ? WATSON-CRICK  ?     ? ? 
hydrog7  hydrog ?    ? A C   4  N3    ? ? ? 1_555 A G   50 N1 ? ? A C   4   A G   50  1_555 ? ? ? ? ? ? WATSON-CRICK  ?     ? ? 
hydrog8  hydrog ?    ? A C   4  N4    ? ? ? 1_555 A G   50 O6 ? ? A C   4   A G   50  1_555 ? ? ? ? ? ? WATSON-CRICK  ?     ? ? 
hydrog9  hydrog ?    ? A C   4  O2    ? ? ? 1_555 A G   50 N2 ? ? A C   4   A G   50  1_555 ? ? ? ? ? ? WATSON-CRICK  ?     ? ? 
hydrog10 hydrog ?    ? A C   5  N3    ? ? ? 1_555 A G   49 N1 ? ? A C   5   A G   49  1_555 ? ? ? ? ? ? WATSON-CRICK  ?     ? ? 
hydrog11 hydrog ?    ? A C   5  N4    ? ? ? 1_555 A G   49 O6 ? ? A C   5   A G   49  1_555 ? ? ? ? ? ? WATSON-CRICK  ?     ? ? 
hydrog12 hydrog ?    ? A C   5  O2    ? ? ? 1_555 A G   49 N2 ? ? A C   5   A G   49  1_555 ? ? ? ? ? ? WATSON-CRICK  ?     ? ? 
hydrog13 hydrog ?    ? A C   6  N3    ? ? ? 1_555 A G   48 N1 ? ? A C   6   A G   48  1_555 ? ? ? ? ? ? WATSON-CRICK  ?     ? ? 
hydrog14 hydrog ?    ? A C   6  N4    ? ? ? 1_555 A G   48 O6 ? ? A C   6   A G   48  1_555 ? ? ? ? ? ? WATSON-CRICK  ?     ? ? 
hydrog15 hydrog ?    ? A C   6  O2    ? ? ? 1_555 A G   48 N2 ? ? A C   6   A G   48  1_555 ? ? ? ? ? ? WATSON-CRICK  ?     ? ? 
hydrog16 hydrog ?    ? A A   8  N6    ? ? ? 1_555 A G   36 N3 ? ? A A   8   A G   36  1_555 ? ? ? ? ? ? TYPE_11_PAIR  ?     ? ? 
hydrog17 hydrog ?    ? A A   8  N7    ? ? ? 1_555 A G   36 N2 ? ? A A   8   A G   36  1_555 ? ? ? ? ? ? TYPE_11_PAIR  ?     ? ? 
hydrog18 hydrog ?    ? A A   9  N1    ? ? ? 1_555 A U   35 N3 ? ? A A   9   A U   35  1_555 ? ? ? ? ? ? WATSON-CRICK  ?     ? ? 
hydrog19 hydrog ?    ? A A   9  N6    ? ? ? 1_555 A U   35 O4 ? ? A A   9   A U   35  1_555 ? ? ? ? ? ? WATSON-CRICK  ?     ? ? 
hydrog20 hydrog ?    ? A A   10 N1    ? ? ? 1_555 A U   34 N3 ? ? A A   10  A U   34  1_555 ? ? ? ? ? ? WATSON-CRICK  ?     ? ? 
hydrog21 hydrog ?    ? A A   10 N6    ? ? ? 1_555 A U   34 O4 ? ? A A   10  A U   34  1_555 ? ? ? ? ? ? WATSON-CRICK  ?     ? ? 
hydrog22 hydrog ?    ? A G   11 N1    ? ? ? 1_555 A C   33 N3 ? ? A G   11  A C   33  1_555 ? ? ? ? ? ? WATSON-CRICK  ?     ? ? 
hydrog23 hydrog ?    ? A G   11 N2    ? ? ? 1_555 A C   33 O2 ? ? A G   11  A C   33  1_555 ? ? ? ? ? ? WATSON-CRICK  ?     ? ? 
hydrog24 hydrog ?    ? A G   11 O6    ? ? ? 1_555 A C   33 N4 ? ? A G   11  A C   33  1_555 ? ? ? ? ? ? WATSON-CRICK  ?     ? ? 
hydrog25 hydrog ?    ? A G   12 N1    ? ? ? 1_555 A C   32 N3 ? ? A G   12  A C   32  1_555 ? ? ? ? ? ? WATSON-CRICK  ?     ? ? 
hydrog26 hydrog ?    ? A G   12 N2    ? ? ? 1_555 A C   32 O2 ? ? A G   12  A C   32  1_555 ? ? ? ? ? ? WATSON-CRICK  ?     ? ? 
hydrog27 hydrog ?    ? A G   12 O6    ? ? ? 1_555 A C   32 N4 ? ? A G   12  A C   32  1_555 ? ? ? ? ? ? WATSON-CRICK  ?     ? ? 
hydrog28 hydrog ?    ? A A   13 N1    ? ? ? 1_555 A G   28 N1 ? ? A A   13  A G   28  1_555 ? ? ? ? ? ? TYPE_8_PAIR   ?     ? ? 
hydrog29 hydrog ?    ? A A   13 N6    ? ? ? 1_555 A G   28 O6 ? ? A A   13  A G   28  1_555 ? ? ? ? ? ? TYPE_8_PAIR   ?     ? ? 
hydrog30 hydrog ?    ? A U   14 N3    ? ? ? 1_555 A A   27 N1 ? ? A U   14  A A   27  1_555 ? ? ? ? ? ? WATSON-CRICK  ?     ? ? 
hydrog31 hydrog ?    ? A U   14 O4    ? ? ? 1_555 A A   27 N6 ? ? A U   14  A A   27  1_555 ? ? ? ? ? ? WATSON-CRICK  ?     ? ? 
hydrog32 hydrog ?    ? A G   15 N1    ? ? ? 1_555 A C   26 N3 ? ? A G   15  A C   26  1_555 ? ? ? ? ? ? WATSON-CRICK  ?     ? ? 
hydrog33 hydrog ?    ? A G   15 N2    ? ? ? 1_555 A C   26 O2 ? ? A G   15  A C   26  1_555 ? ? ? ? ? ? WATSON-CRICK  ?     ? ? 
hydrog34 hydrog ?    ? A G   15 O6    ? ? ? 1_555 A C   26 N4 ? ? A G   15  A C   26  1_555 ? ? ? ? ? ? WATSON-CRICK  ?     ? ? 
hydrog35 hydrog ?    ? A G   16 N1    ? ? ? 1_555 A C   25 N3 ? ? A G   16  A C   25  1_555 ? ? ? ? ? ? WATSON-CRICK  ?     ? ? 
hydrog36 hydrog ?    ? A G   16 N2    ? ? ? 1_555 A C   25 O2 ? ? A G   16  A C   25  1_555 ? ? ? ? ? ? WATSON-CRICK  ?     ? ? 
hydrog37 hydrog ?    ? A G   16 O6    ? ? ? 1_555 A C   25 N4 ? ? A G   16  A C   25  1_555 ? ? ? ? ? ? WATSON-CRICK  ?     ? ? 
hydrog38 hydrog ?    ? A C   17 N3    ? ? ? 1_555 A G   24 N1 ? ? A C   17  A G   24  1_555 ? ? ? ? ? ? WATSON-CRICK  ?     ? ? 
hydrog39 hydrog ?    ? A C   17 N4    ? ? ? 1_555 A G   24 O6 ? ? A C   17  A G   24  1_555 ? ? ? ? ? ? WATSON-CRICK  ?     ? ? 
hydrog40 hydrog ?    ? A C   17 O2    ? ? ? 1_555 A G   24 N2 ? ? A C   17  A G   24  1_555 ? ? ? ? ? ? WATSON-CRICK  ?     ? ? 
hydrog41 hydrog ?    ? A G   18 N1    ? ? ? 1_555 A C   23 N3 ? ? A G   18  A C   23  1_555 ? ? ? ? ? ? WATSON-CRICK  ?     ? ? 
hydrog42 hydrog ?    ? A G   18 N2    ? ? ? 1_555 A C   23 O2 ? ? A G   18  A C   23  1_555 ? ? ? ? ? ? WATSON-CRICK  ?     ? ? 
hydrog43 hydrog ?    ? A G   18 O6    ? ? ? 1_555 A C   23 N4 ? ? A G   18  A C   23  1_555 ? ? ? ? ? ? WATSON-CRICK  ?     ? ? 
hydrog44 hydrog ?    ? A G   19 N2    ? ? ? 1_555 A A   22 N7 ? ? A G   19  A A   22  1_555 ? ? ? ? ? ? 'G-A MISPAIR' ?     ? ? 
hydrog45 hydrog ?    ? A G   31 N7    ? ? ? 1_555 A G   36 N1 ? ? A G   31  A G   36  1_555 ? ? ? ? ? ? TYPE_7_PAIR   ?     ? ? 
hydrog46 hydrog ?    ? A G   31 O6    ? ? ? 1_555 A G   36 N2 ? ? A G   31  A G   36  1_555 ? ? ? ? ? ? TYPE_7_PAIR   ?     ? ? 
hydrog47 hydrog ?    ? A A   38 N1    ? ? ? 1_555 A G   48 N2 ? ? A A   38  A G   48  1_555 ? ? ? ? ? ? TYPE_10_PAIR  ?     ? ? 
hydrog48 hydrog ?    ? A A   38 N6    ? ? ? 1_555 A G   48 N3 ? ? A A   38  A G   48  1_555 ? ? ? ? ? ? TYPE_10_PAIR  ?     ? ? 
hydrog49 hydrog ?    ? A C   40 N3    ? ? ? 1_555 A G   47 N1 ? ? A C   40  A G   47  1_555 ? ? ? ? ? ? WATSON-CRICK  ?     ? ? 
hydrog50 hydrog ?    ? A C   40 N4    ? ? ? 1_555 A G   47 O6 ? ? A C   40  A G   47  1_555 ? ? ? ? ? ? WATSON-CRICK  ?     ? ? 
hydrog51 hydrog ?    ? A C   40 O2    ? ? ? 1_555 A G   47 N2 ? ? A C   40  A G   47  1_555 ? ? ? ? ? ? WATSON-CRICK  ?     ? ? 
hydrog52 hydrog ?    ? A C   41 N3    ? ? ? 1_555 A G   46 N1 ? ? A C   41  A G   46  1_555 ? ? ? ? ? ? WATSON-CRICK  ?     ? ? 
hydrog53 hydrog ?    ? A C   41 N4    ? ? ? 1_555 A G   46 O6 ? ? A C   41  A G   46  1_555 ? ? ? ? ? ? WATSON-CRICK  ?     ? ? 
hydrog54 hydrog ?    ? A C   41 O2    ? ? ? 1_555 A G   46 N2 ? ? A C   41  A G   46  1_555 ? ? ? ? ? ? WATSON-CRICK  ?     ? ? 
hydrog55 hydrog ?    ? A G   42 N2    ? ? ? 1_555 A A   45 N7 ? ? A G   42  A A   45  1_555 ? ? ? ? ? ? 'G-A MISPAIR' ?     ? ? 
# 
loop_
_struct_conn_type.id 
_struct_conn_type.criteria 
_struct_conn_type.reference 
covale ? ? 
metalc ? ? 
hydrog ? ? 
# 
_pdbx_struct_conn_angle.id                    1 
_pdbx_struct_conn_angle.ptnr1_label_atom_id   OP2 
_pdbx_struct_conn_angle.ptnr1_label_alt_id    ? 
_pdbx_struct_conn_angle.ptnr1_label_asym_id   A 
_pdbx_struct_conn_angle.ptnr1_label_comp_id   C 
_pdbx_struct_conn_angle.ptnr1_label_seq_id    6 
_pdbx_struct_conn_angle.ptnr1_auth_atom_id    ? 
_pdbx_struct_conn_angle.ptnr1_auth_asym_id    A 
_pdbx_struct_conn_angle.ptnr1_auth_comp_id    C 
_pdbx_struct_conn_angle.ptnr1_auth_seq_id     6 
_pdbx_struct_conn_angle.ptnr1_PDB_ins_code    ? 
_pdbx_struct_conn_angle.ptnr1_symmetry        1_555 
_pdbx_struct_conn_angle.ptnr2_label_atom_id   SR 
_pdbx_struct_conn_angle.ptnr2_label_alt_id    ? 
_pdbx_struct_conn_angle.ptnr2_label_asym_id   H 
_pdbx_struct_conn_angle.ptnr2_label_comp_id   SR 
_pdbx_struct_conn_angle.ptnr2_label_seq_id    . 
_pdbx_struct_conn_angle.ptnr2_auth_atom_id    ? 
_pdbx_struct_conn_angle.ptnr2_auth_asym_id    A 
_pdbx_struct_conn_angle.ptnr2_auth_comp_id    SR 
_pdbx_struct_conn_angle.ptnr2_auth_seq_id     207 
_pdbx_struct_conn_angle.ptnr2_PDB_ins_code    ? 
_pdbx_struct_conn_angle.ptnr2_symmetry        1_555 
_pdbx_struct_conn_angle.ptnr3_label_atom_id   O 
_pdbx_struct_conn_angle.ptnr3_label_alt_id    ? 
_pdbx_struct_conn_angle.ptnr3_label_asym_id   R 
_pdbx_struct_conn_angle.ptnr3_label_comp_id   HOH 
_pdbx_struct_conn_angle.ptnr3_label_seq_id    . 
_pdbx_struct_conn_angle.ptnr3_auth_atom_id    ? 
_pdbx_struct_conn_angle.ptnr3_auth_asym_id    A 
_pdbx_struct_conn_angle.ptnr3_auth_comp_id    HOH 
_pdbx_struct_conn_angle.ptnr3_auth_seq_id     282 
_pdbx_struct_conn_angle.ptnr3_PDB_ins_code    ? 
_pdbx_struct_conn_angle.ptnr3_symmetry        1_555 
_pdbx_struct_conn_angle.value                 150.6 
_pdbx_struct_conn_angle.value_esd             ? 
# 
loop_
_struct_site.id 
_struct_site.pdbx_evidence_code 
_struct_site.pdbx_auth_asym_id 
_struct_site.pdbx_auth_comp_id 
_struct_site.pdbx_auth_seq_id 
_struct_site.pdbx_auth_ins_code 
_struct_site.pdbx_num_residues 
_struct_site.details 
AC1 Software A SR  204 ? 1 'BINDING SITE FOR RESIDUE SR A 204'  
AC3 Software A SR  207 ? 2 'BINDING SITE FOR RESIDUE SR A 207'  
AC4 Software A SR  208 ? 1 'BINDING SITE FOR RESIDUE SR A 208'  
AC7 Software A SAM 216 ? 2 'BINDING SITE FOR RESIDUE SAM A 216' 
# 
loop_
_struct_site_gen.id 
_struct_site_gen.site_id 
_struct_site_gen.pdbx_num_res 
_struct_site_gen.label_comp_id 
_struct_site_gen.label_asym_id 
_struct_site_gen.label_seq_id 
_struct_site_gen.pdbx_auth_ins_code 
_struct_site_gen.auth_comp_id 
_struct_site_gen.auth_asym_id 
_struct_site_gen.auth_seq_id 
_struct_site_gen.label_atom_id 
_struct_site_gen.label_alt_id 
_struct_site_gen.symmetry 
_struct_site_gen.details 
1 AC1 1 HOH R . ? HOH A 223 . ? 1_555 ? 
2 AC3 2 HOH R . ? HOH A 219 . ? 1_555 ? 
3 AC3 2 HOH R . ? HOH A 282 . ? 1_555 ? 
4 AC4 1 HOH R . ? HOH A 224 . ? 1_555 ? 
5 AC7 2 HOH R . ? HOH A 239 . ? 1_555 ? 
6 AC7 2 HOH R . ? HOH A 273 . ? 1_555 ? 
# 
loop_
_pdbx_validate_close_contact.id 
_pdbx_validate_close_contact.PDB_model_num 
_pdbx_validate_close_contact.auth_atom_id_1 
_pdbx_validate_close_contact.auth_asym_id_1 
_pdbx_validate_close_contact.auth_comp_id_1 
_pdbx_validate_close_contact.auth_seq_id_1 
_pdbx_validate_close_contact.PDB_ins_code_1 
_pdbx_validate_close_contact.label_alt_id_1 
_pdbx_validate_close_contact.auth_atom_id_2 
_pdbx_validate_close_contact.auth_asym_id_2 
_pdbx_validate_close_contact.auth_comp_id_2 
_pdbx_validate_close_contact.auth_seq_id_2 
_pdbx_validate_close_contact.PDB_ins_code_2 
_pdbx_validate_close_contact.label_alt_id_2 
_pdbx_validate_close_contact.dist 
1 1 O1B A GTP 1 ? ? O A HOH 284 ? ? 1.98 
2 1 O2A A GTP 1 ? ? O A HOH 275 ? ? 2.17 
# 
_pdbx_validate_rmsd_bond.id                        1 
_pdbx_validate_rmsd_bond.PDB_model_num             1 
_pdbx_validate_rmsd_bond.auth_atom_id_1            "O3'" 
_pdbx_validate_rmsd_bond.auth_asym_id_1            A 
_pdbx_validate_rmsd_bond.auth_comp_id_1            GTP 
_pdbx_validate_rmsd_bond.auth_seq_id_1             1 
_pdbx_validate_rmsd_bond.PDB_ins_code_1            ? 
_pdbx_validate_rmsd_bond.label_alt_id_1            ? 
_pdbx_validate_rmsd_bond.auth_atom_id_2            P 
_pdbx_validate_rmsd_bond.auth_asym_id_2            A 
_pdbx_validate_rmsd_bond.auth_comp_id_2            U 
_pdbx_validate_rmsd_bond.auth_seq_id_2             2 
_pdbx_validate_rmsd_bond.PDB_ins_code_2            ? 
_pdbx_validate_rmsd_bond.label_alt_id_2            ? 
_pdbx_validate_rmsd_bond.bond_value                1.700 
_pdbx_validate_rmsd_bond.bond_target_value         1.607 
_pdbx_validate_rmsd_bond.bond_deviation            0.093 
_pdbx_validate_rmsd_bond.bond_standard_deviation   0.012 
_pdbx_validate_rmsd_bond.linker_flag               Y 
# 
loop_
_pdbx_validate_rmsd_angle.id 
_pdbx_validate_rmsd_angle.PDB_model_num 
_pdbx_validate_rmsd_angle.auth_atom_id_1 
_pdbx_validate_rmsd_angle.auth_asym_id_1 
_pdbx_validate_rmsd_angle.auth_comp_id_1 
_pdbx_validate_rmsd_angle.auth_seq_id_1 
_pdbx_validate_rmsd_angle.PDB_ins_code_1 
_pdbx_validate_rmsd_angle.label_alt_id_1 
_pdbx_validate_rmsd_angle.auth_atom_id_2 
_pdbx_validate_rmsd_angle.auth_asym_id_2 
_pdbx_validate_rmsd_angle.auth_comp_id_2 
_pdbx_validate_rmsd_angle.auth_seq_id_2 
_pdbx_validate_rmsd_angle.PDB_ins_code_2 
_pdbx_validate_rmsd_angle.label_alt_id_2 
_pdbx_validate_rmsd_angle.auth_atom_id_3 
_pdbx_validate_rmsd_angle.auth_asym_id_3 
_pdbx_validate_rmsd_angle.auth_comp_id_3 
_pdbx_validate_rmsd_angle.auth_seq_id_3 
_pdbx_validate_rmsd_angle.PDB_ins_code_3 
_pdbx_validate_rmsd_angle.label_alt_id_3 
_pdbx_validate_rmsd_angle.angle_value 
_pdbx_validate_rmsd_angle.angle_target_value 
_pdbx_validate_rmsd_angle.angle_deviation 
_pdbx_validate_rmsd_angle.angle_standard_deviation 
_pdbx_validate_rmsd_angle.linker_flag 
1 1 "O4'" A C 4  ? ? "C1'" A C 4  ? ? N1 A C 4  ? ? 112.99 108.50 4.49 0.70 N 
2 1 "C3'" A G 28 ? ? "O3'" A G 28 ? ? P  A A 29 ? ? 128.49 119.70 8.79 1.20 Y 
3 1 "O4'" A G 36 ? ? "C1'" A G 36 ? ? N9 A G 36 ? ? 114.90 108.50 6.40 0.70 N 
4 1 "O4'" A G 48 ? ? "C1'" A G 48 ? ? N9 A G 48 ? ? 112.89 108.50 4.39 0.70 N 
# 
_pdbx_struct_mod_residue.id               1 
_pdbx_struct_mod_residue.label_asym_id    A 
_pdbx_struct_mod_residue.label_comp_id    GTP 
_pdbx_struct_mod_residue.label_seq_id     1 
_pdbx_struct_mod_residue.auth_asym_id     A 
_pdbx_struct_mod_residue.auth_comp_id     GTP 
_pdbx_struct_mod_residue.auth_seq_id      1 
_pdbx_struct_mod_residue.PDB_ins_code     ? 
_pdbx_struct_mod_residue.parent_comp_id   G 
_pdbx_struct_mod_residue.details          "GUANOSINE-5'-TRIPHOSPHATE" 
# 
loop_
_chem_comp_atom.comp_id 
_chem_comp_atom.atom_id 
_chem_comp_atom.type_symbol 
_chem_comp_atom.pdbx_aromatic_flag 
_chem_comp_atom.pdbx_stereo_config 
_chem_comp_atom.pdbx_ordinal 
A   OP3    O  N N 1   
A   P      P  N N 2   
A   OP1    O  N N 3   
A   OP2    O  N N 4   
A   "O5'"  O  N N 5   
A   "C5'"  C  N N 6   
A   "C4'"  C  N R 7   
A   "O4'"  O  N N 8   
A   "C3'"  C  N S 9   
A   "O3'"  O  N N 10  
A   "C2'"  C  N R 11  
A   "O2'"  O  N N 12  
A   "C1'"  C  N R 13  
A   N9     N  Y N 14  
A   C8     C  Y N 15  
A   N7     N  Y N 16  
A   C5     C  Y N 17  
A   C6     C  Y N 18  
A   N6     N  N N 19  
A   N1     N  Y N 20  
A   C2     C  Y N 21  
A   N3     N  Y N 22  
A   C4     C  Y N 23  
A   HOP3   H  N N 24  
A   HOP2   H  N N 25  
A   "H5'"  H  N N 26  
A   "H5''" H  N N 27  
A   "H4'"  H  N N 28  
A   "H3'"  H  N N 29  
A   "HO3'" H  N N 30  
A   "H2'"  H  N N 31  
A   "HO2'" H  N N 32  
A   "H1'"  H  N N 33  
A   H8     H  N N 34  
A   H61    H  N N 35  
A   H62    H  N N 36  
A   H2     H  N N 37  
C   OP3    O  N N 38  
C   P      P  N N 39  
C   OP1    O  N N 40  
C   OP2    O  N N 41  
C   "O5'"  O  N N 42  
C   "C5'"  C  N N 43  
C   "C4'"  C  N R 44  
C   "O4'"  O  N N 45  
C   "C3'"  C  N S 46  
C   "O3'"  O  N N 47  
C   "C2'"  C  N R 48  
C   "O2'"  O  N N 49  
C   "C1'"  C  N R 50  
C   N1     N  N N 51  
C   C2     C  N N 52  
C   O2     O  N N 53  
C   N3     N  N N 54  
C   C4     C  N N 55  
C   N4     N  N N 56  
C   C5     C  N N 57  
C   C6     C  N N 58  
C   HOP3   H  N N 59  
C   HOP2   H  N N 60  
C   "H5'"  H  N N 61  
C   "H5''" H  N N 62  
C   "H4'"  H  N N 63  
C   "H3'"  H  N N 64  
C   "HO3'" H  N N 65  
C   "H2'"  H  N N 66  
C   "HO2'" H  N N 67  
C   "H1'"  H  N N 68  
C   H41    H  N N 69  
C   H42    H  N N 70  
C   H5     H  N N 71  
C   H6     H  N N 72  
G   OP3    O  N N 73  
G   P      P  N N 74  
G   OP1    O  N N 75  
G   OP2    O  N N 76  
G   "O5'"  O  N N 77  
G   "C5'"  C  N N 78  
G   "C4'"  C  N R 79  
G   "O4'"  O  N N 80  
G   "C3'"  C  N S 81  
G   "O3'"  O  N N 82  
G   "C2'"  C  N R 83  
G   "O2'"  O  N N 84  
G   "C1'"  C  N R 85  
G   N9     N  Y N 86  
G   C8     C  Y N 87  
G   N7     N  Y N 88  
G   C5     C  Y N 89  
G   C6     C  N N 90  
G   O6     O  N N 91  
G   N1     N  N N 92  
G   C2     C  N N 93  
G   N2     N  N N 94  
G   N3     N  N N 95  
G   C4     C  Y N 96  
G   HOP3   H  N N 97  
G   HOP2   H  N N 98  
G   "H5'"  H  N N 99  
G   "H5''" H  N N 100 
G   "H4'"  H  N N 101 
G   "H3'"  H  N N 102 
G   "HO3'" H  N N 103 
G   "H2'"  H  N N 104 
G   "HO2'" H  N N 105 
G   "H1'"  H  N N 106 
G   H8     H  N N 107 
G   H1     H  N N 108 
G   H21    H  N N 109 
G   H22    H  N N 110 
GTP PG     P  N N 111 
GTP O1G    O  N N 112 
GTP O2G    O  N N 113 
GTP O3G    O  N N 114 
GTP O3B    O  N N 115 
GTP PB     P  N N 116 
GTP O1B    O  N N 117 
GTP O2B    O  N N 118 
GTP O3A    O  N N 119 
GTP PA     P  N N 120 
GTP O1A    O  N N 121 
GTP O2A    O  N N 122 
GTP "O5'"  O  N N 123 
GTP "C5'"  C  N N 124 
GTP "C4'"  C  N R 125 
GTP "O4'"  O  N N 126 
GTP "C3'"  C  N S 127 
GTP "O3'"  O  N N 128 
GTP "C2'"  C  N R 129 
GTP "O2'"  O  N N 130 
GTP "C1'"  C  N R 131 
GTP N9     N  Y N 132 
GTP C8     C  Y N 133 
GTP N7     N  Y N 134 
GTP C5     C  Y N 135 
GTP C6     C  N N 136 
GTP O6     O  N N 137 
GTP N1     N  N N 138 
GTP C2     C  N N 139 
GTP N2     N  N N 140 
GTP N3     N  N N 141 
GTP C4     C  Y N 142 
GTP HOG2   H  N N 143 
GTP HOG3   H  N N 144 
GTP HOB2   H  N N 145 
GTP HOA2   H  N N 146 
GTP "H5'"  H  N N 147 
GTP "H5''" H  N N 148 
GTP "H4'"  H  N N 149 
GTP "H3'"  H  N N 150 
GTP "HO3'" H  N N 151 
GTP "H2'"  H  N N 152 
GTP "HO2'" H  N N 153 
GTP "H1'"  H  N N 154 
GTP H8     H  N N 155 
GTP HN1    H  N N 156 
GTP HN21   H  N N 157 
GTP HN22   H  N N 158 
HOH O      O  N N 159 
HOH H1     H  N N 160 
HOH H2     H  N N 161 
SAM N      N  N N 162 
SAM CA     C  N S 163 
SAM C      C  N N 164 
SAM O      O  N N 165 
SAM OXT    O  N N 166 
SAM CB     C  N N 167 
SAM CG     C  N N 168 
SAM SD     S  N S 169 
SAM CE     C  N N 170 
SAM "C5'"  C  N N 171 
SAM "C4'"  C  N S 172 
SAM "O4'"  O  N N 173 
SAM "C3'"  C  N S 174 
SAM "O3'"  O  N N 175 
SAM "C2'"  C  N R 176 
SAM "O2'"  O  N N 177 
SAM "C1'"  C  N R 178 
SAM N9     N  Y N 179 
SAM C8     C  Y N 180 
SAM N7     N  Y N 181 
SAM C5     C  Y N 182 
SAM C6     C  Y N 183 
SAM N6     N  N N 184 
SAM N1     N  Y N 185 
SAM C2     C  Y N 186 
SAM N3     N  Y N 187 
SAM C4     C  Y N 188 
SAM HN1    H  N N 189 
SAM HN2    H  N N 190 
SAM HA     H  N N 191 
SAM HB1    H  N N 192 
SAM HB2    H  N N 193 
SAM HG1    H  N N 194 
SAM HG2    H  N N 195 
SAM HE1    H  N N 196 
SAM HE2    H  N N 197 
SAM HE3    H  N N 198 
SAM "H5'1" H  N N 199 
SAM "H5'2" H  N N 200 
SAM "H4'"  H  N N 201 
SAM "H3'"  H  N N 202 
SAM "HO3'" H  N N 203 
SAM "H2'"  H  N N 204 
SAM "HO2'" H  N N 205 
SAM "H1'"  H  N N 206 
SAM H8     H  N N 207 
SAM HN61   H  N N 208 
SAM HN62   H  N N 209 
SAM H2     H  N N 210 
SR  SR     SR N N 211 
U   OP3    O  N N 212 
U   P      P  N N 213 
U   OP1    O  N N 214 
U   OP2    O  N N 215 
U   "O5'"  O  N N 216 
U   "C5'"  C  N N 217 
U   "C4'"  C  N R 218 
U   "O4'"  O  N N 219 
U   "C3'"  C  N S 220 
U   "O3'"  O  N N 221 
U   "C2'"  C  N R 222 
U   "O2'"  O  N N 223 
U   "C1'"  C  N R 224 
U   N1     N  N N 225 
U   C2     C  N N 226 
U   O2     O  N N 227 
U   N3     N  N N 228 
U   C4     C  N N 229 
U   O4     O  N N 230 
U   C5     C  N N 231 
U   C6     C  N N 232 
U   HOP3   H  N N 233 
U   HOP2   H  N N 234 
U   "H5'"  H  N N 235 
U   "H5''" H  N N 236 
U   "H4'"  H  N N 237 
U   "H3'"  H  N N 238 
U   "HO3'" H  N N 239 
U   "H2'"  H  N N 240 
U   "HO2'" H  N N 241 
U   "H1'"  H  N N 242 
U   H3     H  N N 243 
U   H5     H  N N 244 
U   H6     H  N N 245 
# 
loop_
_chem_comp_bond.comp_id 
_chem_comp_bond.atom_id_1 
_chem_comp_bond.atom_id_2 
_chem_comp_bond.value_order 
_chem_comp_bond.pdbx_aromatic_flag 
_chem_comp_bond.pdbx_stereo_config 
_chem_comp_bond.pdbx_ordinal 
A   OP3   P      sing N N 1   
A   OP3   HOP3   sing N N 2   
A   P     OP1    doub N N 3   
A   P     OP2    sing N N 4   
A   P     "O5'"  sing N N 5   
A   OP2   HOP2   sing N N 6   
A   "O5'" "C5'"  sing N N 7   
A   "C5'" "C4'"  sing N N 8   
A   "C5'" "H5'"  sing N N 9   
A   "C5'" "H5''" sing N N 10  
A   "C4'" "O4'"  sing N N 11  
A   "C4'" "C3'"  sing N N 12  
A   "C4'" "H4'"  sing N N 13  
A   "O4'" "C1'"  sing N N 14  
A   "C3'" "O3'"  sing N N 15  
A   "C3'" "C2'"  sing N N 16  
A   "C3'" "H3'"  sing N N 17  
A   "O3'" "HO3'" sing N N 18  
A   "C2'" "O2'"  sing N N 19  
A   "C2'" "C1'"  sing N N 20  
A   "C2'" "H2'"  sing N N 21  
A   "O2'" "HO2'" sing N N 22  
A   "C1'" N9     sing N N 23  
A   "C1'" "H1'"  sing N N 24  
A   N9    C8     sing Y N 25  
A   N9    C4     sing Y N 26  
A   C8    N7     doub Y N 27  
A   C8    H8     sing N N 28  
A   N7    C5     sing Y N 29  
A   C5    C6     sing Y N 30  
A   C5    C4     doub Y N 31  
A   C6    N6     sing N N 32  
A   C6    N1     doub Y N 33  
A   N6    H61    sing N N 34  
A   N6    H62    sing N N 35  
A   N1    C2     sing Y N 36  
A   C2    N3     doub Y N 37  
A   C2    H2     sing N N 38  
A   N3    C4     sing Y N 39  
C   OP3   P      sing N N 40  
C   OP3   HOP3   sing N N 41  
C   P     OP1    doub N N 42  
C   P     OP2    sing N N 43  
C   P     "O5'"  sing N N 44  
C   OP2   HOP2   sing N N 45  
C   "O5'" "C5'"  sing N N 46  
C   "C5'" "C4'"  sing N N 47  
C   "C5'" "H5'"  sing N N 48  
C   "C5'" "H5''" sing N N 49  
C   "C4'" "O4'"  sing N N 50  
C   "C4'" "C3'"  sing N N 51  
C   "C4'" "H4'"  sing N N 52  
C   "O4'" "C1'"  sing N N 53  
C   "C3'" "O3'"  sing N N 54  
C   "C3'" "C2'"  sing N N 55  
C   "C3'" "H3'"  sing N N 56  
C   "O3'" "HO3'" sing N N 57  
C   "C2'" "O2'"  sing N N 58  
C   "C2'" "C1'"  sing N N 59  
C   "C2'" "H2'"  sing N N 60  
C   "O2'" "HO2'" sing N N 61  
C   "C1'" N1     sing N N 62  
C   "C1'" "H1'"  sing N N 63  
C   N1    C2     sing N N 64  
C   N1    C6     sing N N 65  
C   C2    O2     doub N N 66  
C   C2    N3     sing N N 67  
C   N3    C4     doub N N 68  
C   C4    N4     sing N N 69  
C   C4    C5     sing N N 70  
C   N4    H41    sing N N 71  
C   N4    H42    sing N N 72  
C   C5    C6     doub N N 73  
C   C5    H5     sing N N 74  
C   C6    H6     sing N N 75  
G   OP3   P      sing N N 76  
G   OP3   HOP3   sing N N 77  
G   P     OP1    doub N N 78  
G   P     OP2    sing N N 79  
G   P     "O5'"  sing N N 80  
G   OP2   HOP2   sing N N 81  
G   "O5'" "C5'"  sing N N 82  
G   "C5'" "C4'"  sing N N 83  
G   "C5'" "H5'"  sing N N 84  
G   "C5'" "H5''" sing N N 85  
G   "C4'" "O4'"  sing N N 86  
G   "C4'" "C3'"  sing N N 87  
G   "C4'" "H4'"  sing N N 88  
G   "O4'" "C1'"  sing N N 89  
G   "C3'" "O3'"  sing N N 90  
G   "C3'" "C2'"  sing N N 91  
G   "C3'" "H3'"  sing N N 92  
G   "O3'" "HO3'" sing N N 93  
G   "C2'" "O2'"  sing N N 94  
G   "C2'" "C1'"  sing N N 95  
G   "C2'" "H2'"  sing N N 96  
G   "O2'" "HO2'" sing N N 97  
G   "C1'" N9     sing N N 98  
G   "C1'" "H1'"  sing N N 99  
G   N9    C8     sing Y N 100 
G   N9    C4     sing Y N 101 
G   C8    N7     doub Y N 102 
G   C8    H8     sing N N 103 
G   N7    C5     sing Y N 104 
G   C5    C6     sing N N 105 
G   C5    C4     doub Y N 106 
G   C6    O6     doub N N 107 
G   C6    N1     sing N N 108 
G   N1    C2     sing N N 109 
G   N1    H1     sing N N 110 
G   C2    N2     sing N N 111 
G   C2    N3     doub N N 112 
G   N2    H21    sing N N 113 
G   N2    H22    sing N N 114 
G   N3    C4     sing N N 115 
GTP PG    O1G    doub N N 116 
GTP PG    O2G    sing N N 117 
GTP PG    O3G    sing N N 118 
GTP PG    O3B    sing N N 119 
GTP O2G   HOG2   sing N N 120 
GTP O3G   HOG3   sing N N 121 
GTP O3B   PB     sing N N 122 
GTP PB    O1B    doub N N 123 
GTP PB    O2B    sing N N 124 
GTP PB    O3A    sing N N 125 
GTP O2B   HOB2   sing N N 126 
GTP O3A   PA     sing N N 127 
GTP PA    O1A    doub N N 128 
GTP PA    O2A    sing N N 129 
GTP PA    "O5'"  sing N N 130 
GTP O2A   HOA2   sing N N 131 
GTP "O5'" "C5'"  sing N N 132 
GTP "C5'" "C4'"  sing N N 133 
GTP "C5'" "H5'"  sing N N 134 
GTP "C5'" "H5''" sing N N 135 
GTP "C4'" "O4'"  sing N N 136 
GTP "C4'" "C3'"  sing N N 137 
GTP "C4'" "H4'"  sing N N 138 
GTP "O4'" "C1'"  sing N N 139 
GTP "C3'" "O3'"  sing N N 140 
GTP "C3'" "C2'"  sing N N 141 
GTP "C3'" "H3'"  sing N N 142 
GTP "O3'" "HO3'" sing N N 143 
GTP "C2'" "O2'"  sing N N 144 
GTP "C2'" "C1'"  sing N N 145 
GTP "C2'" "H2'"  sing N N 146 
GTP "O2'" "HO2'" sing N N 147 
GTP "C1'" N9     sing N N 148 
GTP "C1'" "H1'"  sing N N 149 
GTP N9    C8     sing Y N 150 
GTP N9    C4     sing Y N 151 
GTP C8    N7     doub Y N 152 
GTP C8    H8     sing N N 153 
GTP N7    C5     sing Y N 154 
GTP C5    C6     sing N N 155 
GTP C5    C4     doub Y N 156 
GTP C6    O6     doub N N 157 
GTP C6    N1     sing N N 158 
GTP N1    C2     sing N N 159 
GTP N1    HN1    sing N N 160 
GTP C2    N2     sing N N 161 
GTP C2    N3     doub N N 162 
GTP N2    HN21   sing N N 163 
GTP N2    HN22   sing N N 164 
GTP N3    C4     sing N N 165 
HOH O     H1     sing N N 166 
HOH O     H2     sing N N 167 
SAM N     CA     sing N N 168 
SAM N     HN1    sing N N 169 
SAM N     HN2    sing N N 170 
SAM CA    C      sing N N 171 
SAM CA    CB     sing N N 172 
SAM CA    HA     sing N N 173 
SAM C     O      doub N N 174 
SAM C     OXT    sing N N 175 
SAM CB    CG     sing N N 176 
SAM CB    HB1    sing N N 177 
SAM CB    HB2    sing N N 178 
SAM CG    SD     sing N N 179 
SAM CG    HG1    sing N N 180 
SAM CG    HG2    sing N N 181 
SAM SD    CE     sing N N 182 
SAM SD    "C5'"  sing N N 183 
SAM CE    HE1    sing N N 184 
SAM CE    HE2    sing N N 185 
SAM CE    HE3    sing N N 186 
SAM "C5'" "C4'"  sing N N 187 
SAM "C5'" "H5'1" sing N N 188 
SAM "C5'" "H5'2" sing N N 189 
SAM "C4'" "O4'"  sing N N 190 
SAM "C4'" "C3'"  sing N N 191 
SAM "C4'" "H4'"  sing N N 192 
SAM "O4'" "C1'"  sing N N 193 
SAM "C3'" "O3'"  sing N N 194 
SAM "C3'" "C2'"  sing N N 195 
SAM "C3'" "H3'"  sing N N 196 
SAM "O3'" "HO3'" sing N N 197 
SAM "C2'" "O2'"  sing N N 198 
SAM "C2'" "C1'"  sing N N 199 
SAM "C2'" "H2'"  sing N N 200 
SAM "O2'" "HO2'" sing N N 201 
SAM "C1'" N9     sing N N 202 
SAM "C1'" "H1'"  sing N N 203 
SAM N9    C8     sing Y N 204 
SAM N9    C4     sing Y N 205 
SAM C8    N7     doub Y N 206 
SAM C8    H8     sing N N 207 
SAM N7    C5     sing Y N 208 
SAM C5    C6     sing Y N 209 
SAM C5    C4     doub Y N 210 
SAM C6    N6     sing N N 211 
SAM C6    N1     doub Y N 212 
SAM N6    HN61   sing N N 213 
SAM N6    HN62   sing N N 214 
SAM N1    C2     sing Y N 215 
SAM C2    N3     doub Y N 216 
SAM C2    H2     sing N N 217 
SAM N3    C4     sing Y N 218 
U   OP3   P      sing N N 219 
U   OP3   HOP3   sing N N 220 
U   P     OP1    doub N N 221 
U   P     OP2    sing N N 222 
U   P     "O5'"  sing N N 223 
U   OP2   HOP2   sing N N 224 
U   "O5'" "C5'"  sing N N 225 
U   "C5'" "C4'"  sing N N 226 
U   "C5'" "H5'"  sing N N 227 
U   "C5'" "H5''" sing N N 228 
U   "C4'" "O4'"  sing N N 229 
U   "C4'" "C3'"  sing N N 230 
U   "C4'" "H4'"  sing N N 231 
U   "O4'" "C1'"  sing N N 232 
U   "C3'" "O3'"  sing N N 233 
U   "C3'" "C2'"  sing N N 234 
U   "C3'" "H3'"  sing N N 235 
U   "O3'" "HO3'" sing N N 236 
U   "C2'" "O2'"  sing N N 237 
U   "C2'" "C1'"  sing N N 238 
U   "C2'" "H2'"  sing N N 239 
U   "O2'" "HO2'" sing N N 240 
U   "C1'" N1     sing N N 241 
U   "C1'" "H1'"  sing N N 242 
U   N1    C2     sing N N 243 
U   N1    C6     sing N N 244 
U   C2    O2     doub N N 245 
U   C2    N3     sing N N 246 
U   N3    C4     sing N N 247 
U   N3    H3     sing N N 248 
U   C4    O4     doub N N 249 
U   C4    C5     sing N N 250 
U   C5    C6     doub N N 251 
U   C5    H5     sing N N 252 
U   C6    H6     sing N N 253 
# 
loop_
_ndb_struct_conf_na.entry_id 
_ndb_struct_conf_na.feature 
3E5C 'double helix'         
3E5C 'a-form double helix'  
3E5C tetraloop              
3E5C 'bulge loop'           
3E5C 'mismatched base pair' 
3E5C 'three-way junction'   
# 
loop_
_ndb_struct_na_base_pair.model_number 
_ndb_struct_na_base_pair.i_label_asym_id 
_ndb_struct_na_base_pair.i_label_comp_id 
_ndb_struct_na_base_pair.i_label_seq_id 
_ndb_struct_na_base_pair.i_symmetry 
_ndb_struct_na_base_pair.j_label_asym_id 
_ndb_struct_na_base_pair.j_label_comp_id 
_ndb_struct_na_base_pair.j_label_seq_id 
_ndb_struct_na_base_pair.j_symmetry 
_ndb_struct_na_base_pair.shear 
_ndb_struct_na_base_pair.stretch 
_ndb_struct_na_base_pair.stagger 
_ndb_struct_na_base_pair.buckle 
_ndb_struct_na_base_pair.propeller 
_ndb_struct_na_base_pair.opening 
_ndb_struct_na_base_pair.pair_number 
_ndb_struct_na_base_pair.pair_name 
_ndb_struct_na_base_pair.i_auth_asym_id 
_ndb_struct_na_base_pair.i_auth_seq_id 
_ndb_struct_na_base_pair.i_PDB_ins_code 
_ndb_struct_na_base_pair.j_auth_asym_id 
_ndb_struct_na_base_pair.j_auth_seq_id 
_ndb_struct_na_base_pair.j_PDB_ins_code 
_ndb_struct_na_base_pair.hbond_type_28 
_ndb_struct_na_base_pair.hbond_type_12 
1 A GTP 1  1_555 A U 53 1_555 -2.353 -0.713 0.083  1.838   -9.695  -2.869   1  A_GTP1:U53_A A 1  ? A 53 ? 28 ? 
1 A U   2  1_555 A A 52 1_555 -0.127 -0.190 0.111  5.611   -17.950 3.481    2  A_U2:A52_A   A 2  ? A 52 ? 20 1 
1 A U   3  1_555 A A 51 1_555 -0.077 -0.179 -0.005 9.538   -15.145 5.810    3  A_U3:A51_A   A 3  ? A 51 ? 20 1 
1 A C   4  1_555 A G 50 1_555 0.183  -0.115 -0.124 8.479   -13.917 1.787    4  A_C4:G50_A   A 4  ? A 50 ? 19 1 
1 A C   5  1_555 A G 49 1_555 0.435  -0.040 -0.290 10.488  -5.278  1.974    5  A_C5:G49_A   A 5  ? A 49 ? 19 1 
1 A C   6  1_555 A G 48 1_555 0.537  -0.242 -0.512 15.149  -7.510  2.002    6  A_C6:G48_A   A 6  ? A 48 ? 19 1 
1 A A   22 1_555 A G 19 1_555 -6.811 -4.737 0.593  -14.278 3.273   -16.249  7  A_A22:G19_A  A 22 ? A 19 ? ?  ? 
1 A C   23 1_555 A G 18 1_555 0.107  -0.077 0.075  -1.068  0.693   1.340    8  A_C23:G18_A  A 23 ? A 18 ? 19 1 
1 A G   24 1_555 A C 17 1_555 -0.421 -0.284 0.295  7.481   -10.604 -1.935   9  A_G24:C17_A  A 24 ? A 17 ? 19 1 
1 A C   25 1_555 A G 16 1_555 1.105  -0.297 -0.079 7.533   -14.586 9.640    10 A_C25:G16_A  A 25 ? A 16 ? 19 1 
1 A C   26 1_555 A G 15 1_555 1.112  -0.405 0.394  -4.393  -16.131 8.692    11 A_C26:G15_A  A 26 ? A 15 ? 19 1 
1 A A   27 1_555 A U 14 1_555 -0.913 -0.126 0.485  -7.361  -13.969 2.405    12 A_A27:U14_A  A 27 ? A 14 ? 20 1 
1 A G   28 1_555 A A 13 1_555 0.362  1.549  0.390  10.248  -18.496 -15.382  13 A_G28:A13_A  A 28 ? A 13 ? 8  1 
1 A C   32 1_555 A G 12 1_555 0.107  -0.042 -0.050 3.208   -8.196  4.912    14 A_C32:G12_A  A 32 ? A 12 ? 19 1 
1 A C   33 1_555 A G 11 1_555 0.191  -0.098 -0.131 -0.970  -7.272  1.335    15 A_C33:G11_A  A 33 ? A 11 ? 19 1 
1 A U   34 1_555 A A 10 1_555 0.136  -0.157 -0.170 2.064   -2.233  -0.510   16 A_U34:A10_A  A 34 ? A 10 ? 20 1 
1 A U   35 1_555 A A 9  1_555 -0.041 -0.016 -0.225 14.798  0.001   10.762   17 A_U35:A9_A   A 35 ? A 9  ? 20 1 
1 A G   36 1_555 A G 31 1_555 5.039  0.058  0.272  21.407  11.380  -114.940 18 A_G36:G31_A  A 36 ? A 31 ? 7  ? 
1 A C   40 1_555 A G 47 1_555 0.378  -0.260 -0.180 1.691   -11.541 2.601    19 A_C40:G47_A  A 40 ? A 47 ? 19 1 
1 A C   41 1_555 A G 46 1_555 0.416  -0.288 -0.057 -0.966  0.320   -1.874   20 A_C41:G46_A  A 41 ? A 46 ? 19 1 
1 A G   42 1_555 A A 45 1_555 7.962  -5.093 0.861  9.365   -7.948  -46.770  21 A_G42:A45_A  A 42 ? A 45 ? ?  ? 
# 
loop_
_ndb_struct_na_base_pair_step.model_number 
_ndb_struct_na_base_pair_step.i_label_asym_id_1 
_ndb_struct_na_base_pair_step.i_label_comp_id_1 
_ndb_struct_na_base_pair_step.i_label_seq_id_1 
_ndb_struct_na_base_pair_step.i_symmetry_1 
_ndb_struct_na_base_pair_step.j_label_asym_id_1 
_ndb_struct_na_base_pair_step.j_label_comp_id_1 
_ndb_struct_na_base_pair_step.j_label_seq_id_1 
_ndb_struct_na_base_pair_step.j_symmetry_1 
_ndb_struct_na_base_pair_step.i_label_asym_id_2 
_ndb_struct_na_base_pair_step.i_label_comp_id_2 
_ndb_struct_na_base_pair_step.i_label_seq_id_2 
_ndb_struct_na_base_pair_step.i_symmetry_2 
_ndb_struct_na_base_pair_step.j_label_asym_id_2 
_ndb_struct_na_base_pair_step.j_label_comp_id_2 
_ndb_struct_na_base_pair_step.j_label_seq_id_2 
_ndb_struct_na_base_pair_step.j_symmetry_2 
_ndb_struct_na_base_pair_step.shift 
_ndb_struct_na_base_pair_step.slide 
_ndb_struct_na_base_pair_step.rise 
_ndb_struct_na_base_pair_step.tilt 
_ndb_struct_na_base_pair_step.roll 
_ndb_struct_na_base_pair_step.twist 
_ndb_struct_na_base_pair_step.x_displacement 
_ndb_struct_na_base_pair_step.y_displacement 
_ndb_struct_na_base_pair_step.helical_rise 
_ndb_struct_na_base_pair_step.inclination 
_ndb_struct_na_base_pair_step.tip 
_ndb_struct_na_base_pair_step.helical_twist 
_ndb_struct_na_base_pair_step.step_number 
_ndb_struct_na_base_pair_step.step_name 
_ndb_struct_na_base_pair_step.i_auth_asym_id_1 
_ndb_struct_na_base_pair_step.i_auth_seq_id_1 
_ndb_struct_na_base_pair_step.i_PDB_ins_code_1 
_ndb_struct_na_base_pair_step.j_auth_asym_id_1 
_ndb_struct_na_base_pair_step.j_auth_seq_id_1 
_ndb_struct_na_base_pair_step.j_PDB_ins_code_1 
_ndb_struct_na_base_pair_step.i_auth_asym_id_2 
_ndb_struct_na_base_pair_step.i_auth_seq_id_2 
_ndb_struct_na_base_pair_step.i_PDB_ins_code_2 
_ndb_struct_na_base_pair_step.j_auth_asym_id_2 
_ndb_struct_na_base_pair_step.j_auth_seq_id_2 
_ndb_struct_na_base_pair_step.j_PDB_ins_code_2 
1 A GTP 1  1_555 A U 53 1_555 A U 2  1_555 A A 52 1_555 0.067  -0.916 3.140 -3.131 7.916  42.406  -1.969 -0.378 2.920 10.813 4.277 
43.213  1  AA_GTP1U2:A52U53_AA A 1  ? A 53 ? A 2  ? A 52 ? 
1 A U   2  1_555 A A 52 1_555 A U 3  1_555 A A 51 1_555 0.007  -0.949 3.106 -2.163 7.148  33.297  -2.664 -0.328 2.841 12.283 3.716 
34.101  2  AA_U2U3:A51A52_AA   A 2  ? A 52 ? A 3  ? A 51 ? 
1 A U   3  1_555 A A 51 1_555 A C 4  1_555 A G 50 1_555 -0.103 -1.546 3.283 -1.525 2.677  34.209  -3.032 -0.061 3.158 4.539  2.587 
34.344  3  AA_U3C4:G50A51_AA   A 3  ? A 51 ? A 4  ? A 50 ? 
1 A C   4  1_555 A G 50 1_555 A C 5  1_555 A G 49 1_555 -0.727 -1.919 3.243 -2.043 7.135  29.084  -5.075 1.013  2.748 13.924 3.986 
29.996  4  AA_C4C5:G49G50_AA   A 4  ? A 50 ? A 5  ? A 49 ? 
1 A C   5  1_555 A G 49 1_555 A C 6  1_555 A G 48 1_555 -0.398 -1.706 3.275 -1.703 6.085  27.351  -4.880 0.440  2.855 12.656 3.541 
28.058  5  AA_C5C6:G48G49_AA   A 5  ? A 49 ? A 6  ? A 48 ? 
1 A A   22 1_555 A G 19 1_555 A C 23 1_555 A G 18 1_555 2.059  -1.076 2.908 3.684  5.679  49.799  -1.632 -2.189 2.912 6.708  
-4.351  50.228  6  AA_A22C23:G18G19_AA A 22 ? A 19 ? A 23 ? A 18 ? 
1 A C   23 1_555 A G 18 1_555 A G 24 1_555 A C 17 1_555 -0.805 -1.977 2.935 -2.347 2.575  24.892  -5.210 1.242  2.782 5.936  5.412 
25.131  7  AA_C23G24:C17G18_AA A 23 ? A 18 ? A 24 ? A 17 ? 
1 A G   24 1_555 A C 17 1_555 A C 25 1_555 A G 16 1_555 0.928  -1.514 3.239 2.717  2.949  36.961  -2.761 -1.100 3.171 4.635  
-4.271  37.170  8  AA_G24C25:G16C17_AA A 24 ? A 17 ? A 25 ? A 16 ? 
1 A C   25 1_555 A G 16 1_555 A C 26 1_555 A G 15 1_555 -0.030 -1.864 3.355 -0.199 13.180 32.898  -4.860 0.022  2.452 22.195 0.334 
35.372  9  AA_C25C26:G15G16_AA A 25 ? A 16 ? A 26 ? A 15 ? 
1 A C   26 1_555 A G 15 1_555 A A 27 1_555 A U 14 1_555 -0.710 -1.876 2.662 -1.169 19.457 25.695  -5.597 1.149  1.047 37.617 2.260 
32.152  10 AA_C26A27:U14G15_AA A 26 ? A 15 ? A 27 ? A 14 ? 
1 A A   27 1_555 A U 14 1_555 A G 28 1_555 A A 13 1_555 -1.317 -0.723 3.009 1.964  3.803  32.792  -1.846 2.611  2.828 6.700  
-3.460  33.063  11 AA_A27G28:A13U14_AA A 27 ? A 14 ? A 28 ? A 13 ? 
1 A G   28 1_555 A A 13 1_555 A C 32 1_555 A G 12 1_555 -1.257 -2.384 2.895 -2.770 13.720 50.499  -3.437 1.279  2.281 15.738 3.177 
52.280  12 AA_G28C32:G12A13_AA A 28 ? A 13 ? A 32 ? A 12 ? 
1 A C   32 1_555 A G 12 1_555 A C 33 1_555 A G 11 1_555 -1.037 -2.212 3.196 -1.744 8.763  30.445  -5.493 1.611  2.531 16.252 3.235 
31.699  13 AA_C32C33:G11G12_AA A 32 ? A 12 ? A 33 ? A 11 ? 
1 A C   33 1_555 A G 11 1_555 A U 34 1_555 A A 10 1_555 -0.524 -1.894 3.162 -1.870 9.348  28.753  -5.299 0.669  2.467 18.204 3.642 
30.260  14 AA_C33U34:A10G11_AA A 33 ? A 11 ? A 34 ? A 10 ? 
1 A U   34 1_555 A A 10 1_555 A U 35 1_555 A A 9  1_555 0.220  -1.627 3.055 -1.980 12.389 19.849  -7.328 -1.072 1.722 32.123 5.135 
23.448  15 AA_U34U35:A9A10_AA  A 34 ? A 10 ? A 35 ? A 9  ? 
1 A U   35 1_555 A A 9  1_555 A G 36 1_555 A G 31 1_555 2.828  -4.231 2.315 25.493 8.980  113.419 -2.573 -1.468 2.480 5.329  
-15.130 115.490 16 AA_U35G36:G31A9_AA  A 35 ? A 9  ? A 36 ? A 31 ? 
1 A C   40 1_555 A G 47 1_555 A C 41 1_555 A G 46 1_555 -0.448 -2.389 3.403 0.161  6.039  29.214  -5.860 0.902  2.860 11.814 
-0.314  29.819  17 AA_C40C41:G46G47_AA A 40 ? A 47 ? A 41 ? A 46 ? 
1 A C   41 1_555 A G 46 1_555 A G 42 1_555 A A 45 1_555 -4.361 -1.625 2.957 0.406  10.942 53.826  -2.323 4.755  2.577 11.947 
-0.444  54.847  18 AA_C41G42:A45G46_AA A 41 ? A 46 ? A 42 ? A 45 ? 
# 
_atom_sites.entry_id                    3E5C 
_atom_sites.fract_transf_matrix[1][1]   0.00116027 
_atom_sites.fract_transf_matrix[1][2]   0.00749166 
_atom_sites.fract_transf_matrix[1][3]   -0.00685995 
_atom_sites.fract_transf_matrix[2][1]   -0.00248966 
_atom_sites.fract_transf_matrix[2][2]   0.00690370 
_atom_sites.fract_transf_matrix[2][3]   0.00711834 
_atom_sites.fract_transf_matrix[3][1]   0.01105410 
_atom_sites.fract_transf_matrix[3][2]   0.00096829 
_atom_sites.fract_transf_matrix[3][3]   0.00292711 
_atom_sites.fract_transf_vector[1]      0.166529 
_atom_sites.fract_transf_vector[2]      -0.063491 
_atom_sites.fract_transf_vector[3]      0.292868 
# 
loop_
_atom_type.symbol 
C  
N  
O  
P  
S  
SR 
# 
loop_
_atom_site.group_PDB 
_atom_site.id 
_atom_site.type_symbol 
_atom_site.label_atom_id 
_atom_site.label_alt_id 
_atom_site.label_comp_id 
_atom_site.label_asym_id 
_atom_site.label_entity_id 
_atom_site.label_seq_id 
_atom_site.pdbx_PDB_ins_code 
_atom_site.Cartn_x 
_atom_site.Cartn_y 
_atom_site.Cartn_z 
_atom_site.occupancy 
_atom_site.B_iso_or_equiv 
_atom_site.pdbx_formal_charge 
_atom_site.auth_seq_id 
_atom_site.auth_comp_id 
_atom_site.auth_asym_id 
_atom_site.auth_atom_id 
_atom_site.pdbx_PDB_model_num 
HETATM 1    P  PG    . GTP A 1 1  ? 2.393   7.075   -17.446 1.00 77.71  ? 1   GTP A PG    1 
HETATM 2    O  O1G   . GTP A 1 1  ? 1.635   7.507   -16.198 1.00 76.04  ? 1   GTP A O1G   1 
HETATM 3    O  O2G   . GTP A 1 1  ? 2.181   8.108   -18.554 1.00 76.83  ? 1   GTP A O2G   1 
HETATM 4    O  O3G   . GTP A 1 1  ? 1.767   5.767   -17.906 1.00 77.37  ? 1   GTP A O3G   1 
HETATM 5    O  O3B   . GTP A 1 1  ? 4.010   6.873   -17.221 1.00 71.74  ? 1   GTP A O3B   1 
HETATM 6    P  PB    . GTP A 1 1  ? 4.900   7.112   -15.883 1.00 67.77  ? 1   GTP A PB    1 
HETATM 7    O  O1B   . GTP A 1 1  ? 4.950   5.822   -15.099 1.00 70.04  ? 1   GTP A O1B   1 
HETATM 8    O  O2B   . GTP A 1 1  ? 6.314   7.447   -16.258 1.00 65.36  ? 1   GTP A O2B   1 
HETATM 9    O  O3A   . GTP A 1 1  ? 4.200   8.342   -15.015 1.00 66.44  ? 1   GTP A O3A   1 
HETATM 10   P  PA    . GTP A 1 1  ? 3.514   8.487   -13.518 1.00 60.73  ? 1   GTP A PA    1 
HETATM 11   O  O1A   . GTP A 1 1  ? 2.212   7.719   -13.427 1.00 61.49  ? 1   GTP A O1A   1 
HETATM 12   O  O2A   . GTP A 1 1  ? 4.423   8.111   -12.377 1.00 62.27  ? 1   GTP A O2A   1 
HETATM 13   O  "O5'" . GTP A 1 1  ? 3.170   10.048  -13.361 1.00 56.34  ? 1   GTP A "O5'" 1 
HETATM 14   C  "C5'" . GTP A 1 1  ? 4.149   10.984  -12.983 1.00 50.78  ? 1   GTP A "C5'" 1 
HETATM 15   C  "C4'" . GTP A 1 1  ? 3.814   12.382  -13.503 1.00 46.93  ? 1   GTP A "C4'" 1 
HETATM 16   O  "O4'" . GTP A 1 1  ? 3.595   12.377  -14.898 1.00 45.93  ? 1   GTP A "O4'" 1 
HETATM 17   C  "C3'" . GTP A 1 1  ? 2.456   12.854  -12.988 1.00 44.54  ? 1   GTP A "C3'" 1 
HETATM 18   O  "O3'" . GTP A 1 1  ? 2.604   13.455  -11.708 1.00 44.98  ? 1   GTP A "O3'" 1 
HETATM 19   C  "C2'" . GTP A 1 1  ? 1.946   13.822  -14.027 1.00 43.89  ? 1   GTP A "C2'" 1 
HETATM 20   O  "O2'" . GTP A 1 1  ? 2.500   15.118  -13.999 1.00 42.14  ? 1   GTP A "O2'" 1 
HETATM 21   C  "C1'" . GTP A 1 1  ? 2.454   13.141  -15.269 1.00 41.95  ? 1   GTP A "C1'" 1 
HETATM 22   N  N9    . GTP A 1 1  ? 1.452   12.274  -15.930 1.00 37.44  ? 1   GTP A N9    1 
HETATM 23   C  C8    . GTP A 1 1  ? 1.515   10.906  -16.029 1.00 34.16  ? 1   GTP A C8    1 
HETATM 24   N  N7    . GTP A 1 1  ? 0.451   10.493  -16.738 1.00 33.70  ? 1   GTP A N7    1 
HETATM 25   C  C5    . GTP A 1 1  ? -0.291  11.573  -17.097 1.00 33.11  ? 1   GTP A C5    1 
HETATM 26   C  C6    . GTP A 1 1  ? -1.470  11.717  -17.827 1.00 32.49  ? 1   GTP A C6    1 
HETATM 27   O  O6    . GTP A 1 1  ? -2.049  10.742  -18.302 1.00 33.09  ? 1   GTP A O6    1 
HETATM 28   N  N1    . GTP A 1 1  ? -1.989  12.966  -18.047 1.00 32.84  ? 1   GTP A N1    1 
HETATM 29   C  C2    . GTP A 1 1  ? -1.354  14.078  -17.538 1.00 33.24  ? 1   GTP A C2    1 
HETATM 30   N  N2    . GTP A 1 1  ? -1.869  15.284  -17.739 1.00 32.74  ? 1   GTP A N2    1 
HETATM 31   N  N3    . GTP A 1 1  ? -0.191  13.930  -16.818 1.00 33.29  ? 1   GTP A N3    1 
HETATM 32   C  C4    . GTP A 1 1  ? 0.335   12.699  -16.603 1.00 33.70  ? 1   GTP A C4    1 
ATOM   33   P  P     . U   A 1 2  ? 1.365   13.342  -10.549 1.00 41.21  ? 2   U   A P     1 
ATOM   34   O  OP1   . U   A 1 2  ? 1.674   14.089  -9.303  1.00 44.69  ? 2   U   A OP1   1 
ATOM   35   O  OP2   . U   A 1 2  ? 0.974   11.914  -10.478 1.00 41.89  ? 2   U   A OP2   1 
ATOM   36   O  "O5'" . U   A 1 2  ? 0.237   14.169  -11.305 1.00 41.57  ? 2   U   A "O5'" 1 
ATOM   37   C  "C5'" . U   A 1 2  ? 0.103   15.559  -11.214 1.00 40.02  ? 2   U   A "C5'" 1 
ATOM   38   C  "C4'" . U   A 1 2  ? -1.147  15.930  -11.985 1.00 41.25  ? 2   U   A "C4'" 1 
ATOM   39   O  "O4'" . U   A 1 2  ? -1.080  15.354  -13.317 1.00 42.39  ? 2   U   A "O4'" 1 
ATOM   40   C  "C3'" . U   A 1 2  ? -2.452  15.356  -11.451 1.00 41.50  ? 2   U   A "C3'" 1 
ATOM   41   O  "O3'" . U   A 1 2  ? -2.936  16.171  -10.424 1.00 42.89  ? 2   U   A "O3'" 1 
ATOM   42   C  "C2'" . U   A 1 2  ? -3.352  15.485  -12.667 1.00 40.73  ? 2   U   A "C2'" 1 
ATOM   43   O  "O2'" . U   A 1 2  ? -3.772  16.821  -12.900 1.00 41.38  ? 2   U   A "O2'" 1 
ATOM   44   C  "C1'" . U   A 1 2  ? -2.395  15.026  -13.756 1.00 40.06  ? 2   U   A "C1'" 1 
ATOM   45   N  N1    . U   A 1 2  ? -2.457  13.554  -14.101 1.00 38.08  ? 2   U   A N1    1 
ATOM   46   C  C2    . U   A 1 2  ? -3.474  13.101  -14.926 1.00 37.26  ? 2   U   A C2    1 
ATOM   47   O  O2    . U   A 1 2  ? -4.348  13.813  -15.397 1.00 36.97  ? 2   U   A O2    1 
ATOM   48   N  N3    . U   A 1 2  ? -3.430  11.752  -15.187 1.00 37.76  ? 2   U   A N3    1 
ATOM   49   C  C4    . U   A 1 2  ? -2.494  10.838  -14.733 1.00 37.19  ? 2   U   A C4    1 
ATOM   50   O  O4    . U   A 1 2  ? -2.590  9.667   -15.082 1.00 38.00  ? 2   U   A O4    1 
ATOM   51   C  C5    . U   A 1 2  ? -1.469  11.379  -13.874 1.00 36.04  ? 2   U   A C5    1 
ATOM   52   C  C6    . U   A 1 2  ? -1.489  12.691  -13.604 1.00 35.70  ? 2   U   A C6    1 
ATOM   53   P  P     . U   A 1 3  ? -3.675  15.584  -9.146  1.00 43.25  ? 3   U   A P     1 
ATOM   54   O  OP1   . U   A 1 3  ? -3.632  16.683  -8.161  1.00 43.69  ? 3   U   A OP1   1 
ATOM   55   O  OP2   . U   A 1 3  ? -3.134  14.256  -8.787  1.00 42.53  ? 3   U   A OP2   1 
ATOM   56   O  "O5'" . U   A 1 3  ? -5.182  15.376  -9.673  1.00 42.67  ? 3   U   A "O5'" 1 
ATOM   57   C  "C5'" . U   A 1 3  ? -6.016  16.466  -10.050 1.00 40.93  ? 3   U   A "C5'" 1 
ATOM   58   C  "C4'" . U   A 1 3  ? -7.198  15.966  -10.857 1.00 41.05  ? 3   U   A "C4'" 1 
ATOM   59   O  "O4'" . U   A 1 3  ? -6.697  15.396  -12.098 1.00 42.09  ? 3   U   A "O4'" 1 
ATOM   60   C  "C3'" . U   A 1 3  ? -7.985  14.811  -10.249 1.00 41.15  ? 3   U   A "C3'" 1 
ATOM   61   O  "O3'" . U   A 1 3  ? -8.936  15.263  -9.318  1.00 42.44  ? 3   U   A "O3'" 1 
ATOM   62   C  "C2'" . U   A 1 3  ? -8.654  14.242  -11.490 1.00 40.36  ? 3   U   A "C2'" 1 
ATOM   63   O  "O2'" . U   A 1 3  ? -9.692  15.058  -12.003 1.00 40.54  ? 3   U   A "O2'" 1 
ATOM   64   C  "C1'" . U   A 1 3  ? -7.479  14.262  -12.460 1.00 39.39  ? 3   U   A "C1'" 1 
ATOM   65   N  N1    . U   A 1 3  ? -6.650  12.993  -12.504 1.00 36.53  ? 3   U   A N1    1 
ATOM   66   C  C2    . U   A 1 3  ? -7.111  11.941  -13.265 1.00 35.31  ? 3   U   A C2    1 
ATOM   67   O  O2    . U   A 1 3  ? -8.150  11.980  -13.891 1.00 34.73  ? 3   U   A O2    1 
ATOM   68   N  N3    . U   A 1 3  ? -6.307  10.824  -13.271 1.00 34.76  ? 3   U   A N3    1 
ATOM   69   C  C4    . U   A 1 3  ? -5.101  10.651  -12.615 1.00 35.08  ? 3   U   A C4    1 
ATOM   70   O  O4    . U   A 1 3  ? -4.498  9.587   -12.731 1.00 34.65  ? 3   U   A O4    1 
ATOM   71   C  C5    . U   A 1 3  ? -4.669  11.788  -11.843 1.00 34.93  ? 3   U   A C5    1 
ATOM   72   C  C6    . U   A 1 3  ? -5.448  12.883  -11.818 1.00 36.46  ? 3   U   A C6    1 
ATOM   73   P  P     . C   A 1 4  ? -9.458  14.338  -8.117  1.00 42.61  ? 4   C   A P     1 
ATOM   74   O  OP1   . C   A 1 4  ? -10.230 15.260  -7.252  1.00 45.33  ? 4   C   A OP1   1 
ATOM   75   O  OP2   . C   A 1 4  ? -8.346  13.563  -7.530  1.00 42.09  ? 4   C   A OP2   1 
ATOM   76   O  "O5'" . C   A 1 4  ? -10.501 13.332  -8.796  1.00 41.50  ? 4   C   A "O5'" 1 
ATOM   77   C  "C5'" . C   A 1 4  ? -11.692 13.788  -9.460  1.00 39.54  ? 4   C   A "C5'" 1 
ATOM   78   C  "C4'" . C   A 1 4  ? -12.273 12.653  -10.295 1.00 39.51  ? 4   C   A "C4'" 1 
ATOM   79   O  "O4'" . C   A 1 4  ? -11.358 12.277  -11.358 1.00 39.78  ? 4   C   A "O4'" 1 
ATOM   80   C  "C3'" . C   A 1 4  ? -12.469 11.336  -9.564  1.00 38.79  ? 4   C   A "C3'" 1 
ATOM   81   O  "O3'" . C   A 1 4  ? -13.641 11.374  -8.813  1.00 38.43  ? 4   C   A "O3'" 1 
ATOM   82   C  "C2'" . C   A 1 4  ? -12.547 10.354  -10.729 1.00 38.82  ? 4   C   A "C2'" 1 
ATOM   83   O  "O2'" . C   A 1 4  ? -13.721 10.431  -11.510 1.00 38.10  ? 4   C   A "O2'" 1 
ATOM   84   C  "C1'" . C   A 1 4  ? -11.388 10.875  -11.557 1.00 39.03  ? 4   C   A "C1'" 1 
ATOM   85   N  N1    . C   A 1 4  ? -10.056 10.202  -11.249 1.00 38.57  ? 4   C   A N1    1 
ATOM   86   C  C2    . C   A 1 4  ? -9.839  8.914   -11.786 1.00 37.24  ? 4   C   A C2    1 
ATOM   87   O  O2    . C   A 1 4  ? -10.713 8.361   -12.482 1.00 36.37  ? 4   C   A O2    1 
ATOM   88   N  N3    . C   A 1 4  ? -8.654  8.298   -11.541 1.00 35.78  ? 4   C   A N3    1 
ATOM   89   C  C4    . C   A 1 4  ? -7.718  8.877   -10.793 1.00 35.36  ? 4   C   A C4    1 
ATOM   90   N  N4    . C   A 1 4  ? -6.596  8.168   -10.615 1.00 34.09  ? 4   C   A N4    1 
ATOM   91   C  C5    . C   A 1 4  ? -7.908  10.178  -10.218 1.00 35.60  ? 4   C   A C5    1 
ATOM   92   C  C6    . C   A 1 4  ? -9.080  10.799  -10.476 1.00 36.94  ? 4   C   A C6    1 
ATOM   93   P  P     . C   A 1 5  ? -13.813 10.512  -7.489  1.00 40.09  ? 5   C   A P     1 
ATOM   94   O  OP1   . C   A 1 5  ? -14.937 11.111  -6.763  1.00 42.75  ? 5   C   A OP1   1 
ATOM   95   O  OP2   . C   A 1 5  ? -12.519 10.311  -6.815  1.00 41.01  ? 5   C   A OP2   1 
ATOM   96   O  "O5'" . C   A 1 5  ? -14.283 9.077   -7.986  1.00 40.23  ? 5   C   A "O5'" 1 
ATOM   97   C  "C5'" . C   A 1 5  ? -15.375 8.844   -8.846  1.00 37.35  ? 5   C   A "C5'" 1 
ATOM   98   C  "C4'" . C   A 1 5  ? -15.295 7.386   -9.249  1.00 36.65  ? 5   C   A "C4'" 1 
ATOM   99   O  "O4'" . C   A 1 5  ? -14.160 7.190   -10.133 1.00 36.07  ? 5   C   A "O4'" 1 
ATOM   100  C  "C3'" . C   A 1 5  ? -15.028 6.380   -8.139  1.00 36.32  ? 5   C   A "C3'" 1 
ATOM   101  O  "O3'" . C   A 1 5  ? -16.206 6.086   -7.432  1.00 36.86  ? 5   C   A "O3'" 1 
ATOM   102  C  "C2'" . C   A 1 5  ? -14.594 5.190   -8.977  1.00 35.84  ? 5   C   A "C2'" 1 
ATOM   103  O  "O2'" . C   A 1 5  ? -15.669 4.612   -9.699  1.00 36.56  ? 5   C   A "O2'" 1 
ATOM   104  C  "C1'" . C   A 1 5  ? -13.658 5.876   -9.955  1.00 34.67  ? 5   C   A "C1'" 1 
ATOM   105  N  N1    . C   A 1 5  ? -12.194 5.949   -9.591  1.00 34.08  ? 5   C   A N1    1 
ATOM   106  C  C2    . C   A 1 5  ? -11.369 4.831   -9.848  1.00 33.15  ? 5   C   A C2    1 
ATOM   107  O  O2    . C   A 1 5  ? -11.850 3.797   -10.331 1.00 33.64  ? 5   C   A O2    1 
ATOM   108  N  N3    . C   A 1 5  ? -10.045 4.903   -9.561  1.00 31.32  ? 5   C   A N3    1 
ATOM   109  C  C4    . C   A 1 5  ? -9.546  6.018   -9.031  1.00 31.64  ? 5   C   A C4    1 
ATOM   110  N  N4    . C   A 1 5  ? -8.245  5.998   -8.778  1.00 30.74  ? 5   C   A N4    1 
ATOM   111  C  C5    . C   A 1 5  ? -10.350 7.181   -8.738  1.00 32.47  ? 5   C   A C5    1 
ATOM   112  C  C6    . C   A 1 5  ? -11.659 7.102   -9.047  1.00 32.09  ? 5   C   A C6    1 
ATOM   113  P  P     . C   A 1 6  ? -16.187 5.546   -5.934  1.00 37.32  ? 6   C   A P     1 
ATOM   114  O  OP1   . C   A 1 6  ? -17.586 5.573   -5.461  1.00 39.03  ? 6   C   A OP1   1 
ATOM   115  O  OP2   . C   A 1 6  ? -15.153 6.294   -5.204  1.00 36.68  ? 6   C   A OP2   1 
ATOM   116  O  "O5'" . C   A 1 6  ? -15.738 4.018   -6.020  1.00 37.65  ? 6   C   A "O5'" 1 
ATOM   117  C  "C5'" . C   A 1 6  ? -16.603 2.961   -6.466  1.00 36.74  ? 6   C   A "C5'" 1 
ATOM   118  C  "C4'" . C   A 1 6  ? -15.765 1.719   -6.729  1.00 36.39  ? 6   C   A "C4'" 1 
ATOM   119  O  "O4'" . C   A 1 6  ? -14.667 2.040   -7.624  1.00 36.16  ? 6   C   A "O4'" 1 
ATOM   120  C  "C3'" . C   A 1 6  ? -15.010 1.171   -5.527  1.00 36.33  ? 6   C   A "C3'" 1 
ATOM   121  O  "O3'" . C   A 1 6  ? -15.846 0.424   -4.661  1.00 37.74  ? 6   C   A "O3'" 1 
ATOM   122  C  "C2'" . C   A 1 6  ? -14.017 0.262   -6.229  1.00 35.48  ? 6   C   A "C2'" 1 
ATOM   123  O  "O2'" . C   A 1 6  ? -14.656 -0.860  -6.780  1.00 34.88  ? 6   C   A "O2'" 1 
ATOM   124  C  "C1'" . C   A 1 6  ? -13.566 1.187   -7.348  1.00 34.45  ? 6   C   A "C1'" 1 
ATOM   125  N  N1    . C   A 1 6  ? -12.324 1.986   -7.028  1.00 32.62  ? 6   C   A N1    1 
ATOM   126  C  C2    . C   A 1 6  ? -11.077 1.327   -7.096  1.00 31.60  ? 6   C   A C2    1 
ATOM   127  O  O2    . C   A 1 6  ? -11.064 0.126   -7.399  1.00 30.99  ? 6   C   A O2    1 
ATOM   128  N  N3    . C   A 1 6  ? -9.928  2.017   -6.809  1.00 29.14  ? 6   C   A N3    1 
ATOM   129  C  C4    . C   A 1 6  ? -9.999  3.308   -6.471  1.00 29.19  ? 6   C   A C4    1 
ATOM   130  N  N4    . C   A 1 6  ? -8.839  3.929   -6.215  1.00 28.51  ? 6   C   A N4    1 
ATOM   131  C  C5    . C   A 1 6  ? -11.261 3.998   -6.373  1.00 29.40  ? 6   C   A C5    1 
ATOM   132  C  C6    . C   A 1 6  ? -12.384 3.310   -6.654  1.00 30.62  ? 6   C   A C6    1 
ATOM   133  P  P     . G   A 1 7  ? -15.594 0.480   -3.095  1.00 36.35  ? 7   G   A P     1 
ATOM   134  O  OP1   . G   A 1 7  ? -16.720 -0.200  -2.444  1.00 38.51  ? 7   G   A OP1   1 
ATOM   135  O  OP2   . G   A 1 7  ? -15.286 1.867   -2.707  1.00 38.06  ? 7   G   A OP2   1 
ATOM   136  O  "O5'" . G   A 1 7  ? -14.242 -0.332  -2.868  1.00 35.96  ? 7   G   A "O5'" 1 
ATOM   137  C  "C5'" . G   A 1 7  ? -14.114 -1.730  -3.081  1.00 33.30  ? 7   G   A "C5'" 1 
ATOM   138  C  "C4'" . G   A 1 7  ? -12.639 -2.059  -2.957  1.00 33.50  ? 7   G   A "C4'" 1 
ATOM   139  O  "O4'" . G   A 1 7  ? -11.879 -1.303  -3.930  1.00 32.91  ? 7   G   A "O4'" 1 
ATOM   140  C  "C3'" . G   A 1 7  ? -12.010 -1.624  -1.646  1.00 34.50  ? 7   G   A "C3'" 1 
ATOM   141  O  "O3'" . G   A 1 7  ? -12.206 -2.650  -0.727  1.00 37.32  ? 7   G   A "O3'" 1 
ATOM   142  C  "C2'" . G   A 1 7  ? -10.529 -1.521  -2.017  1.00 32.61  ? 7   G   A "C2'" 1 
ATOM   143  O  "O2'" . G   A 1 7  ? -9.877  -2.762  -2.086  1.00 29.98  ? 7   G   A "O2'" 1 
ATOM   144  C  "C1'" . G   A 1 7  ? -10.628 -0.900  -3.396  1.00 31.42  ? 7   G   A "C1'" 1 
ATOM   145  N  N9    . G   A 1 7  ? -10.570 0.557   -3.308  1.00 31.29  ? 7   G   A N9    1 
ATOM   146  C  C8    . G   A 1 7  ? -11.624 1.443   -3.359  1.00 31.64  ? 7   G   A C8    1 
ATOM   147  N  N7    . G   A 1 7  ? -11.288 2.694   -3.223  1.00 30.20  ? 7   G   A N7    1 
ATOM   148  C  C5    . G   A 1 7  ? -9.905  2.631   -3.082  1.00 32.60  ? 7   G   A C5    1 
ATOM   149  C  C6    . G   A 1 7  ? -8.969  3.681   -2.905  1.00 34.04  ? 7   G   A C6    1 
ATOM   150  O  O6    . G   A 1 7  ? -9.214  4.894   -2.858  1.00 36.60  ? 7   G   A O6    1 
ATOM   151  N  N1    . G   A 1 7  ? -7.650  3.221   -2.784  1.00 33.21  ? 7   G   A N1    1 
ATOM   152  C  C2    . G   A 1 7  ? -7.294  1.886   -2.825  1.00 32.86  ? 7   G   A C2    1 
ATOM   153  N  N2    . G   A 1 7  ? -5.987  1.626   -2.691  1.00 29.86  ? 7   G   A N2    1 
ATOM   154  N  N3    . G   A 1 7  ? -8.169  0.883   -2.994  1.00 31.39  ? 7   G   A N3    1 
ATOM   155  C  C4    . G   A 1 7  ? -9.447  1.329   -3.120  1.00 31.12  ? 7   G   A C4    1 
ATOM   156  P  P     . A   A 1 8  ? -12.910 -2.383  0.676   1.00 36.20  ? 8   A   A P     1 
ATOM   157  O  OP1   . A   A 1 8  ? -14.234 -1.738  0.475   1.00 36.94  ? 8   A   A OP1   1 
ATOM   158  O  OP2   . A   A 1 8  ? -11.914 -1.820  1.595   1.00 35.47  ? 8   A   A OP2   1 
ATOM   159  O  "O5'" . A   A 1 8  ? -13.178 -3.898  1.049   1.00 36.27  ? 8   A   A "O5'" 1 
ATOM   160  C  "C5'" . A   A 1 8  ? -13.980 -4.726  0.226   1.00 36.24  ? 8   A   A "C5'" 1 
ATOM   161  C  "C4'" . A   A 1 8  ? -13.886 -6.135  0.776   1.00 38.34  ? 8   A   A "C4'" 1 
ATOM   162  O  "O4'" . A   A 1 8  ? -12.486 -6.492  0.843   1.00 38.10  ? 8   A   A "O4'" 1 
ATOM   163  C  "C3'" . A   A 1 8  ? -14.342 -6.314  2.225   1.00 39.23  ? 8   A   A "C3'" 1 
ATOM   164  O  "O3'" . A   A 1 8  ? -15.741 -6.468  2.330   1.00 41.84  ? 8   A   A "O3'" 1 
ATOM   165  C  "C2'" . A   A 1 8  ? -13.606 -7.573  2.658   1.00 39.18  ? 8   A   A "C2'" 1 
ATOM   166  O  "O2'" . A   A 1 8  ? -14.127 -8.771  2.118   1.00 39.67  ? 8   A   A "O2'" 1 
ATOM   167  C  "C1'" . A   A 1 8  ? -12.279 -7.318  1.981   1.00 38.66  ? 8   A   A "C1'" 1 
ATOM   168  N  N9    . A   A 1 8  ? -11.164 -6.814  2.767   1.00 38.55  ? 8   A   A N9    1 
ATOM   169  C  C8    . A   A 1 8  ? -10.529 -5.614  2.638   1.00 37.82  ? 8   A   A C8    1 
ATOM   170  N  N7    . A   A 1 8  ? -9.505  -5.464  3.444   1.00 37.50  ? 8   A   A N7    1 
ATOM   171  C  C5    . A   A 1 8  ? -9.469  -6.660  4.139   1.00 39.14  ? 8   A   A C5    1 
ATOM   172  C  C6    . A   A 1 8  ? -8.621  -7.155  5.146   1.00 39.00  ? 8   A   A C6    1 
ATOM   173  N  N6    . A   A 1 8  ? -7.597  -6.459  5.634   1.00 39.94  ? 8   A   A N6    1 
ATOM   174  N  N1    . A   A 1 8  ? -8.861  -8.386  5.639   1.00 39.56  ? 8   A   A N1    1 
ATOM   175  C  C2    . A   A 1 8  ? -9.883  -9.095  5.154   1.00 39.32  ? 8   A   A C2    1 
ATOM   176  N  N3    . A   A 1 8  ? -10.742 -8.741  4.204   1.00 40.54  ? 8   A   A N3    1 
ATOM   177  C  C4    . A   A 1 8  ? -10.482 -7.504  3.736   1.00 39.20  ? 8   A   A C4    1 
ATOM   178  P  P     . A   A 1 9  ? -16.555 -5.639  3.432   1.00 43.93  ? 9   A   A P     1 
ATOM   179  O  OP1   . A   A 1 9  ? -17.986 -5.748  3.044   1.00 44.15  ? 9   A   A OP1   1 
ATOM   180  O  OP2   . A   A 1 9  ? -15.964 -4.287  3.596   1.00 44.18  ? 9   A   A OP2   1 
ATOM   181  O  "O5'" . A   A 1 9  ? -16.246 -6.449  4.793   1.00 45.36  ? 9   A   A "O5'" 1 
ATOM   182  C  "C5'" . A   A 1 9  ? -16.538 -7.845  4.977   1.00 46.92  ? 9   A   A "C5'" 1 
ATOM   183  C  "C4'" . A   A 1 9  ? -15.737 -8.401  6.144   1.00 48.12  ? 9   A   A "C4'" 1 
ATOM   184  O  "O4'" . A   A 1 9  ? -14.320 -8.495  5.800   1.00 48.08  ? 9   A   A "O4'" 1 
ATOM   185  C  "C3'" . A   A 1 9  ? -15.740 -7.527  7.387   1.00 49.11  ? 9   A   A "C3'" 1 
ATOM   186  O  "O3'" . A   A 1 9  ? -16.926 -7.700  8.162   1.00 51.81  ? 9   A   A "O3'" 1 
ATOM   187  C  "C2'" . A   A 1 9  ? -14.467 -7.986  8.101   1.00 48.18  ? 9   A   A "C2'" 1 
ATOM   188  O  "O2'" . A   A 1 9  ? -14.604 -9.208  8.795   1.00 48.53  ? 9   A   A "O2'" 1 
ATOM   189  C  "C1'" . A   A 1 9  ? -13.515 -8.156  6.922   1.00 46.70  ? 9   A   A "C1'" 1 
ATOM   190  N  N9    . A   A 1 9  ? -12.778 -6.920  6.668   1.00 44.16  ? 9   A   A N9    1 
ATOM   191  C  C8    . A   A 1 9  ? -13.169 -5.875  5.872   1.00 43.50  ? 9   A   A C8    1 
ATOM   192  N  N7    . A   A 1 9  ? -12.307 -4.890  5.829   1.00 43.37  ? 9   A   A N7    1 
ATOM   193  C  C5    . A   A 1 9  ? -11.290 -5.313  6.672   1.00 43.10  ? 9   A   A C5    1 
ATOM   194  C  C6    . A   A 1 9  ? -10.071 -4.718  7.061   1.00 43.18  ? 9   A   A C6    1 
ATOM   195  N  N6    . A   A 1 9  ? -9.675  -3.521  6.636   1.00 43.39  ? 9   A   A N6    1 
ATOM   196  N  N1    . A   A 1 9  ? -9.271  -5.402  7.909   1.00 44.10  ? 9   A   A N1    1 
ATOM   197  C  C2    . A   A 1 9  ? -9.668  -6.613  8.345   1.00 43.65  ? 9   A   A C2    1 
ATOM   198  N  N3    . A   A 1 9  ? -10.789 -7.271  8.044   1.00 43.82  ? 9   A   A N3    1 
ATOM   199  C  C4    . A   A 1 9  ? -11.563 -6.563  7.197   1.00 43.12  ? 9   A   A C4    1 
ATOM   200  P  P     . A   A 1 10 ? -17.430 -6.500  9.105   1.00 54.28  ? 10  A   A P     1 
ATOM   201  O  OP1   . A   A 1 10 ? -18.891 -6.660  9.284   1.00 56.04  ? 10  A   A OP1   1 
ATOM   202  O  OP2   . A   A 1 10 ? -16.892 -5.193  8.658   1.00 54.08  ? 10  A   A OP2   1 
ATOM   203  O  "O5'" . A   A 1 10 ? -16.699 -6.918  10.470  1.00 54.53  ? 10  A   A "O5'" 1 
ATOM   204  C  "C5'" . A   A 1 10 ? -16.063 -5.959  11.262  1.00 53.97  ? 10  A   A "C5'" 1 
ATOM   205  C  "C4'" . A   A 1 10 ? -14.996 -6.609  12.108  1.00 54.19  ? 10  A   A "C4'" 1 
ATOM   206  O  "O4'" . A   A 1 10 ? -13.881 -7.024  11.289  1.00 54.42  ? 10  A   A "O4'" 1 
ATOM   207  C  "C3'" . A   A 1 10 ? -14.372 -5.602  13.038  1.00 55.50  ? 10  A   A "C3'" 1 
ATOM   208  O  "O3'" . A   A 1 10 ? -15.122 -5.547  14.214  1.00 56.90  ? 10  A   A "O3'" 1 
ATOM   209  C  "C2'" . A   A 1 10 ? -12.964 -6.135  13.244  1.00 54.99  ? 10  A   A "C2'" 1 
ATOM   210  O  "O2'" . A   A 1 10 ? -12.891 -7.250  14.095  1.00 57.42  ? 10  A   A "O2'" 1 
ATOM   211  C  "C1'" . A   A 1 10 ? -12.654 -6.565  11.831  1.00 53.01  ? 10  A   A "C1'" 1 
ATOM   212  N  N9    . A   A 1 10 ? -12.121 -5.429  11.097  1.00 50.70  ? 10  A   A N9    1 
ATOM   213  C  C8    . A   A 1 10 ? -12.750 -4.659  10.159  1.00 49.99  ? 10  A   A C8    1 
ATOM   214  N  N7    . A   A 1 10 ? -12.001 -3.689  9.696   1.00 49.46  ? 10  A   A N7    1 
ATOM   215  C  C5    . A   A 1 10 ? -10.807 -3.830  10.373  1.00 48.42  ? 10  A   A C5    1 
ATOM   216  C  C6    . A   A 1 10 ? -9.596  -3.117  10.331  1.00 47.79  ? 10  A   A C6    1 
ATOM   217  N  N6    . A   A 1 10 ? -9.395  -2.071  9.533   1.00 47.03  ? 10  A   A N6    1 
ATOM   218  N  N1    . A   A 1 10 ? -8.592  -3.523  11.145  1.00 48.70  ? 10  A   A N1    1 
ATOM   219  C  C2    . A   A 1 10 ? -8.783  -4.577  11.950  1.00 48.02  ? 10  A   A C2    1 
ATOM   220  N  N3    . A   A 1 10 ? -9.880  -5.322  12.072  1.00 48.31  ? 10  A   A N3    1 
ATOM   221  C  C4    . A   A 1 10 ? -10.862 -4.896  11.251  1.00 49.32  ? 10  A   A C4    1 
ATOM   222  P  P     . G   A 1 11 ? -15.547 -4.110  14.758  1.00 59.81  ? 11  G   A P     1 
ATOM   223  O  OP1   . G   A 1 11 ? -16.575 -4.377  15.796  1.00 59.67  ? 11  G   A OP1   1 
ATOM   224  O  OP2   . G   A 1 11 ? -15.902 -3.210  13.633  1.00 58.40  ? 11  G   A OP2   1 
ATOM   225  O  "O5'" . G   A 1 11 ? -14.178 -3.631  15.455  1.00 58.79  ? 11  G   A "O5'" 1 
ATOM   226  C  "C5'" . G   A 1 11 ? -13.721 -4.429  16.553  1.00 60.12  ? 11  G   A "C5'" 1 
ATOM   227  C  "C4'" . G   A 1 11 ? -12.287 -4.136  16.904  1.00 61.06  ? 11  G   A "C4'" 1 
ATOM   228  O  "O4'" . G   A 1 11 ? -11.440 -4.468  15.777  1.00 60.91  ? 11  G   A "O4'" 1 
ATOM   229  C  "C3'" . G   A 1 11 ? -11.980 -2.666  17.142  1.00 61.88  ? 11  G   A "C3'" 1 
ATOM   230  O  "O3'" . G   A 1 11 ? -12.399 -2.246  18.423  1.00 64.81  ? 11  G   A "O3'" 1 
ATOM   231  C  "C2'" . G   A 1 11 ? -10.465 -2.693  17.001  1.00 60.61  ? 11  G   A "C2'" 1 
ATOM   232  O  "O2'" . G   A 1 11 ? -9.787  -3.278  18.100  1.00 59.89  ? 11  G   A "O2'" 1 
ATOM   233  C  "C1'" . G   A 1 11 ? -10.372 -3.533  15.724  1.00 59.24  ? 11  G   A "C1'" 1 
ATOM   234  N  N9    . G   A 1 11 ? -10.497 -2.632  14.577  1.00 56.77  ? 11  G   A N9    1 
ATOM   235  C  C8    . G   A 1 11 ? -11.585 -2.392  13.770  1.00 55.36  ? 11  G   A C8    1 
ATOM   236  N  N7    . G   A 1 11 ? -11.366 -1.491  12.857  1.00 53.88  ? 11  G   A N7    1 
ATOM   237  C  C5    . G   A 1 11 ? -10.051 -1.102  13.075  1.00 54.23  ? 11  G   A C5    1 
ATOM   238  C  C6    . G   A 1 11 ? -9.234  -0.156  12.401  1.00 53.30  ? 11  G   A C6    1 
ATOM   239  O  O6    . G   A 1 11 ? -9.541  0.554   11.433  1.00 53.07  ? 11  G   A O6    1 
ATOM   240  N  N1    . G   A 1 11 ? -7.951  -0.068  12.956  1.00 52.41  ? 11  G   A N1    1 
ATOM   241  C  C2    . G   A 1 11 ? -7.514  -0.806  14.030  1.00 52.48  ? 11  G   A C2    1 
ATOM   242  N  N2    . G   A 1 11 ? -6.262  -0.616  14.445  1.00 52.37  ? 11  G   A N2    1 
ATOM   243  N  N3    . G   A 1 11 ? -8.257  -1.695  14.661  1.00 53.68  ? 11  G   A N3    1 
ATOM   244  C  C4    . G   A 1 11 ? -9.508  -1.789  14.135  1.00 55.13  ? 11  G   A C4    1 
ATOM   245  P  P     . G   A 1 12 ? -12.994 -0.770  18.630  1.00 66.79  ? 12  G   A P     1 
ATOM   246  O  OP1   . G   A 1 12 ? -13.541 -0.740  20.005  1.00 68.19  ? 12  G   A OP1   1 
ATOM   247  O  OP2   . G   A 1 12 ? -13.869 -0.411  17.497  1.00 67.09  ? 12  G   A OP2   1 
ATOM   248  O  "O5'" . G   A 1 12 ? -11.703 0.170   18.556  1.00 66.62  ? 12  G   A "O5'" 1 
ATOM   249  C  "C5'" . G   A 1 12 ? -10.666 0.012   19.510  1.00 66.51  ? 12  G   A "C5'" 1 
ATOM   250  C  "C4'" . G   A 1 12 ? -9.440  0.758   19.042  1.00 67.25  ? 12  G   A "C4'" 1 
ATOM   251  O  "O4'" . G   A 1 12 ? -9.053  0.290   17.723  1.00 66.31  ? 12  G   A "O4'" 1 
ATOM   252  C  "C3'" . G   A 1 12 ? -9.624  2.257   18.841  1.00 68.12  ? 12  G   A "C3'" 1 
ATOM   253  O  "O3'" . G   A 1 12 ? -9.627  2.973   20.067  1.00 70.62  ? 12  G   A "O3'" 1 
ATOM   254  C  "C2'" . G   A 1 12 ? -8.381  2.550   18.013  1.00 67.60  ? 12  G   A "C2'" 1 
ATOM   255  O  "O2'" . G   A 1 12 ? -7.182  2.598   18.760  1.00 68.35  ? 12  G   A "O2'" 1 
ATOM   256  C  "C1'" . G   A 1 12 ? -8.400  1.357   17.055  1.00 66.02  ? 12  G   A "C1'" 1 
ATOM   257  N  N9    . G   A 1 12 ? -9.145  1.744   15.865  1.00 63.77  ? 12  G   A N9    1 
ATOM   258  C  C8    . G   A 1 12 ? -10.407 1.348   15.482  1.00 63.21  ? 12  G   A C8    1 
ATOM   259  N  N7    . G   A 1 12 ? -10.799 1.904   14.368  1.00 62.42  ? 12  G   A N7    1 
ATOM   260  C  C5    . G   A 1 12 ? -9.734  2.720   14.000  1.00 61.26  ? 12  G   A C5    1 
ATOM   261  C  C6    . G   A 1 12 ? -9.566  3.569   12.882  1.00 60.20  ? 12  G   A C6    1 
ATOM   262  O  O6    . G   A 1 12 ? -10.366 3.766   11.962  1.00 60.10  ? 12  G   A O6    1 
ATOM   263  N  N1    . G   A 1 12 ? -8.335  4.228   12.894  1.00 59.66  ? 12  G   A N1    1 
ATOM   264  C  C2    . G   A 1 12 ? -7.377  4.077   13.870  1.00 59.34  ? 12  G   A C2    1 
ATOM   265  N  N2    . G   A 1 12 ? -6.245  4.770   13.740  1.00 58.70  ? 12  G   A N2    1 
ATOM   266  N  N3    . G   A 1 12 ? -7.516  3.278   14.912  1.00 60.74  ? 12  G   A N3    1 
ATOM   267  C  C4    . G   A 1 12 ? -8.713  2.636   14.915  1.00 61.97  ? 12  G   A C4    1 
ATOM   268  P  P     . A   A 1 13 ? -10.484 4.318   20.239  1.00 73.07  ? 13  A   A P     1 
ATOM   269  O  OP1   . A   A 1 13 ? -10.462 4.650   21.683  1.00 73.50  ? 13  A   A OP1   1 
ATOM   270  O  OP2   . A   A 1 13 ? -11.789 4.175   19.552  1.00 72.77  ? 13  A   A OP2   1 
ATOM   271  O  "O5'" . A   A 1 13 ? -9.653  5.422   19.432  1.00 73.62  ? 13  A   A "O5'" 1 
ATOM   272  C  "C5'" . A   A 1 13 ? -8.373  5.874   19.867  1.00 74.29  ? 13  A   A "C5'" 1 
ATOM   273  C  "C4'" . A   A 1 13 ? -7.766  6.787   18.817  1.00 75.10  ? 13  A   A "C4'" 1 
ATOM   274  O  "O4'" . A   A 1 13 ? -7.599  6.060   17.570  1.00 74.47  ? 13  A   A "O4'" 1 
ATOM   275  C  "C3'" . A   A 1 13 ? -8.630  7.960   18.380  1.00 76.10  ? 13  A   A "C3'" 1 
ATOM   276  O  "O3'" . A   A 1 13 ? -8.635  9.027   19.313  1.00 79.16  ? 13  A   A "O3'" 1 
ATOM   277  C  "C2'" . A   A 1 13 ? -7.951  8.327   17.069  1.00 75.04  ? 13  A   A "C2'" 1 
ATOM   278  O  "O2'" . A   A 1 13 ? -6.677  8.918   17.244  1.00 75.33  ? 13  A   A "O2'" 1 
ATOM   279  C  "C1'" . A   A 1 13 ? -7.817  6.934   16.471  1.00 73.59  ? 13  A   A "C1'" 1 
ATOM   280  N  N9    . A   A 1 13 ? -9.013  6.551   15.708  1.00 71.77  ? 13  A   A N9    1 
ATOM   281  C  C8    . A   A 1 13 ? -10.015 5.693   16.089  1.00 70.53  ? 13  A   A C8    1 
ATOM   282  N  N7    . A   A 1 13 ? -10.966 5.557   15.195  1.00 69.68  ? 13  A   A N7    1 
ATOM   283  C  C5    . A   A 1 13 ? -10.567 6.385   14.152  1.00 69.55  ? 13  A   A C5    1 
ATOM   284  C  C6    . A   A 1 13 ? -11.138 6.690   12.893  1.00 68.38  ? 13  A   A C6    1 
ATOM   285  N  N6    . A   A 1 13 ? -12.290 6.166   12.465  1.00 67.25  ? 13  A   A N6    1 
ATOM   286  N  N1    . A   A 1 13 ? -10.485 7.561   12.092  1.00 68.15  ? 13  A   A N1    1 
ATOM   287  C  C2    . A   A 1 13 ? -9.328  8.095   12.512  1.00 68.36  ? 13  A   A C2    1 
ATOM   288  N  N3    . A   A 1 13 ? -8.692  7.881   13.665  1.00 69.44  ? 13  A   A N3    1 
ATOM   289  C  C4    . A   A 1 13 ? -9.365  7.009   14.450  1.00 70.35  ? 13  A   A C4    1 
ATOM   290  P  P     . U   A 1 14 ? -10.048 9.688   19.685  1.00 81.73  ? 14  U   A P     1 
ATOM   291  O  OP1   . U   A 1 14 ? -9.914  10.416  20.965  1.00 81.88  ? 14  U   A OP1   1 
ATOM   292  O  OP2   . U   A 1 14 ? -11.070 8.622   19.573  1.00 82.21  ? 14  U   A OP2   1 
ATOM   293  O  "O5'" . U   A 1 14 ? -10.306 10.737  18.500  1.00 83.11  ? 14  U   A "O5'" 1 
ATOM   294  C  "C5'" . U   A 1 14 ? -9.284  11.621  18.019  1.00 85.21  ? 14  U   A "C5'" 1 
ATOM   295  C  "C4'" . U   A 1 14 ? -9.575  12.082  16.598  1.00 86.44  ? 14  U   A "C4'" 1 
ATOM   296  O  "O4'" . U   A 1 14 ? -9.521  10.957  15.675  1.00 86.08  ? 14  U   A "O4'" 1 
ATOM   297  C  "C3'" . U   A 1 14 ? -10.975 12.641  16.363  1.00 87.36  ? 14  U   A "C3'" 1 
ATOM   298  O  "O3'" . U   A 1 14 ? -11.162 13.956  16.910  1.00 89.20  ? 14  U   A "O3'" 1 
ATOM   299  C  "C2'" . U   A 1 14 ? -11.058 12.544  14.838  1.00 86.57  ? 14  U   A "C2'" 1 
ATOM   300  O  "O2'" . U   A 1 14 ? -10.289 13.513  14.151  1.00 86.11  ? 14  U   A "O2'" 1 
ATOM   301  C  "C1'" . U   A 1 14 ? -10.477 11.141  14.638  1.00 86.04  ? 14  U   A "C1'" 1 
ATOM   302  N  N1    . U   A 1 14 ? -11.557 10.075  14.670  1.00 85.40  ? 14  U   A N1    1 
ATOM   303  C  C2    . U   A 1 14 ? -12.316 9.824   13.531  1.00 84.97  ? 14  U   A C2    1 
ATOM   304  O  O2    . U   A 1 14 ? -12.165 10.396  12.466  1.00 84.92  ? 14  U   A O2    1 
ATOM   305  N  N3    . U   A 1 14 ? -13.281 8.856   13.675  1.00 84.66  ? 14  U   A N3    1 
ATOM   306  C  C4    . U   A 1 14 ? -13.559 8.122   14.820  1.00 85.31  ? 14  U   A C4    1 
ATOM   307  O  O4    . U   A 1 14 ? -14.456 7.285   14.806  1.00 85.62  ? 14  U   A O4    1 
ATOM   308  C  C5    . U   A 1 14 ? -12.742 8.432   15.968  1.00 85.26  ? 14  U   A C5    1 
ATOM   309  C  C6    . U   A 1 14 ? -11.794 9.374   15.846  1.00 85.47  ? 14  U   A C6    1 
ATOM   310  P  P     . G   A 1 15 ? -12.561 14.356  17.607  1.00 91.16  ? 15  G   A P     1 
ATOM   311  O  OP1   . G   A 1 15 ? -12.268 15.294  18.721  1.00 91.34  ? 15  G   A OP1   1 
ATOM   312  O  OP2   . G   A 1 15 ? -13.357 13.134  17.897  1.00 90.40  ? 15  G   A OP2   1 
ATOM   313  O  "O5'" . G   A 1 15 ? -13.258 15.172  16.413  1.00 91.69  ? 15  G   A "O5'" 1 
ATOM   314  C  "C5'" . G   A 1 15 ? -14.471 14.711  15.840  1.00 92.29  ? 15  G   A "C5'" 1 
ATOM   315  C  "C4'" . G   A 1 15 ? -14.650 15.169  14.406  1.00 92.53  ? 15  G   A "C4'" 1 
ATOM   316  O  "O4'" . G   A 1 15 ? -13.985 14.245  13.500  1.00 92.34  ? 15  G   A "O4'" 1 
ATOM   317  C  "C3'" . G   A 1 15 ? -16.112 15.139  13.981  1.00 92.92  ? 15  G   A "C3'" 1 
ATOM   318  O  "O3'" . G   A 1 15 ? -16.710 16.406  14.153  1.00 93.82  ? 15  G   A "O3'" 1 
ATOM   319  C  "C2'" . G   A 1 15 ? -16.078 14.674  12.531  1.00 92.55  ? 15  G   A "C2'" 1 
ATOM   320  O  "O2'" . G   A 1 15 ? -15.791 15.712  11.614  1.00 92.71  ? 15  G   A "O2'" 1 
ATOM   321  C  "C1'" . G   A 1 15 ? -14.934 13.665  12.618  1.00 92.12  ? 15  G   A "C1'" 1 
ATOM   322  N  N9    . G   A 1 15 ? -15.357 12.351  13.130  1.00 91.36  ? 15  G   A N9    1 
ATOM   323  C  C8    . G   A 1 15 ? -14.966 11.743  14.303  1.00 90.87  ? 15  G   A C8    1 
ATOM   324  N  N7    . G   A 1 15 ? -15.507 10.574  14.501  1.00 90.43  ? 15  G   A N7    1 
ATOM   325  C  C5    . G   A 1 15 ? -16.313 10.384  13.390  1.00 89.94  ? 15  G   A C5    1 
ATOM   326  C  C6    . G   A 1 15 ? -17.146 9.290   13.052  1.00 89.40  ? 15  G   A C6    1 
ATOM   327  O  O6    . G   A 1 15 ? -17.337 8.247   13.694  1.00 88.70  ? 15  G   A O6    1 
ATOM   328  N  N1    . G   A 1 15 ? -17.797 9.498   11.835  1.00 89.44  ? 15  G   A N1    1 
ATOM   329  C  C2    . G   A 1 15 ? -17.657 10.620  11.048  1.00 89.72  ? 15  G   A C2    1 
ATOM   330  N  N2    . G   A 1 15 ? -18.357 10.649  9.906   1.00 89.45  ? 15  G   A N2    1 
ATOM   331  N  N3    . G   A 1 15 ? -16.879 11.648  11.358  1.00 90.19  ? 15  G   A N3    1 
ATOM   332  C  C4    . G   A 1 15 ? -16.237 11.467  12.539  1.00 90.50  ? 15  G   A C4    1 
ATOM   333  P  P     . G   A 1 16 ? -17.910 16.519  15.211  1.00 94.54  ? 16  G   A P     1 
ATOM   334  O  OP1   . G   A 1 16 ? -18.077 17.954  15.543  1.00 94.80  ? 16  G   A OP1   1 
ATOM   335  O  OP2   . G   A 1 16 ? -17.685 15.525  16.292  1.00 94.14  ? 16  G   A OP2   1 
ATOM   336  O  "O5'" . G   A 1 16 ? -19.177 16.047  14.352  1.00 94.05  ? 16  G   A "O5'" 1 
ATOM   337  C  "C5'" . G   A 1 16 ? -19.436 16.606  13.058  1.00 92.78  ? 16  G   A "C5'" 1 
ATOM   338  C  "C4'" . G   A 1 16 ? -20.430 15.743  12.310  1.00 91.68  ? 16  G   A "C4'" 1 
ATOM   339  O  "O4'" . G   A 1 16 ? -19.795 14.505  11.899  1.00 90.94  ? 16  G   A "O4'" 1 
ATOM   340  C  "C3'" . G   A 1 16 ? -21.619 15.272  13.137  1.00 91.19  ? 16  G   A "C3'" 1 
ATOM   341  O  "O3'" . G   A 1 16 ? -22.599 16.298  13.282  1.00 91.38  ? 16  G   A "O3'" 1 
ATOM   342  C  "C2'" . G   A 1 16 ? -22.101 14.103  12.290  1.00 90.75  ? 16  G   A "C2'" 1 
ATOM   343  O  "O2'" . G   A 1 16 ? -22.840 14.505  11.152  1.00 90.91  ? 16  G   A "O2'" 1 
ATOM   344  C  "C1'" . G   A 1 16 ? -20.770 13.472  11.880  1.00 90.29  ? 16  G   A "C1'" 1 
ATOM   345  N  N9    . G   A 1 16 ? -20.391 12.376  12.776  1.00 89.00  ? 16  G   A N9    1 
ATOM   346  C  C8    . G   A 1 16 ? -19.422 12.378  13.756  1.00 88.56  ? 16  G   A C8    1 
ATOM   347  N  N7    . G   A 1 16 ? -19.325 11.247  14.400  1.00 87.73  ? 16  G   A N7    1 
ATOM   348  C  C5    . G   A 1 16 ? -20.290 10.439  13.812  1.00 87.37  ? 16  G   A C5    1 
ATOM   349  C  C6    . G   A 1 16 ? -20.654 9.093   14.088  1.00 86.92  ? 16  G   A C6    1 
ATOM   350  O  O6    . G   A 1 16 ? -20.174 8.327   14.938  1.00 86.55  ? 16  G   A O6    1 
ATOM   351  N  N1    . G   A 1 16 ? -21.688 8.654   13.254  1.00 86.61  ? 16  G   A N1    1 
ATOM   352  C  C2    . G   A 1 16 ? -22.294 9.419   12.279  1.00 86.36  ? 16  G   A C2    1 
ATOM   353  N  N2    . G   A 1 16 ? -23.271 8.835   11.573  1.00 85.73  ? 16  G   A N2    1 
ATOM   354  N  N3    . G   A 1 16 ? -21.962 10.677  12.014  1.00 86.73  ? 16  G   A N3    1 
ATOM   355  C  C4    . G   A 1 16 ? -20.956 11.120  12.813  1.00 87.74  ? 16  G   A C4    1 
ATOM   356  P  P     . C   A 1 17 ? -23.561 16.332  14.569  1.00 91.72  ? 17  C   A P     1 
ATOM   357  O  OP1   . C   A 1 17 ? -24.245 17.645  14.591  1.00 92.24  ? 17  C   A OP1   1 
ATOM   358  O  OP2   . C   A 1 17 ? -22.794 15.898  15.761  1.00 91.27  ? 17  C   A OP2   1 
ATOM   359  O  "O5'" . C   A 1 17 ? -24.651 15.209  14.235  1.00 91.09  ? 17  C   A "O5'" 1 
ATOM   360  C  "C5'" . C   A 1 17 ? -25.511 15.320  13.095  1.00 89.76  ? 17  C   A "C5'" 1 
ATOM   361  C  "C4'" . C   A 1 17 ? -26.223 14.004  12.833  1.00 88.83  ? 17  C   A "C4'" 1 
ATOM   362  O  "O4'" . C   A 1 17 ? -25.276 12.930  12.548  1.00 88.50  ? 17  C   A "O4'" 1 
ATOM   363  C  "C3'" . C   A 1 17 ? -27.000 13.444  14.013  1.00 88.13  ? 17  C   A "C3'" 1 
ATOM   364  O  "O3'" . C   A 1 17 ? -28.209 14.155  14.236  1.00 87.63  ? 17  C   A "O3'" 1 
ATOM   365  C  "C2'" . C   A 1 17 ? -27.207 12.013  13.530  1.00 88.11  ? 17  C   A "C2'" 1 
ATOM   366  O  "O2'" . C   A 1 17 ? -28.169 11.909  12.499  1.00 88.61  ? 17  C   A "O2'" 1 
ATOM   367  C  "C1'" . C   A 1 17 ? -25.805 11.690  13.004  1.00 87.77  ? 17  C   A "C1'" 1 
ATOM   368  N  N1    . C   A 1 17 ? -24.913 11.073  14.066  1.00 86.84  ? 17  C   A N1    1 
ATOM   369  C  C2    . C   A 1 17 ? -25.090 9.729   14.474  1.00 86.32  ? 17  C   A C2    1 
ATOM   370  O  O2    . C   A 1 17 ? -25.971 9.019   13.957  1.00 85.60  ? 17  C   A O2    1 
ATOM   371  N  N3    . C   A 1 17 ? -24.271 9.226   15.441  1.00 85.96  ? 17  C   A N3    1 
ATOM   372  C  C4    . C   A 1 17 ? -23.322 9.995   15.993  1.00 86.18  ? 17  C   A C4    1 
ATOM   373  N  N4    . C   A 1 17 ? -22.543 9.457   16.938  1.00 85.78  ? 17  C   A N4    1 
ATOM   374  C  C5    . C   A 1 17 ? -23.127 11.356  15.603  1.00 86.25  ? 17  C   A C5    1 
ATOM   375  C  C6    . C   A 1 17 ? -23.934 11.840  14.651  1.00 86.52  ? 17  C   A C6    1 
ATOM   376  P  P     . G   A 1 18 ? -28.695 14.460  15.737  1.00 86.69  ? 18  G   A P     1 
ATOM   377  O  OP1   . G   A 1 18 ? -29.867 15.364  15.661  1.00 86.92  ? 18  G   A OP1   1 
ATOM   378  O  OP2   . G   A 1 18 ? -27.520 14.858  16.546  1.00 86.71  ? 18  G   A OP2   1 
ATOM   379  O  "O5'" . G   A 1 18 ? -29.169 13.020  16.255  1.00 85.43  ? 18  G   A "O5'" 1 
ATOM   380  C  "C5'" . G   A 1 18 ? -30.283 12.355  15.664  1.00 83.05  ? 18  G   A "C5'" 1 
ATOM   381  C  "C4'" . G   A 1 18 ? -30.261 10.882  16.025  1.00 81.59  ? 18  G   A "C4'" 1 
ATOM   382  O  "O4'" . G   A 1 18 ? -29.001 10.270  15.651  1.00 80.26  ? 18  G   A "O4'" 1 
ATOM   383  C  "C3'" . G   A 1 18 ? -30.305 10.559  17.508  1.00 80.98  ? 18  G   A "C3'" 1 
ATOM   384  O  "O3'" . G   A 1 18 ? -31.560 10.806  18.087  1.00 81.15  ? 18  G   A "O3'" 1 
ATOM   385  C  "C2'" . G   A 1 18 ? -29.980 9.077   17.444  1.00 80.85  ? 18  G   A "C2'" 1 
ATOM   386  O  "O2'" . G   A 1 18 ? -31.036 8.286   16.930  1.00 81.90  ? 18  G   A "O2'" 1 
ATOM   387  C  "C1'" . G   A 1 18 ? -28.803 9.128   16.472  1.00 79.82  ? 18  G   A "C1'" 1 
ATOM   388  N  N9    . G   A 1 18 ? -27.551 9.212   17.225  1.00 78.44  ? 18  G   A N9    1 
ATOM   389  C  C8    . G   A 1 18 ? -26.744 10.308  17.433  1.00 77.69  ? 18  G   A C8    1 
ATOM   390  N  N7    . G   A 1 18 ? -25.701 10.048  18.172  1.00 77.18  ? 18  G   A N7    1 
ATOM   391  C  C5    . G   A 1 18 ? -25.820 8.694   18.479  1.00 77.21  ? 18  G   A C5    1 
ATOM   392  C  C6    . G   A 1 18 ? -24.991 7.831   19.250  1.00 76.86  ? 18  G   A C6    1 
ATOM   393  O  O6    . G   A 1 18 ? -23.937 8.108   19.843  1.00 76.28  ? 18  G   A O6    1 
ATOM   394  N  N1    . G   A 1 18 ? -25.486 6.521   19.313  1.00 76.77  ? 18  G   A N1    1 
ATOM   395  C  C2    . G   A 1 18 ? -26.644 6.094   18.702  1.00 76.65  ? 18  G   A C2    1 
ATOM   396  N  N2    . G   A 1 18 ? -26.976 4.805   18.859  1.00 76.39  ? 18  G   A N2    1 
ATOM   397  N  N3    . G   A 1 18 ? -27.424 6.889   17.980  1.00 77.25  ? 18  G   A N3    1 
ATOM   398  C  C4    . G   A 1 18 ? -26.959 8.168   17.907  1.00 77.77  ? 18  G   A C4    1 
ATOM   399  P  P     . G   A 1 19 ? -31.605 11.679  19.429  1.00 81.56  ? 19  G   A P     1 
ATOM   400  O  OP1   . G   A 1 19 ? -32.952 12.281  19.526  1.00 81.78  ? 19  G   A OP1   1 
ATOM   401  O  OP2   . G   A 1 19 ? -30.412 12.556  19.450  1.00 82.16  ? 19  G   A OP2   1 
ATOM   402  O  "O5'" . G   A 1 19 ? -31.419 10.598  20.590  1.00 80.84  ? 19  G   A "O5'" 1 
ATOM   403  C  "C5'" . G   A 1 19 ? -32.321 9.507   20.694  1.00 79.67  ? 19  G   A "C5'" 1 
ATOM   404  C  "C4'" . G   A 1 19 ? -31.603 8.284   21.222  1.00 78.83  ? 19  G   A "C4'" 1 
ATOM   405  O  "O4'" . G   A 1 19 ? -30.449 7.951   20.393  1.00 78.28  ? 19  G   A "O4'" 1 
ATOM   406  C  "C3'" . G   A 1 19 ? -30.968 8.434   22.593  1.00 78.30  ? 19  G   A "C3'" 1 
ATOM   407  O  "O3'" . G   A 1 19 ? -31.889 8.455   23.676  1.00 78.79  ? 19  G   A "O3'" 1 
ATOM   408  C  "C2'" . G   A 1 19 ? -30.116 7.173   22.571  1.00 77.69  ? 19  G   A "C2'" 1 
ATOM   409  O  "O2'" . G   A 1 19 ? -30.869 5.988   22.744  1.00 77.88  ? 19  G   A "O2'" 1 
ATOM   410  C  "C1'" . G   A 1 19 ? -29.456 7.321   21.191  1.00 77.00  ? 19  G   A "C1'" 1 
ATOM   411  N  N9    . G   A 1 19 ? -28.273 8.184   21.336  1.00 74.92  ? 19  G   A N9    1 
ATOM   412  C  C8    . G   A 1 19 ? -28.111 9.464   20.861  1.00 73.87  ? 19  G   A C8    1 
ATOM   413  N  N7    . G   A 1 19 ? -26.964 9.997   21.175  1.00 72.93  ? 19  G   A N7    1 
ATOM   414  C  C5    . G   A 1 19 ? -26.317 9.021   21.922  1.00 72.78  ? 19  G   A C5    1 
ATOM   415  C  C6    . G   A 1 19 ? -25.034 9.030   22.540  1.00 72.20  ? 19  G   A C6    1 
ATOM   416  O  O6    . G   A 1 19 ? -24.191 9.940   22.542  1.00 71.56  ? 19  G   A O6    1 
ATOM   417  N  N1    . G   A 1 19 ? -24.754 7.832   23.204  1.00 71.77  ? 19  G   A N1    1 
ATOM   418  C  C2    . G   A 1 19 ? -25.611 6.754   23.264  1.00 71.87  ? 19  G   A C2    1 
ATOM   419  N  N2    . G   A 1 19 ? -25.184 5.683   23.947  1.00 71.44  ? 19  G   A N2    1 
ATOM   420  N  N3    . G   A 1 19 ? -26.811 6.736   22.692  1.00 72.62  ? 19  G   A N3    1 
ATOM   421  C  C4    . G   A 1 19 ? -27.106 7.895   22.031  1.00 73.53  ? 19  G   A C4    1 
ATOM   422  P  P     . A   A 1 20 ? -32.041 9.783   24.571  1.00 79.27  ? 20  A   A P     1 
ATOM   423  O  OP1   . A   A 1 20 ? -33.370 9.721   25.220  1.00 79.18  ? 20  A   A OP1   1 
ATOM   424  O  OP2   . A   A 1 20 ? -31.693 10.940  23.708  1.00 79.40  ? 20  A   A OP2   1 
ATOM   425  O  "O5'" . A   A 1 20 ? -30.922 9.674   25.719  1.00 78.44  ? 20  A   A "O5'" 1 
ATOM   426  C  "C5'" . A   A 1 20 ? -30.454 10.854  26.405  1.00 77.19  ? 20  A   A "C5'" 1 
ATOM   427  C  "C4'" . A   A 1 20 ? -29.769 10.501  27.715  1.00 76.57  ? 20  A   A "C4'" 1 
ATOM   428  O  "O4'" . A   A 1 20 ? -30.743 9.807   28.535  1.00 76.55  ? 20  A   A "O4'" 1 
ATOM   429  C  "C3'" . A   A 1 20 ? -28.594 9.522   27.635  1.00 76.28  ? 20  A   A "C3'" 1 
ATOM   430  O  "O3'" . A   A 1 20 ? -27.309 10.133  27.421  1.00 76.71  ? 20  A   A "O3'" 1 
ATOM   431  C  "C2'" . A   A 1 20 ? -28.651 8.818   28.979  1.00 75.86  ? 20  A   A "C2'" 1 
ATOM   432  O  "O2'" . A   A 1 20 ? -28.106 9.634   29.997  1.00 75.48  ? 20  A   A "O2'" 1 
ATOM   433  C  "C1'" . A   A 1 20 ? -30.158 8.674   29.167  1.00 75.61  ? 20  A   A "C1'" 1 
ATOM   434  N  N9    . A   A 1 20 ? -30.788 7.427   28.682  1.00 74.41  ? 20  A   A N9    1 
ATOM   435  C  C8    . A   A 1 20 ? -31.650 7.294   27.622  1.00 73.88  ? 20  A   A C8    1 
ATOM   436  N  N7    . A   A 1 20 ? -32.085 6.068   27.422  1.00 73.21  ? 20  A   A N7    1 
ATOM   437  C  C5    . A   A 1 20 ? -31.470 5.332   28.424  1.00 73.27  ? 20  A   A C5    1 
ATOM   438  C  C6    . A   A 1 20 ? -31.514 3.953   28.767  1.00 72.95  ? 20  A   A C6    1 
ATOM   439  N  N6    . A   A 1 20 ? -32.239 3.049   28.095  1.00 72.41  ? 20  A   A N6    1 
ATOM   440  N  N1    . A   A 1 20 ? -30.779 3.537   29.830  1.00 72.59  ? 20  A   A N1    1 
ATOM   441  C  C2    . A   A 1 20 ? -30.051 4.443   30.504  1.00 72.33  ? 20  A   A C2    1 
ATOM   442  N  N3    . A   A 1 20 ? -29.931 5.756   30.276  1.00 72.70  ? 20  A   A N3    1 
ATOM   443  C  C4    . A   A 1 20 ? -30.670 6.150   29.215  1.00 73.57  ? 20  A   A C4    1 
ATOM   444  P  P     . A   A 1 21 ? -26.298 9.548   26.305  1.00 77.40  ? 21  A   A P     1 
ATOM   445  O  OP1   . A   A 1 21 ? -25.017 10.294  26.417  1.00 77.21  ? 21  A   A OP1   1 
ATOM   446  O  OP2   . A   A 1 21 ? -27.021 9.538   25.011  1.00 76.61  ? 21  A   A OP2   1 
ATOM   447  O  "O5'" . A   A 1 21 ? -26.037 8.028   26.735  1.00 76.72  ? 21  A   A "O5'" 1 
ATOM   448  C  "C5'" . A   A 1 21 ? -25.072 7.734   27.739  1.00 76.67  ? 21  A   A "C5'" 1 
ATOM   449  C  "C4'" . A   A 1 21 ? -25.312 6.386   28.381  1.00 76.62  ? 21  A   A "C4'" 1 
ATOM   450  O  "O4'" . A   A 1 21 ? -26.734 6.120   28.477  1.00 76.80  ? 21  A   A "O4'" 1 
ATOM   451  C  "C3'" . A   A 1 21 ? -24.752 5.218   27.590  1.00 76.79  ? 21  A   A "C3'" 1 
ATOM   452  O  "O3'" . A   A 1 21 ? -23.389 5.042   27.954  1.00 76.83  ? 21  A   A "O3'" 1 
ATOM   453  C  "C2'" . A   A 1 21 ? -25.636 4.057   28.046  1.00 76.74  ? 21  A   A "C2'" 1 
ATOM   454  O  "O2'" . A   A 1 21 ? -25.180 3.419   29.223  1.00 76.92  ? 21  A   A "O2'" 1 
ATOM   455  C  "C1'" . A   A 1 21 ? -26.975 4.729   28.329  1.00 76.64  ? 21  A   A "C1'" 1 
ATOM   456  N  N9    . A   A 1 21 ? -27.967 4.510   27.276  1.00 76.19  ? 21  A   A N9    1 
ATOM   457  C  C8    . A   A 1 21 ? -28.343 5.400   26.318  1.00 75.77  ? 21  A   A C8    1 
ATOM   458  N  N7    . A   A 1 21 ? -29.262 4.959   25.494  1.00 75.55  ? 21  A   A N7    1 
ATOM   459  C  C5    . A   A 1 21 ? -29.509 3.672   25.942  1.00 75.46  ? 21  A   A C5    1 
ATOM   460  C  C6    . A   A 1 21 ? -30.384 2.658   25.491  1.00 75.23  ? 21  A   A C6    1 
ATOM   461  N  N6    . A   A 1 21 ? -31.197 2.808   24.441  1.00 74.87  ? 21  A   A N6    1 
ATOM   462  N  N1    . A   A 1 21 ? -30.389 1.484   26.165  1.00 75.44  ? 21  A   A N1    1 
ATOM   463  C  C2    . A   A 1 21 ? -29.568 1.336   27.218  1.00 75.65  ? 21  A   A C2    1 
ATOM   464  N  N3    . A   A 1 21 ? -28.702 2.218   27.733  1.00 75.54  ? 21  A   A N3    1 
ATOM   465  C  C4    . A   A 1 21 ? -28.718 3.375   27.042  1.00 75.76  ? 21  A   A C4    1 
ATOM   466  P  P     . A   A 1 22 ? -22.278 4.593   26.888  1.00 76.68  ? 22  A   A P     1 
ATOM   467  O  OP1   . A   A 1 22 ? -20.984 4.658   27.601  1.00 75.93  ? 22  A   A OP1   1 
ATOM   468  O  OP2   . A   A 1 22 ? -22.473 5.368   25.638  1.00 76.30  ? 22  A   A OP2   1 
ATOM   469  O  "O5'" . A   A 1 22 ? -22.639 3.056   26.577  1.00 77.22  ? 22  A   A "O5'" 1 
ATOM   470  C  "C5'" . A   A 1 22 ? -22.431 2.010   27.544  1.00 77.37  ? 22  A   A "C5'" 1 
ATOM   471  C  "C4'" . A   A 1 22 ? -23.203 0.742   27.209  1.00 77.32  ? 22  A   A "C4'" 1 
ATOM   472  O  "O4'" . A   A 1 22 ? -24.633 0.992   27.254  1.00 76.73  ? 22  A   A "O4'" 1 
ATOM   473  C  "C3'" . A   A 1 22 ? -22.956 0.186   25.814  1.00 77.56  ? 22  A   A "C3'" 1 
ATOM   474  O  "O3'" . A   A 1 22 ? -21.796 -0.652  25.773  1.00 78.49  ? 22  A   A "O3'" 1 
ATOM   475  C  "C2'" . A   A 1 22 ? -24.249 -0.584  25.537  1.00 77.21  ? 22  A   A "C2'" 1 
ATOM   476  O  "O2'" . A   A 1 22 ? -24.270 -1.887  26.101  1.00 76.87  ? 22  A   A "O2'" 1 
ATOM   477  C  "C1'" . A   A 1 22 ? -25.283 0.345   26.172  1.00 76.84  ? 22  A   A "C1'" 1 
ATOM   478  N  N9    . A   A 1 22 ? -25.827 1.342   25.235  1.00 76.50  ? 22  A   A N9    1 
ATOM   479  C  C8    . A   A 1 22 ? -25.382 2.620   25.032  1.00 76.27  ? 22  A   A C8    1 
ATOM   480  N  N7    . A   A 1 22 ? -26.055 3.297   24.132  1.00 76.07  ? 22  A   A N7    1 
ATOM   481  C  C5    . A   A 1 22 ? -27.019 2.403   23.696  1.00 76.10  ? 22  A   A C5    1 
ATOM   482  C  C6    . A   A 1 22 ? -28.060 2.506   22.735  1.00 75.81  ? 22  A   A C6    1 
ATOM   483  N  N6    . A   A 1 22 ? -28.307 3.607   22.011  1.00 74.69  ? 22  A   A N6    1 
ATOM   484  N  N1    . A   A 1 22 ? -28.846 1.419   22.544  1.00 76.43  ? 22  A   A N1    1 
ATOM   485  C  C2    . A   A 1 22 ? -28.610 0.308   23.264  1.00 76.48  ? 22  A   A C2    1 
ATOM   486  N  N3    . A   A 1 22 ? -27.667 0.096   24.191  1.00 76.44  ? 22  A   A N3    1 
ATOM   487  C  C4    . A   A 1 22 ? -26.893 1.190   24.366  1.00 76.44  ? 22  A   A C4    1 
ATOM   488  P  P     . C   A 1 23 ? -20.559 -0.292  24.818  1.00 78.24  ? 23  C   A P     1 
ATOM   489  O  OP1   . C   A 1 23 ? -19.589 -1.406  24.892  1.00 78.31  ? 23  C   A OP1   1 
ATOM   490  O  OP2   . C   A 1 23 ? -20.143 1.087   25.169  1.00 78.24  ? 23  C   A OP2   1 
ATOM   491  O  "O5'" . C   A 1 23 ? -21.157 -0.250  23.331  1.00 78.30  ? 23  C   A "O5'" 1 
ATOM   492  C  "C5'" . C   A 1 23 ? -21.731 -1.399  22.721  1.00 78.20  ? 23  C   A "C5'" 1 
ATOM   493  C  "C4'" . C   A 1 23 ? -23.006 -1.023  21.983  1.00 78.48  ? 23  C   A "C4'" 1 
ATOM   494  O  "O4'" . C   A 1 23 ? -23.668 0.109   22.615  1.00 77.87  ? 23  C   A "O4'" 1 
ATOM   495  C  "C3'" . C   A 1 23 ? -22.823 -0.557  20.550  1.00 78.81  ? 23  C   A "C3'" 1 
ATOM   496  O  "O3'" . C   A 1 23 ? -22.633 -1.665  19.691  1.00 80.42  ? 23  C   A "O3'" 1 
ATOM   497  C  "C2'" . C   A 1 23 ? -24.165 0.126   20.317  1.00 78.45  ? 23  C   A "C2'" 1 
ATOM   498  O  "O2'" . C   A 1 23 ? -25.236 -0.778  20.117  1.00 78.51  ? 23  C   A "O2'" 1 
ATOM   499  C  "C1'" . C   A 1 23 ? -24.352 0.871   21.637  1.00 77.54  ? 23  C   A "C1'" 1 
ATOM   500  N  N1    . C   A 1 23 ? -23.817 2.274   21.583  1.00 76.53  ? 23  C   A N1    1 
ATOM   501  C  C2    . C   A 1 23 ? -24.500 3.252   20.832  1.00 76.11  ? 23  C   A C2    1 
ATOM   502  O  O2    . C   A 1 23 ? -25.541 2.957   20.227  1.00 75.82  ? 23  C   A O2    1 
ATOM   503  N  N3    . C   A 1 23 ? -23.997 4.515   20.790  1.00 75.66  ? 23  C   A N3    1 
ATOM   504  C  C4    . C   A 1 23 ? -22.874 4.814   21.449  1.00 75.38  ? 23  C   A C4    1 
ATOM   505  N  N4    . C   A 1 23 ? -22.429 6.068   21.374  1.00 75.67  ? 23  C   A N4    1 
ATOM   506  C  C5    . C   A 1 23 ? -22.160 3.842   22.215  1.00 75.71  ? 23  C   A C5    1 
ATOM   507  C  C6    . C   A 1 23 ? -22.663 2.600   22.252  1.00 76.25  ? 23  C   A C6    1 
ATOM   508  P  P     . G   A 1 24 ? -21.873 -1.531  18.283  1.00 81.24  ? 24  G   A P     1 
ATOM   509  O  OP1   . G   A 1 24 ? -21.588 -2.920  17.857  1.00 80.94  ? 24  G   A OP1   1 
ATOM   510  O  OP2   . G   A 1 24 ? -20.759 -0.562  18.416  1.00 80.85  ? 24  G   A OP2   1 
ATOM   511  O  "O5'" . G   A 1 24 ? -22.976 -0.867  17.317  1.00 81.62  ? 24  G   A "O5'" 1 
ATOM   512  C  "C5'" . G   A 1 24 ? -24.142 -1.596  16.911  1.00 81.80  ? 24  G   A "C5'" 1 
ATOM   513  C  "C4'" . G   A 1 24 ? -25.211 -0.701  16.304  1.00 82.43  ? 24  G   A "C4'" 1 
ATOM   514  O  "O4'" . G   A 1 24 ? -25.542 0.385   17.207  1.00 82.49  ? 24  G   A "O4'" 1 
ATOM   515  C  "C3'" . G   A 1 24 ? -24.851 0.033   15.019  1.00 83.14  ? 24  G   A "C3'" 1 
ATOM   516  O  "O3'" . G   A 1 24 ? -24.918 -0.819  13.888  1.00 84.71  ? 24  G   A "O3'" 1 
ATOM   517  C  "C2'" . G   A 1 24 ? -25.934 1.107   14.997  1.00 82.72  ? 24  G   A "C2'" 1 
ATOM   518  O  "O2'" . G   A 1 24 ? -27.221 0.618   14.662  1.00 82.54  ? 24  G   A "O2'" 1 
ATOM   519  C  "C1'" . G   A 1 24 ? -25.903 1.538   16.459  1.00 81.96  ? 24  G   A "C1'" 1 
ATOM   520  N  N9    . G   A 1 24 ? -24.949 2.616   16.736  1.00 80.78  ? 24  G   A N9    1 
ATOM   521  C  C8    . G   A 1 24 ? -23.772 2.517   17.448  1.00 80.31  ? 24  G   A C8    1 
ATOM   522  N  N7    . G   A 1 24 ? -23.119 3.642   17.544  1.00 79.89  ? 24  G   A N7    1 
ATOM   523  C  C5    . G   A 1 24 ? -23.917 4.549   16.852  1.00 79.51  ? 24  G   A C5    1 
ATOM   524  C  C6    . G   A 1 24 ? -23.723 5.932   16.616  1.00 78.71  ? 24  G   A C6    1 
ATOM   525  O  O6    . G   A 1 24 ? -22.772 6.629   16.988  1.00 78.48  ? 24  G   A O6    1 
ATOM   526  N  N1    . G   A 1 24 ? -24.760 6.496   15.865  1.00 78.23  ? 24  G   A N1    1 
ATOM   527  C  C2    . G   A 1 24 ? -25.855 5.801   15.396  1.00 78.05  ? 24  G   A C2    1 
ATOM   528  N  N2    . G   A 1 24 ? -26.758 6.499   14.691  1.00 77.07  ? 24  G   A N2    1 
ATOM   529  N  N3    . G   A 1 24 ? -26.048 4.501   15.615  1.00 78.86  ? 24  G   A N3    1 
ATOM   530  C  C4    . G   A 1 24 ? -25.045 3.938   16.345  1.00 79.77  ? 24  G   A C4    1 
ATOM   531  P  P     . C   A 1 25 ? -23.708 -0.849  12.837  1.00 85.49  ? 25  C   A P     1 
ATOM   532  O  OP1   . C   A 1 25 ? -23.964 -1.979  11.913  1.00 85.66  ? 25  C   A OP1   1 
ATOM   533  O  OP2   . C   A 1 25 ? -22.431 -0.781  13.588  1.00 85.79  ? 25  C   A OP2   1 
ATOM   534  O  "O5'" . C   A 1 25 ? -23.868 0.532   12.041  1.00 85.89  ? 25  C   A "O5'" 1 
ATOM   535  C  "C5'" . C   A 1 25 ? -24.945 0.725   11.125  1.00 85.89  ? 25  C   A "C5'" 1 
ATOM   536  C  "C4'" . C   A 1 25 ? -25.287 2.196   10.981  1.00 85.91  ? 25  C   A "C4'" 1 
ATOM   537  O  "O4'" . C   A 1 25 ? -25.354 2.834   12.283  1.00 85.80  ? 25  C   A "O4'" 1 
ATOM   538  C  "C3'" . C   A 1 25 ? -24.260 3.042   10.245  1.00 85.92  ? 25  C   A "C3'" 1 
ATOM   539  O  "O3'" . C   A 1 25 ? -24.347 2.868   8.847   1.00 85.98  ? 25  C   A "O3'" 1 
ATOM   540  C  "C2'" . C   A 1 25 ? -24.677 4.439   10.680  1.00 86.08  ? 25  C   A "C2'" 1 
ATOM   541  O  "O2'" . C   A 1 25 ? -25.858 4.906   10.052  1.00 86.29  ? 25  C   A "O2'" 1 
ATOM   542  C  "C1'" . C   A 1 25 ? -24.912 4.180   12.168  1.00 85.84  ? 25  C   A "C1'" 1 
ATOM   543  N  N1    . C   A 1 25 ? -23.674 4.401   12.998  1.00 85.72  ? 25  C   A N1    1 
ATOM   544  C  C2    . C   A 1 25 ? -23.174 5.709   13.172  1.00 85.60  ? 25  C   A C2    1 
ATOM   545  O  O2    . C   A 1 25 ? -23.757 6.669   12.649  1.00 85.24  ? 25  C   A O2    1 
ATOM   546  N  N3    . C   A 1 25 ? -22.053 5.896   13.920  1.00 85.36  ? 25  C   A N3    1 
ATOM   547  C  C4    . C   A 1 25 ? -21.437 4.849   14.480  1.00 85.72  ? 25  C   A C4    1 
ATOM   548  N  N4    . C   A 1 25 ? -20.337 5.091   15.204  1.00 85.87  ? 25  C   A N4    1 
ATOM   549  C  C5    . C   A 1 25 ? -21.921 3.511   14.315  1.00 85.88  ? 25  C   A C5    1 
ATOM   550  C  C6    . C   A 1 25 ? -23.028 3.337   13.576  1.00 85.75  ? 25  C   A C6    1 
ATOM   551  P  P     . C   A 1 26 ? -23.039 2.429   8.023   1.00 86.09  ? 26  C   A P     1 
ATOM   552  O  OP1   . C   A 1 26 ? -23.425 1.288   7.163   1.00 85.83  ? 26  C   A OP1   1 
ATOM   553  O  OP2   . C   A 1 26 ? -21.904 2.274   8.968   1.00 85.95  ? 26  C   A OP2   1 
ATOM   554  O  "O5'" . C   A 1 26 ? -22.727 3.693   7.084   1.00 84.99  ? 26  C   A "O5'" 1 
ATOM   555  C  "C5'" . C   A 1 26 ? -23.662 4.759   6.885   1.00 83.22  ? 26  C   A "C5'" 1 
ATOM   556  C  "C4'" . C   A 1 26 ? -23.010 6.114   7.109   1.00 81.69  ? 26  C   A "C4'" 1 
ATOM   557  O  "O4'" . C   A 1 26 ? -22.922 6.401   8.526   1.00 81.14  ? 26  C   A "O4'" 1 
ATOM   558  C  "C3'" . C   A 1 26 ? -21.566 6.251   6.645   1.00 80.74  ? 26  C   A "C3'" 1 
ATOM   559  O  "O3'" . C   A 1 26 ? -21.495 6.427   5.242   1.00 79.55  ? 26  C   A "O3'" 1 
ATOM   560  C  "C2'" . C   A 1 26 ? -21.128 7.498   7.403   1.00 80.88  ? 26  C   A "C2'" 1 
ATOM   561  O  "O2'" . C   A 1 26 ? -21.534 8.708   6.786   1.00 80.50  ? 26  C   A "O2'" 1 
ATOM   562  C  "C1'" . C   A 1 26 ? -21.837 7.292   8.747   1.00 81.01  ? 26  C   A "C1'" 1 
ATOM   563  N  N1    . C   A 1 26 ? -20.925 6.753   9.825   1.00 81.00  ? 26  C   A N1    1 
ATOM   564  C  C2    . C   A 1 26 ? -19.960 7.590   10.424  1.00 81.04  ? 26  C   A C2    1 
ATOM   565  O  O2    . C   A 1 26 ? -19.859 8.769   10.068  1.00 80.67  ? 26  C   A O2    1 
ATOM   566  N  N3    . C   A 1 26 ? -19.146 7.084   11.392  1.00 81.03  ? 26  C   A N3    1 
ATOM   567  C  C4    . C   A 1 26 ? -19.264 5.805   11.770  1.00 81.11  ? 26  C   A C4    1 
ATOM   568  N  N4    . C   A 1 26 ? -18.442 5.353   12.723  1.00 81.01  ? 26  C   A N4    1 
ATOM   569  C  C5    . C   A 1 26 ? -20.233 4.933   11.177  1.00 81.12  ? 26  C   A C5    1 
ATOM   570  C  C6    . C   A 1 26 ? -21.031 5.445   10.224  1.00 81.13  ? 26  C   A C6    1 
ATOM   571  P  P     . A   A 1 27 ? -20.262 5.846   4.402   1.00 78.38  ? 27  A   A P     1 
ATOM   572  O  OP1   . A   A 1 27 ? -20.715 5.795   2.997   1.00 78.67  ? 27  A   A OP1   1 
ATOM   573  O  OP2   . A   A 1 27 ? -19.770 4.611   5.055   1.00 78.10  ? 27  A   A OP2   1 
ATOM   574  O  "O5'" . A   A 1 27 ? -19.132 6.974   4.534   1.00 77.70  ? 27  A   A "O5'" 1 
ATOM   575  C  "C5'" . A   A 1 27 ? -19.360 8.294   4.052   1.00 77.13  ? 27  A   A "C5'" 1 
ATOM   576  C  "C4'" . A   A 1 27 ? -18.247 9.208   4.515   1.00 77.01  ? 27  A   A "C4'" 1 
ATOM   577  O  "O4'" . A   A 1 27 ? -18.299 9.365   5.949   1.00 77.43  ? 27  A   A "O4'" 1 
ATOM   578  C  "C3'" . A   A 1 27 ? -16.860 8.647   4.285   1.00 76.81  ? 27  A   A "C3'" 1 
ATOM   579  O  "O3'" . A   A 1 27 ? -16.468 8.949   2.968   1.00 77.15  ? 27  A   A "O3'" 1 
ATOM   580  C  "C2'" . A   A 1 27 ? -16.001 9.370   5.315   1.00 77.00  ? 27  A   A "C2'" 1 
ATOM   581  O  "O2'" . A   A 1 27 ? -15.470 10.594  4.850   1.00 76.22  ? 27  A   A "O2'" 1 
ATOM   582  C  "C1'" . A   A 1 27 ? -16.995 9.622   6.443   1.00 77.53  ? 27  A   A "C1'" 1 
ATOM   583  N  N9    . A   A 1 27 ? -16.761 8.784   7.617   1.00 78.45  ? 27  A   A N9    1 
ATOM   584  C  C8    . A   A 1 27 ? -17.433 7.640   7.951   1.00 78.92  ? 27  A   A C8    1 
ATOM   585  N  N7    . A   A 1 27 ? -17.024 7.089   9.071   1.00 79.15  ? 27  A   A N7    1 
ATOM   586  C  C5    . A   A 1 27 ? -16.010 7.929   9.506   1.00 79.08  ? 27  A   A C5    1 
ATOM   587  C  C6    . A   A 1 27 ? -15.170 7.895   10.644  1.00 78.75  ? 27  A   A C6    1 
ATOM   588  N  N6    . A   A 1 27 ? -15.236 6.937   11.575  1.00 77.41  ? 27  A   A N6    1 
ATOM   589  N  N1    . A   A 1 27 ? -14.261 8.892   10.783  1.00 78.93  ? 27  A   A N1    1 
ATOM   590  C  C2    . A   A 1 27 ? -14.197 9.852   9.841   1.00 78.87  ? 27  A   A C2    1 
ATOM   591  N  N3    . A   A 1 27 ? -14.932 9.988   8.734   1.00 78.75  ? 27  A   A N3    1 
ATOM   592  C  C4    . A   A 1 27 ? -15.831 8.985   8.619   1.00 78.94  ? 27  A   A C4    1 
ATOM   593  P  P     . G   A 1 28 ? -15.852 7.812   2.023   1.00 76.87  ? 28  G   A P     1 
ATOM   594  O  OP1   . G   A 1 28 ? -16.175 8.207   0.626   1.00 76.37  ? 28  G   A OP1   1 
ATOM   595  O  OP2   . G   A 1 28 ? -16.257 6.478   2.533   1.00 76.63  ? 28  G   A OP2   1 
ATOM   596  O  "O5'" . G   A 1 28 ? -14.274 7.934   2.275   1.00 76.19  ? 28  G   A "O5'" 1 
ATOM   597  C  "C5'" . G   A 1 28 ? -13.468 8.781   1.456   1.00 75.78  ? 28  G   A "C5'" 1 
ATOM   598  C  "C4'" . G   A 1 28 ? -12.360 9.381   2.286   1.00 74.65  ? 28  G   A "C4'" 1 
ATOM   599  O  "O4'" . G   A 1 28 ? -12.902 9.651   3.603   1.00 75.53  ? 28  G   A "O4'" 1 
ATOM   600  C  "C3'" . G   A 1 28 ? -11.213 8.435   2.627   1.00 74.06  ? 28  G   A "C3'" 1 
ATOM   601  O  "O3'" . G   A 1 28 ? -10.245 8.128   1.581   1.00 70.83  ? 28  G   A "O3'" 1 
ATOM   602  C  "C2'" . G   A 1 28 ? -10.609 9.076   3.884   1.00 75.52  ? 28  G   A "C2'" 1 
ATOM   603  O  "O2'" . G   A 1 28 ? -9.847  10.261  3.677   1.00 76.61  ? 28  G   A "O2'" 1 
ATOM   604  C  "C1'" . G   A 1 28 ? -11.913 9.401   4.602   1.00 75.48  ? 28  G   A "C1'" 1 
ATOM   605  N  N9    . G   A 1 28 ? -12.335 8.358   5.545   1.00 74.98  ? 28  G   A N9    1 
ATOM   606  C  C8    . G   A 1 28 ? -13.182 7.285   5.347   1.00 74.57  ? 28  G   A C8    1 
ATOM   607  N  N7    . G   A 1 28 ? -13.348 6.551   6.415   1.00 74.02  ? 28  G   A N7    1 
ATOM   608  C  C5    . G   A 1 28 ? -12.557 7.175   7.382   1.00 74.11  ? 28  G   A C5    1 
ATOM   609  C  C6    . G   A 1 28 ? -12.313 6.853   8.746   1.00 73.44  ? 28  G   A C6    1 
ATOM   610  O  O6    . G   A 1 28 ? -12.771 5.910   9.404   1.00 72.92  ? 28  G   A O6    1 
ATOM   611  N  N1    . G   A 1 28 ? -11.438 7.752   9.362   1.00 72.94  ? 28  G   A N1    1 
ATOM   612  C  C2    . G   A 1 28 ? -10.863 8.834   8.737   1.00 73.31  ? 28  G   A C2    1 
ATOM   613  N  N2    . G   A 1 28 ? -10.043 9.599   9.468   1.00 73.39  ? 28  G   A N2    1 
ATOM   614  N  N3    . G   A 1 28 ? -11.081 9.149   7.468   1.00 73.84  ? 28  G   A N3    1 
ATOM   615  C  C4    . G   A 1 28 ? -11.930 8.284   6.856   1.00 74.22  ? 28  G   A C4    1 
ATOM   616  P  P     . A   A 1 29 ? -9.701  9.083   0.412   1.00 66.80  ? 29  A   A P     1 
ATOM   617  O  OP1   . A   A 1 29 ? -9.752  10.493  0.846   1.00 67.25  ? 29  A   A OP1   1 
ATOM   618  O  OP2   . A   A 1 29 ? -10.338 8.621   -0.836  1.00 66.97  ? 29  A   A OP2   1 
ATOM   619  O  "O5'" . A   A 1 29 ? -8.171  8.670   0.265   1.00 64.83  ? 29  A   A "O5'" 1 
ATOM   620  C  "C5'" . A   A 1 29 ? -7.307  8.625   1.378   1.00 60.90  ? 29  A   A "C5'" 1 
ATOM   621  C  "C4'" . A   A 1 29 ? -6.269  7.536   1.180   1.00 58.05  ? 29  A   A "C4'" 1 
ATOM   622  O  "O4'" . A   A 1 29 ? -6.842  6.246   1.504   1.00 55.21  ? 29  A   A "O4'" 1 
ATOM   623  C  "C3'" . A   A 1 29 ? -5.696  7.390   -0.221  1.00 57.71  ? 29  A   A "C3'" 1 
ATOM   624  O  "O3'" . A   A 1 29 ? -4.310  7.125   -0.087  1.00 61.62  ? 29  A   A "O3'" 1 
ATOM   625  C  "C2'" . A   A 1 29 ? -6.481  6.215   -0.820  1.00 54.94  ? 29  A   A "C2'" 1 
ATOM   626  O  "O2'" . A   A 1 29 ? -5.797  5.499   -1.835  1.00 52.97  ? 29  A   A "O2'" 1 
ATOM   627  C  "C1'" . A   A 1 29 ? -6.694  5.349   0.421   1.00 51.98  ? 29  A   A "C1'" 1 
ATOM   628  N  N9    . A   A 1 29 ? -7.904  4.534   0.399   1.00 45.90  ? 29  A   A N9    1 
ATOM   629  C  C8    . A   A 1 29 ? -9.196  4.986   0.306   1.00 44.72  ? 29  A   A C8    1 
ATOM   630  N  N7    . A   A 1 29 ? -10.082 4.017   0.321   1.00 42.98  ? 29  A   A N7    1 
ATOM   631  C  C5    . A   A 1 29 ? -9.315  2.869   0.438   1.00 40.05  ? 29  A   A C5    1 
ATOM   632  C  C6    . A   A 1 29 ? -9.658  1.512   0.515   1.00 39.09  ? 29  A   A C6    1 
ATOM   633  N  N6    . A   A 1 29 ? -10.923 1.086   0.473   1.00 39.55  ? 29  A   A N6    1 
ATOM   634  N  N1    . A   A 1 29 ? -8.658  0.608   0.625   1.00 38.68  ? 29  A   A N1    1 
ATOM   635  C  C2    . A   A 1 29 ? -7.392  1.043   0.666   1.00 38.19  ? 29  A   A C2    1 
ATOM   636  N  N3    . A   A 1 29 ? -6.957  2.300   0.606   1.00 39.13  ? 29  A   A N3    1 
ATOM   637  C  C4    . A   A 1 29 ? -7.974  3.165   0.490   1.00 40.86  ? 29  A   A C4    1 
ATOM   638  P  P     . U   A 1 30 ? -3.249  7.849   -1.041  1.00 64.85  ? 30  U   A P     1 
ATOM   639  O  OP1   . U   A 1 30 ? -2.270  8.526   -0.160  1.00 64.89  ? 30  U   A OP1   1 
ATOM   640  O  OP2   . U   A 1 30 ? -3.957  8.608   -2.096  1.00 65.51  ? 30  U   A OP2   1 
ATOM   641  O  "O5'" . U   A 1 30 ? -2.548  6.620   -1.763  1.00 67.16  ? 30  U   A "O5'" 1 
ATOM   642  C  "C5'" . U   A 1 30 ? -2.191  5.485   -1.008  1.00 70.58  ? 30  U   A "C5'" 1 
ATOM   643  C  "C4'" . U   A 1 30 ? -0.693  5.270   -1.017  1.00 73.18  ? 30  U   A "C4'" 1 
ATOM   644  O  "O4'" . U   A 1 30 ? 0.070   6.440   -1.429  1.00 76.07  ? 30  U   A "O4'" 1 
ATOM   645  C  "C3'" . U   A 1 30 ? -0.094  5.005   0.347   1.00 73.45  ? 30  U   A "C3'" 1 
ATOM   646  O  "O3'" . U   A 1 30 ? -0.516  3.758   0.870   1.00 69.92  ? 30  U   A "O3'" 1 
ATOM   647  C  "C2'" . U   A 1 30 ? 1.375   5.028   -0.065  1.00 76.20  ? 30  U   A "C2'" 1 
ATOM   648  O  "O2'" . U   A 1 30 ? 1.763   3.928   -0.874  1.00 76.58  ? 30  U   A "O2'" 1 
ATOM   649  C  "C1'" . U   A 1 30 ? 1.378   6.328   -0.875  1.00 78.23  ? 30  U   A "C1'" 1 
ATOM   650  N  N1    . U   A 1 30 ? 1.736   7.518   -0.008  1.00 81.64  ? 30  U   A N1    1 
ATOM   651  C  C2    . U   A 1 30 ? 3.051   7.680   0.429   1.00 83.08  ? 30  U   A C2    1 
ATOM   652  O  O2    . U   A 1 30 ? 3.960   6.913   0.144   1.00 83.62  ? 30  U   A O2    1 
ATOM   653  N  N3    . U   A 1 30 ? 3.270   8.794   1.222   1.00 83.81  ? 30  U   A N3    1 
ATOM   654  C  C4    . U   A 1 30 ? 2.333   9.742   1.623   1.00 84.01  ? 30  U   A C4    1 
ATOM   655  O  O4    . U   A 1 30 ? 2.672   10.686  2.333   1.00 83.76  ? 30  U   A O4    1 
ATOM   656  C  C5    . U   A 1 30 ? 0.993   9.505   1.135   1.00 83.88  ? 30  U   A C5    1 
ATOM   657  C  C6    . U   A 1 30 ? 0.756   8.430   0.362   1.00 82.84  ? 30  U   A C6    1 
ATOM   658  P  P     . G   A 1 31 ? -0.622  3.595   2.448   1.00 66.80  ? 31  G   A P     1 
ATOM   659  O  OP1   . G   A 1 31 ? 0.179   4.675   3.073   1.00 67.91  ? 31  G   A OP1   1 
ATOM   660  O  OP2   . G   A 1 31 ? -0.336  2.191   2.804   1.00 67.61  ? 31  G   A OP2   1 
ATOM   661  O  "O5'" . G   A 1 31 ? -2.173  3.845   2.705   1.00 63.35  ? 31  G   A "O5'" 1 
ATOM   662  C  "C5'" . G   A 1 31 ? -2.504  5.065   3.303   1.00 58.20  ? 31  G   A "C5'" 1 
ATOM   663  C  "C4'" . G   A 1 31 ? -3.984  5.308   3.269   1.00 53.64  ? 31  G   A "C4'" 1 
ATOM   664  O  "O4'" . G   A 1 31 ? -4.700  4.072   3.038   1.00 51.69  ? 31  G   A "O4'" 1 
ATOM   665  C  "C3'" . G   A 1 31 ? -4.492  5.865   4.587   1.00 51.97  ? 31  G   A "C3'" 1 
ATOM   666  O  "O3'" . G   A 1 31 ? -5.242  7.034   4.310   1.00 53.22  ? 31  G   A "O3'" 1 
ATOM   667  C  "C2'" . G   A 1 31 ? -5.343  4.730   5.143   1.00 49.60  ? 31  G   A "C2'" 1 
ATOM   668  O  "O2'" . G   A 1 31 ? -6.376  5.183   6.000   1.00 47.58  ? 31  G   A "O2'" 1 
ATOM   669  C  "C1'" . G   A 1 31 ? -5.854  4.129   3.835   1.00 47.36  ? 31  G   A "C1'" 1 
ATOM   670  N  N9    . G   A 1 31 ? -6.397  2.793   3.985   1.00 43.61  ? 31  G   A N9    1 
ATOM   671  C  C8    . G   A 1 31 ? -5.713  1.630   4.227   1.00 42.33  ? 31  G   A C8    1 
ATOM   672  N  N7    . G   A 1 31 ? -6.506  0.603   4.337   1.00 41.65  ? 31  G   A N7    1 
ATOM   673  C  C5    . G   A 1 31 ? -7.782  1.119   4.157   1.00 40.26  ? 31  G   A C5    1 
ATOM   674  C  C6    . G   A 1 31 ? -9.048  0.482   4.167   1.00 40.37  ? 31  G   A C6    1 
ATOM   675  O  O6    . G   A 1 31 ? -9.280  -0.715  4.341   1.00 41.80  ? 31  G   A O6    1 
ATOM   676  N  N1    . G   A 1 31 ? -10.108 1.369   3.942   1.00 38.37  ? 31  G   A N1    1 
ATOM   677  C  C2    . G   A 1 31 ? -9.932  2.717   3.733   1.00 37.44  ? 31  G   A C2    1 
ATOM   678  N  N2    . G   A 1 31 ? -11.023 3.443   3.536   1.00 37.18  ? 31  G   A N2    1 
ATOM   679  N  N3    . G   A 1 31 ? -8.756  3.323   3.729   1.00 38.79  ? 31  G   A N3    1 
ATOM   680  C  C4    . G   A 1 31 ? -7.729  2.466   3.944   1.00 40.28  ? 31  G   A C4    1 
ATOM   681  P  P     . C   A 1 32 ? -4.586  8.476   4.516   1.00 53.86  ? 32  C   A P     1 
ATOM   682  O  OP1   . C   A 1 32 ? -5.641  9.461   4.193   1.00 53.97  ? 32  C   A OP1   1 
ATOM   683  O  OP2   . C   A 1 32 ? -3.296  8.502   3.788   1.00 53.60  ? 32  C   A OP2   1 
ATOM   684  O  "O5'" . C   A 1 32 ? -4.350  8.497   6.109   1.00 55.55  ? 32  C   A "O5'" 1 
ATOM   685  C  "C5'" . C   A 1 32 ? -3.267  9.161   6.757   1.00 57.42  ? 32  C   A "C5'" 1 
ATOM   686  C  "C4'" . C   A 1 32 ? -3.183  8.775   8.228   1.00 58.66  ? 32  C   A "C4'" 1 
ATOM   687  O  "O4'" . C   A 1 32 ? -4.383  9.177   8.948   1.00 59.29  ? 32  C   A "O4'" 1 
ATOM   688  C  "C3'" . C   A 1 32 ? -3.091  7.284   8.527   1.00 59.47  ? 32  C   A "C3'" 1 
ATOM   689  O  "O3'" . C   A 1 32 ? -1.793  6.754   8.273   1.00 60.36  ? 32  C   A "O3'" 1 
ATOM   690  C  "C2'" . C   A 1 32 ? -3.465  7.277   10.008  1.00 59.71  ? 32  C   A "C2'" 1 
ATOM   691  O  "O2'" . C   A 1 32 ? -2.410  7.633   10.883  1.00 61.14  ? 32  C   A "O2'" 1 
ATOM   692  C  "C1'" . C   A 1 32 ? -4.607  8.301   10.046  1.00 59.12  ? 32  C   A "C1'" 1 
ATOM   693  N  N1    . C   A 1 32 ? -5.924  7.578   9.910   1.00 58.47  ? 32  C   A N1    1 
ATOM   694  C  C2    . C   A 1 32 ? -6.379  6.741   10.949  1.00 57.38  ? 32  C   A C2    1 
ATOM   695  O  O2    . C   A 1 32 ? -5.720  6.615   11.987  1.00 56.51  ? 32  C   A O2    1 
ATOM   696  N  N3    . C   A 1 32 ? -7.548  6.073   10.785  1.00 57.00  ? 32  C   A N3    1 
ATOM   697  C  C4    . C   A 1 32 ? -8.250  6.205   9.660   1.00 56.39  ? 32  C   A C4    1 
ATOM   698  N  N4    . C   A 1 32 ? -9.393  5.530   9.570   1.00 55.94  ? 32  C   A N4    1 
ATOM   699  C  C5    . C   A 1 32 ? -7.816  7.037   8.587   1.00 56.89  ? 32  C   A C5    1 
ATOM   700  C  C6    . C   A 1 32 ? -6.659  7.691   8.753   1.00 58.14  ? 32  C   A C6    1 
ATOM   701  P  P     . C   A 1 33 ? -1.606  5.194   7.943   1.00 61.61  ? 33  C   A P     1 
ATOM   702  O  OP1   . C   A 1 33 ? -0.282  4.994   7.317   1.00 62.13  ? 33  C   A OP1   1 
ATOM   703  O  OP2   . C   A 1 33 ? -2.804  4.682   7.240   1.00 61.47  ? 33  C   A OP2   1 
ATOM   704  O  "O5'" . C   A 1 33 ? -1.570  4.566   9.413   1.00 62.45  ? 33  C   A "O5'" 1 
ATOM   705  C  "C5'" . C   A 1 33 ? -0.531  4.864   10.365  1.00 61.62  ? 33  C   A "C5'" 1 
ATOM   706  C  "C4'" . C   A 1 33 ? -0.749  4.003   11.590  1.00 60.91  ? 33  C   A "C4'" 1 
ATOM   707  O  "O4'" . C   A 1 33 ? -2.017  4.392   12.177  1.00 60.67  ? 33  C   A "O4'" 1 
ATOM   708  C  "C3'" . C   A 1 33 ? -0.950  2.524   11.284  1.00 61.32  ? 33  C   A "C3'" 1 
ATOM   709  O  "O3'" . C   A 1 33 ? 0.247   1.765   11.182  1.00 62.25  ? 33  C   A "O3'" 1 
ATOM   710  C  "C2'" . C   A 1 33 ? -1.798  2.050   12.455  1.00 60.84  ? 33  C   A "C2'" 1 
ATOM   711  O  "O2'" . C   A 1 33 ? -1.028  1.751   13.601  1.00 61.01  ? 33  C   A "O2'" 1 
ATOM   712  C  "C1'" . C   A 1 33 ? -2.714  3.253   12.668  1.00 60.43  ? 33  C   A "C1'" 1 
ATOM   713  N  N1    . C   A 1 33 ? -4.050  3.052   11.972  1.00 60.10  ? 33  C   A N1    1 
ATOM   714  C  C2    . C   A 1 33 ? -4.994  2.148   12.509  1.00 59.53  ? 33  C   A C2    1 
ATOM   715  O  O2    . C   A 1 33 ? -4.745  1.527   13.555  1.00 59.38  ? 33  C   A O2    1 
ATOM   716  N  N3    . C   A 1 33 ? -6.178  1.974   11.864  1.00 58.68  ? 33  C   A N3    1 
ATOM   717  C  C4    . C   A 1 33 ? -6.446  2.642   10.741  1.00 58.34  ? 33  C   A C4    1 
ATOM   718  N  N4    . C   A 1 33 ? -7.628  2.427   10.161  1.00 57.40  ? 33  C   A N4    1 
ATOM   719  C  C5    . C   A 1 33 ? -5.507  3.555   10.166  1.00 58.83  ? 33  C   A C5    1 
ATOM   720  C  C6    . C   A 1 33 ? -4.341  3.722   10.808  1.00 59.88  ? 33  C   A C6    1 
ATOM   721  P  P     . U   A 1 34 ? 0.248   0.538   10.140  1.00 63.98  ? 34  U   A P     1 
ATOM   722  O  OP1   . U   A 1 34 ? 1.515   0.610   9.373   1.00 64.29  ? 34  U   A OP1   1 
ATOM   723  O  OP2   . U   A 1 34 ? -1.035  0.589   9.407   1.00 64.03  ? 34  U   A OP2   1 
ATOM   724  O  "O5'" . U   A 1 34 ? 0.249   -0.825  10.984  1.00 62.47  ? 34  U   A "O5'" 1 
ATOM   725  C  "C5'" . U   A 1 34 ? 0.242   -0.875  12.402  1.00 61.58  ? 34  U   A "C5'" 1 
ATOM   726  C  "C4'" . U   A 1 34 ? -0.659  -1.992  12.902  1.00 60.57  ? 34  U   A "C4'" 1 
ATOM   727  O  "O4'" . U   A 1 34 ? -1.965  -1.465  13.247  1.00 60.16  ? 34  U   A "O4'" 1 
ATOM   728  C  "C3'" . U   A 1 34 ? -0.995  -3.090  11.903  1.00 60.22  ? 34  U   A "C3'" 1 
ATOM   729  O  "O3'" . U   A 1 34 ? 0.097   -3.985  11.718  1.00 60.75  ? 34  U   A "O3'" 1 
ATOM   730  C  "C2'" . U   A 1 34 ? -2.194  -3.720  12.597  1.00 60.07  ? 34  U   A "C2'" 1 
ATOM   731  O  "O2'" . U   A 1 34 ? -1.863  -4.460  13.755  1.00 60.11  ? 34  U   A "O2'" 1 
ATOM   732  C  "C1'" . U   A 1 34 ? -2.947  -2.468  13.030  1.00 59.14  ? 34  U   A "C1'" 1 
ATOM   733  N  N1    . U   A 1 34 ? -4.016  -1.977  12.067  1.00 57.87  ? 34  U   A N1    1 
ATOM   734  C  C2    . U   A 1 34 ? -5.269  -2.582  12.069  1.00 56.93  ? 34  U   A C2    1 
ATOM   735  O  O2    . U   A 1 34 ? -5.583  -3.513  12.788  1.00 55.39  ? 34  U   A O2    1 
ATOM   736  N  N3    . U   A 1 34 ? -6.177  -2.061  11.175  1.00 56.27  ? 34  U   A N3    1 
ATOM   737  C  C4    . U   A 1 34 ? -5.977  -1.014  10.295  1.00 56.45  ? 34  U   A C4    1 
ATOM   738  O  O4    . U   A 1 34 ? -6.897  -0.674  9.554   1.00 55.98  ? 34  U   A O4    1 
ATOM   739  C  C5    . U   A 1 34 ? -4.652  -0.432  10.340  1.00 56.56  ? 34  U   A C5    1 
ATOM   740  C  C6    . U   A 1 34 ? -3.745  -0.921  11.202  1.00 57.08  ? 34  U   A C6    1 
ATOM   741  P  P     . U   A 1 35 ? 0.486   -4.506  10.242  1.00 61.33  ? 35  U   A P     1 
ATOM   742  O  OP1   . U   A 1 35 ? 1.838   -5.115  10.267  1.00 61.57  ? 35  U   A OP1   1 
ATOM   743  O  OP2   . U   A 1 35 ? 0.206   -3.432  9.262   1.00 61.96  ? 35  U   A OP2   1 
ATOM   744  O  "O5'" . U   A 1 35 ? -0.575  -5.672  10.036  1.00 59.33  ? 35  U   A "O5'" 1 
ATOM   745  C  "C5'" . U   A 1 35 ? -0.511  -6.849  10.830  1.00 57.25  ? 35  U   A "C5'" 1 
ATOM   746  C  "C4'" . U   A 1 35 ? -1.852  -7.539  10.751  1.00 55.01  ? 35  U   A "C4'" 1 
ATOM   747  O  "O4'" . U   A 1 35 ? -2.906  -6.596  11.057  1.00 54.27  ? 35  U   A "O4'" 1 
ATOM   748  C  "C3'" . U   A 1 35 ? -2.216  -7.956  9.348   1.00 54.47  ? 35  U   A "C3'" 1 
ATOM   749  O  "O3'" . U   A 1 35 ? -1.507  -9.127  8.990   1.00 54.00  ? 35  U   A "O3'" 1 
ATOM   750  C  "C2'" . U   A 1 35 ? -3.715  -8.191  9.509   1.00 54.16  ? 35  U   A "C2'" 1 
ATOM   751  O  "O2'" . U   A 1 35 ? -4.022  -9.491  10.002  1.00 54.30  ? 35  U   A "O2'" 1 
ATOM   752  C  "C1'" . U   A 1 35 ? -4.102  -7.050  10.459  1.00 52.70  ? 35  U   A "C1'" 1 
ATOM   753  N  N1    . U   A 1 35 ? -4.763  -5.926  9.724   1.00 50.77  ? 35  U   A N1    1 
ATOM   754  C  C2    . U   A 1 35 ? -6.119  -6.037  9.440   1.00 50.41  ? 35  U   A C2    1 
ATOM   755  O  O2    . U   A 1 35 ? -6.799  -6.999  9.776   1.00 50.90  ? 35  U   A O2    1 
ATOM   756  N  N3    . U   A 1 35 ? -6.660  -4.982  8.743   1.00 47.98  ? 35  U   A N3    1 
ATOM   757  C  C4    . U   A 1 35 ? -5.991  -3.853  8.313   1.00 47.95  ? 35  U   A C4    1 
ATOM   758  O  O4    . U   A 1 35 ? -6.612  -2.988  7.698   1.00 47.10  ? 35  U   A O4    1 
ATOM   759  C  C5    . U   A 1 35 ? -4.583  -3.805  8.653   1.00 47.95  ? 35  U   A C5    1 
ATOM   760  C  C6    . U   A 1 35 ? -4.029  -4.823  9.321   1.00 47.94  ? 35  U   A C6    1 
ATOM   761  P  P     . G   A 1 36 ? -0.933  -9.272  7.511   1.00 53.91  ? 36  G   A P     1 
ATOM   762  O  OP1   . G   A 1 36 ? -0.590  -10.695 7.255   1.00 54.58  ? 36  G   A OP1   1 
ATOM   763  O  OP2   . G   A 1 36 ? 0.092   -8.228  7.324   1.00 54.25  ? 36  G   A OP2   1 
ATOM   764  O  "O5'" . G   A 1 36 ? -2.209  -8.866  6.622   1.00 52.61  ? 36  G   A "O5'" 1 
ATOM   765  C  "C5'" . G   A 1 36 ? -3.253  -9.787  6.284   1.00 48.66  ? 36  G   A "C5'" 1 
ATOM   766  C  "C4'" . G   A 1 36 ? -4.238  -9.095  5.362   1.00 45.87  ? 36  G   A "C4'" 1 
ATOM   767  O  "O4'" . G   A 1 36 ? -4.494  -7.735  5.813   1.00 45.49  ? 36  G   A "O4'" 1 
ATOM   768  C  "C3'" . G   A 1 36 ? -3.737  -8.953  3.925   1.00 44.07  ? 36  G   A "C3'" 1 
ATOM   769  O  "O3'" . G   A 1 36 ? -4.836  -9.080  3.052   1.00 42.87  ? 36  G   A "O3'" 1 
ATOM   770  C  "C2'" . G   A 1 36 ? -3.188  -7.535  3.896   1.00 42.65  ? 36  G   A "C2'" 1 
ATOM   771  O  "O2'" . G   A 1 36 ? -3.115  -6.999  2.592   1.00 43.29  ? 36  G   A "O2'" 1 
ATOM   772  C  "C1'" . G   A 1 36 ? -4.293  -6.868  4.706   1.00 43.39  ? 36  G   A "C1'" 1 
ATOM   773  N  N9    . G   A 1 36 ? -3.989  -5.475  5.058   1.00 40.94  ? 36  G   A N9    1 
ATOM   774  C  C8    . G   A 1 36 ? -2.825  -4.980  5.595   1.00 39.96  ? 36  G   A C8    1 
ATOM   775  N  N7    . G   A 1 36 ? -2.850  -3.686  5.763   1.00 39.36  ? 36  G   A N7    1 
ATOM   776  C  C5    . G   A 1 36 ? -4.100  -3.301  5.308   1.00 39.07  ? 36  G   A C5    1 
ATOM   777  C  C6    . G   A 1 36 ? -4.697  -2.027  5.247   1.00 38.20  ? 36  G   A C6    1 
ATOM   778  O  O6    . G   A 1 36 ? -4.194  -0.962  5.600   1.00 40.02  ? 36  G   A O6    1 
ATOM   779  N  N1    . G   A 1 36 ? -5.988  -2.049  4.717   1.00 37.00  ? 36  G   A N1    1 
ATOM   780  C  C2    . G   A 1 36 ? -6.631  -3.184  4.300   1.00 37.47  ? 36  G   A C2    1 
ATOM   781  N  N2    . G   A 1 36 ? -7.873  -3.040  3.812   1.00 37.29  ? 36  G   A N2    1 
ATOM   782  N  N3    . G   A 1 36 ? -6.081  -4.389  4.356   1.00 38.41  ? 36  G   A N3    1 
ATOM   783  C  C4    . G   A 1 36 ? -4.817  -4.384  4.866   1.00 39.41  ? 36  G   A C4    1 
ATOM   784  P  P     . U   A 1 37 ? -4.961  -10.394 2.185   1.00 42.05  ? 37  U   A P     1 
ATOM   785  O  OP1   . U   A 1 37 ? -5.107  -11.551 3.095   1.00 44.87  ? 37  U   A OP1   1 
ATOM   786  O  OP2   . U   A 1 37 ? -3.866  -10.371 1.198   1.00 42.59  ? 37  U   A OP2   1 
ATOM   787  O  "O5'" . U   A 1 37 ? -6.357  -10.212 1.433   1.00 42.30  ? 37  U   A "O5'" 1 
ATOM   788  C  "C5'" . U   A 1 37 ? -7.601  -10.065 2.122   1.00 38.78  ? 37  U   A "C5'" 1 
ATOM   789  C  "C4'" . U   A 1 37 ? -8.568  -9.238  1.281   1.00 37.55  ? 37  U   A "C4'" 1 
ATOM   790  O  "O4'" . U   A 1 37 ? -8.294  -7.840  1.541   1.00 36.66  ? 37  U   A "O4'" 1 
ATOM   791  C  "C3'" . U   A 1 37 ? -8.501  -9.370  -0.243  1.00 36.91  ? 37  U   A "C3'" 1 
ATOM   792  O  "O3'" . U   A 1 37 ? -9.834  -9.270  -0.800  1.00 38.97  ? 37  U   A "O3'" 1 
ATOM   793  C  "C2'" . U   A 1 37 ? -7.656  -8.152  -0.638  1.00 35.89  ? 37  U   A "C2'" 1 
ATOM   794  O  "O2'" . U   A 1 37 ? -7.850  -7.764  -1.985  1.00 35.51  ? 37  U   A "O2'" 1 
ATOM   795  C  "C1'" . U   A 1 37 ? -8.248  -7.127  0.326   1.00 35.20  ? 37  U   A "C1'" 1 
ATOM   796  N  N1    . U   A 1 37 ? -7.506  -5.830  0.583   1.00 33.81  ? 37  U   A N1    1 
ATOM   797  C  C2    . U   A 1 37 ? -8.155  -4.622  0.338   1.00 33.14  ? 37  U   A C2    1 
ATOM   798  O  O2    . U   A 1 37 ? -9.299  -4.530  -0.091  1.00 32.41  ? 37  U   A O2    1 
ATOM   799  N  N3    . U   A 1 37 ? -7.405  -3.507  0.613   1.00 32.87  ? 37  U   A N3    1 
ATOM   800  C  C4    . U   A 1 37 ? -6.104  -3.483  1.111   1.00 34.00  ? 37  U   A C4    1 
ATOM   801  O  O4    . U   A 1 37 ? -5.552  -2.403  1.311   1.00 36.02  ? 37  U   A O4    1 
ATOM   802  C  C5    . U   A 1 37 ? -5.501  -4.765  1.352   1.00 31.95  ? 37  U   A C5    1 
ATOM   803  C  C6    . U   A 1 37 ? -6.214  -5.865  1.089   1.00 32.70  ? 37  U   A C6    1 
ATOM   804  P  P     . A   A 1 38 ? -10.926 -10.446 -0.716  1.00 37.04  ? 38  A   A P     1 
ATOM   805  O  OP1   . A   A 1 38 ? -11.566 -10.386 0.600   1.00 41.00  ? 38  A   A OP1   1 
ATOM   806  O  OP2   . A   A 1 38 ? -10.258 -11.678 -1.117  1.00 40.18  ? 38  A   A OP2   1 
ATOM   807  O  "O5'" . A   A 1 38 ? -12.027 -10.051 -1.798  1.00 38.82  ? 38  A   A "O5'" 1 
ATOM   808  C  "C5'" . A   A 1 38 ? -13.405 -10.006 -1.434  1.00 37.40  ? 38  A   A "C5'" 1 
ATOM   809  C  "C4'" . A   A 1 38 ? -14.157 -9.101  -2.394  1.00 38.03  ? 38  A   A "C4'" 1 
ATOM   810  O  "O4'" . A   A 1 38 ? -13.956 -7.703  -2.045  1.00 36.66  ? 38  A   A "O4'" 1 
ATOM   811  C  "C3'" . A   A 1 38 ? -13.709 -9.211  -3.845  1.00 38.61  ? 38  A   A "C3'" 1 
ATOM   812  O  "O3'" . A   A 1 38 ? -14.394 -10.275 -4.487  1.00 39.50  ? 38  A   A "O3'" 1 
ATOM   813  C  "C2'" . A   A 1 38 ? -14.117 -7.846  -4.383  1.00 37.59  ? 38  A   A "C2'" 1 
ATOM   814  O  "O2'" . A   A 1 38 ? -15.505 -7.720  -4.569  1.00 37.88  ? 38  A   A "O2'" 1 
ATOM   815  C  "C1'" . A   A 1 38 ? -13.708 -6.954  -3.227  1.00 36.79  ? 38  A   A "C1'" 1 
ATOM   816  N  N9    . A   A 1 38 ? -12.308 -6.513  -3.297  1.00 35.03  ? 38  A   A N9    1 
ATOM   817  C  C8    . A   A 1 38 ? -11.286 -6.901  -2.478  1.00 33.74  ? 38  A   A C8    1 
ATOM   818  N  N7    . A   A 1 38 ? -10.132 -6.354  -2.761  1.00 34.06  ? 38  A   A N7    1 
ATOM   819  C  C5    . A   A 1 38 ? -10.405 -5.535  -3.850  1.00 34.21  ? 38  A   A C5    1 
ATOM   820  C  C6    . A   A 1 38 ? -9.611  -4.663  -4.625  1.00 32.92  ? 38  A   A C6    1 
ATOM   821  N  N6    . A   A 1 38 ? -8.307  -4.461  -4.414  1.00 32.21  ? 38  A   A N6    1 
ATOM   822  N  N1    . A   A 1 38 ? -10.205 -4.000  -5.646  1.00 33.44  ? 38  A   A N1    1 
ATOM   823  C  C2    . A   A 1 38 ? -11.502 -4.178  -5.861  1.00 33.02  ? 38  A   A C2    1 
ATOM   824  N  N3    . A   A 1 38 ? -12.343 -4.959  -5.186  1.00 34.95  ? 38  A   A N3    1 
ATOM   825  C  C4    . A   A 1 38 ? -11.743 -5.621  -4.189  1.00 34.67  ? 38  A   A C4    1 
ATOM   826  P  P     . A   A 1 39 ? -13.671 -11.240 -5.543  1.00 40.69  ? 39  A   A P     1 
ATOM   827  O  OP1   . A   A 1 39 ? -14.681 -12.234 -5.984  1.00 42.31  ? 39  A   A OP1   1 
ATOM   828  O  OP2   . A   A 1 39 ? -12.399 -11.702 -4.963  1.00 40.68  ? 39  A   A OP2   1 
ATOM   829  O  "O5'" . A   A 1 39 ? -13.307 -10.327 -6.792  1.00 40.51  ? 39  A   A "O5'" 1 
ATOM   830  C  "C5'" . A   A 1 39 ? -14.303 -9.734  -7.637  1.00 40.37  ? 39  A   A "C5'" 1 
ATOM   831  C  "C4'" . A   A 1 39 ? -13.665 -8.627  -8.457  1.00 40.15  ? 39  A   A "C4'" 1 
ATOM   832  O  "O4'" . A   A 1 39 ? -13.109 -7.620  -7.564  1.00 40.29  ? 39  A   A "O4'" 1 
ATOM   833  C  "C3'" . A   A 1 39 ? -12.452 -9.065  -9.263  1.00 40.81  ? 39  A   A "C3'" 1 
ATOM   834  O  "O3'" . A   A 1 39 ? -12.817 -9.657  -10.500 1.00 42.28  ? 39  A   A "O3'" 1 
ATOM   835  C  "C2'" . A   A 1 39 ? -11.725 -7.740  -9.457  1.00 40.26  ? 39  A   A "C2'" 1 
ATOM   836  O  "O2'" . A   A 1 39 ? -12.293 -6.897  -10.446 1.00 40.93  ? 39  A   A "O2'" 1 
ATOM   837  C  "C1'" . A   A 1 39 ? -11.872 -7.136  -8.067  1.00 38.02  ? 39  A   A "C1'" 1 
ATOM   838  N  N9    . A   A 1 39 ? -10.750 -7.470  -7.174  1.00 35.40  ? 39  A   A N9    1 
ATOM   839  C  C8    . A   A 1 39 ? -10.727 -8.388  -6.163  1.00 34.65  ? 39  A   A C8    1 
ATOM   840  N  N7    . A   A 1 39 ? -9.569  -8.476  -5.548  1.00 34.17  ? 39  A   A N7    1 
ATOM   841  C  C5    . A   A 1 39 ? -8.769  -7.550  -6.192  1.00 32.90  ? 39  A   A C5    1 
ATOM   842  C  C6    . A   A 1 39 ? -7.426  -7.135  -6.013  1.00 32.79  ? 39  A   A C6    1 
ATOM   843  N  N6    . A   A 1 39 ? -6.598  -7.623  -5.083  1.00 29.80  ? 39  A   A N6    1 
ATOM   844  N  N1    . A   A 1 39 ? -6.945  -6.187  -6.855  1.00 33.41  ? 39  A   A N1    1 
ATOM   845  C  C2    . A   A 1 39 ? -7.746  -5.662  -7.793  1.00 30.86  ? 39  A   A C2    1 
ATOM   846  N  N3    . A   A 1 39 ? -9.010  -5.963  -8.037  1.00 30.72  ? 39  A   A N3    1 
ATOM   847  C  C4    . A   A 1 39 ? -9.477  -6.920  -7.203  1.00 33.65  ? 39  A   A C4    1 
ATOM   848  P  P     . C   A 1 40 ? -12.056 -10.940 -11.069 1.00 42.71  ? 40  C   A P     1 
ATOM   849  O  OP1   . C   A 1 40 ? -12.910 -11.479 -12.145 1.00 46.01  ? 40  C   A OP1   1 
ATOM   850  O  OP2   . C   A 1 40 ? -11.678 -11.824 -9.958  1.00 43.59  ? 40  C   A OP2   1 
ATOM   851  O  "O5'" . C   A 1 40 ? -10.702 -10.379 -11.702 1.00 42.91  ? 40  C   A "O5'" 1 
ATOM   852  C  "C5'" . C   A 1 40 ? -10.671 -9.518  -12.817 1.00 41.06  ? 40  C   A "C5'" 1 
ATOM   853  C  "C4'" . C   A 1 40 ? -9.357  -8.760  -12.811 1.00 41.75  ? 40  C   A "C4'" 1 
ATOM   854  O  "O4'" . C   A 1 40 ? -9.201  -8.029  -11.566 1.00 42.35  ? 40  C   A "O4'" 1 
ATOM   855  C  "C3'" . C   A 1 40 ? -8.103  -9.613  -12.832 1.00 41.63  ? 40  C   A "C3'" 1 
ATOM   856  O  "O3'" . C   A 1 40 ? -7.866  -10.123 -14.141 1.00 43.19  ? 40  C   A "O3'" 1 
ATOM   857  C  "C2'" . C   A 1 40 ? -7.070  -8.577  -12.366 1.00 41.14  ? 40  C   A "C2'" 1 
ATOM   858  O  "O2'" . C   A 1 40 ? -6.695  -7.607  -13.333 1.00 41.43  ? 40  C   A "O2'" 1 
ATOM   859  C  "C1'" . C   A 1 40 ? -7.824  -7.914  -11.219 1.00 39.77  ? 40  C   A "C1'" 1 
ATOM   860  N  N1    . C   A 1 40 ? -7.529  -8.638  -9.943  1.00 38.92  ? 40  C   A N1    1 
ATOM   861  C  C2    . C   A 1 40 ? -6.277  -8.439  -9.333  1.00 37.63  ? 40  C   A C2    1 
ATOM   862  O  O2    . C   A 1 40 ? -5.458  -7.658  -9.849  1.00 35.62  ? 40  C   A O2    1 
ATOM   863  N  N3    . C   A 1 40 ? -6.003  -9.125  -8.191  1.00 36.79  ? 40  C   A N3    1 
ATOM   864  C  C4    . C   A 1 40 ? -6.912  -9.966  -7.678  1.00 36.72  ? 40  C   A C4    1 
ATOM   865  N  N4    . C   A 1 40 ? -6.594  -10.604 -6.550  1.00 34.25  ? 40  C   A N4    1 
ATOM   866  C  C5    . C   A 1 40 ? -8.185  -10.186 -8.285  1.00 36.01  ? 40  C   A C5    1 
ATOM   867  C  C6    . C   A 1 40 ? -8.445  -9.512  -9.407  1.00 36.59  ? 40  C   A C6    1 
ATOM   868  P  P     . C   A 1 41 ? -7.037  -11.474 -14.409 1.00 42.69  ? 41  C   A P     1 
ATOM   869  O  OP1   . C   A 1 41 ? -7.186  -11.794 -15.842 1.00 45.77  ? 41  C   A OP1   1 
ATOM   870  O  OP2   . C   A 1 41 ? -7.445  -12.482 -13.415 1.00 42.72  ? 41  C   A OP2   1 
ATOM   871  O  "O5'" . C   A 1 41 ? -5.508  -11.058 -14.142 1.00 42.81  ? 41  C   A "O5'" 1 
ATOM   872  C  "C5'" . C   A 1 41 ? -4.824  -10.081 -14.901 1.00 41.96  ? 41  C   A "C5'" 1 
ATOM   873  C  "C4'" . C   A 1 41 ? -3.410  -9.953  -14.375 1.00 42.03  ? 41  C   A "C4'" 1 
ATOM   874  O  "O4'" . C   A 1 41 ? -3.421  -9.384  -13.040 1.00 41.80  ? 41  C   A "O4'" 1 
ATOM   875  C  "C3'" . C   A 1 41 ? -2.709  -11.281 -14.122 1.00 42.57  ? 41  C   A "C3'" 1 
ATOM   876  O  "O3'" . C   A 1 41 ? -2.218  -11.859 -15.319 1.00 45.23  ? 41  C   A "O3'" 1 
ATOM   877  C  "C2'" . C   A 1 41 ? -1.560  -10.797 -13.267 1.00 41.30  ? 41  C   A "C2'" 1 
ATOM   878  O  "O2'" . C   A 1 41 ? -0.635  -10.064 -14.047 1.00 42.12  ? 41  C   A "O2'" 1 
ATOM   879  C  "C1'" . C   A 1 41 ? -2.322  -9.896  -12.300 1.00 39.22  ? 41  C   A "C1'" 1 
ATOM   880  N  N1    . C   A 1 41 ? -2.772  -10.626 -11.065 1.00 36.58  ? 41  C   A N1    1 
ATOM   881  C  C2    . C   A 1 41 ? -1.843  -10.848 -10.041 1.00 35.19  ? 41  C   A C2    1 
ATOM   882  O  O2    . C   A 1 41 ? -0.687  -10.432 -10.161 1.00 35.36  ? 41  C   A O2    1 
ATOM   883  N  N3    . C   A 1 41 ? -2.235  -11.502 -8.926  1.00 33.99  ? 41  C   A N3    1 
ATOM   884  C  C4    . C   A 1 41 ? -3.486  -11.945 -8.813  1.00 34.50  ? 41  C   A C4    1 
ATOM   885  N  N4    . C   A 1 41 ? -3.804  -12.590 -7.687  1.00 33.15  ? 41  C   A N4    1 
ATOM   886  C  C5    . C   A 1 41 ? -4.454  -11.750 -9.846  1.00 33.08  ? 41  C   A C5    1 
ATOM   887  C  C6    . C   A 1 41 ? -4.058  -11.085 -10.934 1.00 35.00  ? 41  C   A C6    1 
ATOM   888  P  P     . G   A 1 42 ? -2.108  -13.447 -15.480 1.00 43.41  ? 42  G   A P     1 
ATOM   889  O  OP1   . G   A 1 42 ? -1.789  -13.637 -16.902 1.00 46.89  ? 42  G   A OP1   1 
ATOM   890  O  OP2   . G   A 1 42 ? -3.299  -14.095 -14.899 1.00 43.30  ? 42  G   A OP2   1 
ATOM   891  O  "O5'" . G   A 1 42 ? -0.838  -13.868 -14.611 1.00 42.56  ? 42  G   A "O5'" 1 
ATOM   892  C  "C5'" . G   A 1 42 ? 0.451   -13.512 -15.032 1.00 41.31  ? 42  G   A "C5'" 1 
ATOM   893  C  "C4'" . G   A 1 42 ? 1.405   -13.815 -13.903 1.00 42.51  ? 42  G   A "C4'" 1 
ATOM   894  O  "O4'" . G   A 1 42 ? 1.022   -13.040 -12.740 1.00 42.65  ? 42  G   A "O4'" 1 
ATOM   895  C  "C3'" . G   A 1 42 ? 1.358   -15.227 -13.357 1.00 43.40  ? 42  G   A "C3'" 1 
ATOM   896  O  "O3'" . G   A 1 42 ? 2.031   -16.107 -14.206 1.00 45.75  ? 42  G   A "O3'" 1 
ATOM   897  C  "C2'" . G   A 1 42 ? 2.128   -15.001 -12.070 1.00 43.06  ? 42  G   A "C2'" 1 
ATOM   898  O  "O2'" . G   A 1 42 ? 3.522   -14.900 -12.284 1.00 45.84  ? 42  G   A "O2'" 1 
ATOM   899  C  "C1'" . G   A 1 42 ? 1.481   -13.691 -11.574 1.00 40.89  ? 42  G   A "C1'" 1 
ATOM   900  N  N9    . G   A 1 42 ? 0.340   -14.053 -10.739 1.00 36.35  ? 42  G   A N9    1 
ATOM   901  C  C8    . G   A 1 42 ? -0.978  -14.124 -11.107 1.00 34.99  ? 42  G   A C8    1 
ATOM   902  N  N7    . G   A 1 42 ? -1.765  -14.536 -10.156 1.00 33.69  ? 42  G   A N7    1 
ATOM   903  C  C5    . G   A 1 42 ? -0.903  -14.754 -9.091  1.00 33.92  ? 42  G   A C5    1 
ATOM   904  C  C6    . G   A 1 42 ? -1.157  -15.219 -7.781  1.00 34.15  ? 42  G   A C6    1 
ATOM   905  O  O6    . G   A 1 42 ? -2.238  -15.524 -7.277  1.00 35.18  ? 42  G   A O6    1 
ATOM   906  N  N1    . G   A 1 42 ? -0.003  -15.318 -7.002  1.00 34.37  ? 42  G   A N1    1 
ATOM   907  C  C2    . G   A 1 42 ? 1.261   -15.016 -7.444  1.00 33.01  ? 42  G   A C2    1 
ATOM   908  N  N2    . G   A 1 42 ? 2.255   -15.182 -6.565  1.00 33.10  ? 42  G   A N2    1 
ATOM   909  N  N3    . G   A 1 42 ? 1.516   -14.573 -8.663  1.00 33.38  ? 42  G   A N3    1 
ATOM   910  C  C4    . G   A 1 42 ? 0.396   -14.470 -9.431  1.00 34.51  ? 42  G   A C4    1 
ATOM   911  P  P     . A   A 1 43 ? 1.376   -17.483 -14.694 1.00 46.62  ? 43  A   A P     1 
ATOM   912  O  OP1   . A   A 1 43 ? 2.216   -17.944 -15.815 1.00 48.28  ? 43  A   A OP1   1 
ATOM   913  O  OP2   . A   A 1 43 ? -0.085  -17.340 -14.850 1.00 47.01  ? 43  A   A OP2   1 
ATOM   914  O  "O5'" . A   A 1 43 ? 1.638   -18.443 -13.460 1.00 46.06  ? 43  A   A "O5'" 1 
ATOM   915  C  "C5'" . A   A 1 43 ? 0.899   -19.627 -13.252 1.00 43.75  ? 43  A   A "C5'" 1 
ATOM   916  C  "C4'" . A   A 1 43 ? 1.691   -20.443 -12.260 1.00 42.87  ? 43  A   A "C4'" 1 
ATOM   917  O  "O4'" . A   A 1 43 ? 3.035   -20.617 -12.769 1.00 42.73  ? 43  A   A "O4'" 1 
ATOM   918  C  "C3'" . A   A 1 43 ? 1.934   -19.737 -10.940 1.00 41.81  ? 43  A   A "C3'" 1 
ATOM   919  O  "O3'" . A   A 1 43 ? 0.849   -19.964 -10.081 1.00 42.38  ? 43  A   A "O3'" 1 
ATOM   920  C  "C2'" . A   A 1 43 ? 3.195   -20.411 -10.418 1.00 41.43  ? 43  A   A "C2'" 1 
ATOM   921  O  "O2'" . A   A 1 43 ? 2.942   -21.705 -9.921  1.00 40.60  ? 43  A   A "O2'" 1 
ATOM   922  C  "C1'" . A   A 1 43 ? 3.978   -20.565 -11.701 1.00 40.83  ? 43  A   A "C1'" 1 
ATOM   923  N  N9    . A   A 1 43 ? 5.029   -19.601 -12.049 1.00 39.79  ? 43  A   A N9    1 
ATOM   924  C  C8    . A   A 1 43 ? 4.971   -18.681 -13.061 1.00 39.54  ? 43  A   A C8    1 
ATOM   925  N  N7    . A   A 1 43 ? 6.067   -17.973 -13.200 1.00 38.07  ? 43  A   A N7    1 
ATOM   926  C  C5    . A   A 1 43 ? 6.913   -18.468 -12.233 1.00 36.92  ? 43  A   A C5    1 
ATOM   927  C  C6    . A   A 1 43 ? 8.238   -18.135 -11.884 1.00 36.06  ? 43  A   A C6    1 
ATOM   928  N  N6    . A   A 1 43 ? 8.937   -17.181 -12.505 1.00 34.02  ? 43  A   A N6    1 
ATOM   929  N  N1    . A   A 1 43 ? 8.811   -18.822 -10.867 1.00 37.18  ? 43  A   A N1    1 
ATOM   930  C  C2    . A   A 1 43 ? 8.097   -19.777 -10.244 1.00 37.68  ? 43  A   A C2    1 
ATOM   931  N  N3    . A   A 1 43 ? 6.843   -20.176 -10.493 1.00 37.62  ? 43  A   A N3    1 
ATOM   932  C  C4    . A   A 1 43 ? 6.296   -19.480 -11.511 1.00 38.13  ? 43  A   A C4    1 
ATOM   933  P  P     . A   A 1 44 ? 0.382   -18.794 -9.107  1.00 41.18  ? 44  A   A P     1 
ATOM   934  O  OP1   . A   A 1 44 ? -0.916  -19.201 -8.528  1.00 41.31  ? 44  A   A OP1   1 
ATOM   935  O  OP2   . A   A 1 44 ? 0.526   -17.550 -9.905  1.00 40.73  ? 44  A   A OP2   1 
ATOM   936  O  "O5'" . A   A 1 44 ? 1.449   -18.821 -7.916  1.00 40.68  ? 44  A   A "O5'" 1 
ATOM   937  C  "C5'" . A   A 1 44 ? 1.437   -19.883 -6.975  1.00 39.40  ? 44  A   A "C5'" 1 
ATOM   938  C  "C4'" . A   A 1 44 ? 2.752   -19.952 -6.228  1.00 39.78  ? 44  A   A "C4'" 1 
ATOM   939  O  "O4'" . A   A 1 44 ? 3.886   -20.022 -7.144  1.00 40.05  ? 44  A   A "O4'" 1 
ATOM   940  C  "C3'" . A   A 1 44 ? 3.034   -18.744 -5.362  1.00 38.75  ? 44  A   A "C3'" 1 
ATOM   941  O  "O3'" . A   A 1 44 ? 2.395   -18.909 -4.131  1.00 37.76  ? 44  A   A "O3'" 1 
ATOM   942  C  "C2'" . A   A 1 44 ? 4.548   -18.817 -5.220  1.00 39.35  ? 44  A   A "C2'" 1 
ATOM   943  O  "O2'" . A   A 1 44 ? 4.967   -19.791 -4.281  1.00 39.63  ? 44  A   A "O2'" 1 
ATOM   944  C  "C1'" . A   A 1 44 ? 4.958   -19.260 -6.621  1.00 39.28  ? 44  A   A "C1'" 1 
ATOM   945  N  N9    . A   A 1 44 ? 5.319   -18.206 -7.575  1.00 38.60  ? 44  A   A N9    1 
ATOM   946  C  C8    . A   A 1 44 ? 4.510   -17.533 -8.451  1.00 36.60  ? 44  A   A C8    1 
ATOM   947  N  N7    . A   A 1 44 ? 5.146   -16.656 -9.198  1.00 37.08  ? 44  A   A N7    1 
ATOM   948  C  C5    . A   A 1 44 ? 6.464   -16.759 -8.778  1.00 37.92  ? 44  A   A C5    1 
ATOM   949  C  C6    . A   A 1 44 ? 7.659   -16.110 -9.175  1.00 38.38  ? 44  A   A C6    1 
ATOM   950  N  N6    . A   A 1 44 ? 7.677   -15.181 -10.134 1.00 37.40  ? 44  A   A N6    1 
ATOM   951  N  N1    . A   A 1 44 ? 8.828   -16.447 -8.560  1.00 37.31  ? 44  A   A N1    1 
ATOM   952  C  C2    . A   A 1 44 ? 8.811   -17.387 -7.601  1.00 38.00  ? 44  A   A C2    1 
ATOM   953  N  N3    . A   A 1 44 ? 7.754   -18.076 -7.145  1.00 38.94  ? 44  A   A N3    1 
ATOM   954  C  C4    . A   A 1 44 ? 6.598   -17.712 -7.777  1.00 39.14  ? 44  A   A C4    1 
ATOM   955  P  P     . A   A 1 45 ? 1.839   -17.618 -3.380  1.00 38.45  ? 45  A   A P     1 
ATOM   956  O  OP1   . A   A 1 45 ? 0.932   -18.068 -2.312  1.00 40.68  ? 45  A   A OP1   1 
ATOM   957  O  OP2   . A   A 1 45 ? 1.403   -16.649 -4.406  1.00 38.36  ? 45  A   A OP2   1 
ATOM   958  O  "O5'" . A   A 1 45 ? 3.120   -17.042 -2.627  1.00 38.73  ? 45  A   A "O5'" 1 
ATOM   959  C  "C5'" . A   A 1 45 ? 3.859   -17.856 -1.721  1.00 37.28  ? 45  A   A "C5'" 1 
ATOM   960  C  "C4'" . A   A 1 45 ? 5.190   -17.178 -1.508  1.00 37.72  ? 45  A   A "C4'" 1 
ATOM   961  O  "O4'" . A   A 1 45 ? 5.919   -17.184 -2.755  1.00 37.02  ? 45  A   A "O4'" 1 
ATOM   962  C  "C3'" . A   A 1 45 ? 5.066   -15.708 -1.179  1.00 37.67  ? 45  A   A "C3'" 1 
ATOM   963  O  "O3'" . A   A 1 45 ? 4.866   -15.550 0.208   1.00 37.85  ? 45  A   A "O3'" 1 
ATOM   964  C  "C2'" . A   A 1 45 ? 6.400   -15.145 -1.650  1.00 37.06  ? 45  A   A "C2'" 1 
ATOM   965  O  "O2'" . A   A 1 45 ? 7.418   -15.245 -0.676  1.00 36.74  ? 45  A   A "O2'" 1 
ATOM   966  C  "C1'" . A   A 1 45 ? 6.693   -16.019 -2.857  1.00 36.25  ? 45  A   A "C1'" 1 
ATOM   967  N  N9    . A   A 1 45 ? 6.349   -15.349 -4.099  1.00 37.50  ? 45  A   A N9    1 
ATOM   968  C  C8    . A   A 1 45 ? 5.105   -15.126 -4.631  1.00 36.99  ? 45  A   A C8    1 
ATOM   969  N  N7    . A   A 1 45 ? 5.143   -14.481 -5.770  1.00 36.67  ? 45  A   A N7    1 
ATOM   970  C  C5    . A   A 1 45 ? 6.494   -14.267 -5.990  1.00 35.99  ? 45  A   A C5    1 
ATOM   971  C  C6    . A   A 1 45 ? 7.211   -13.637 -7.026  1.00 36.50  ? 45  A   A C6    1 
ATOM   972  N  N6    . A   A 1 45 ? 6.617   -13.075 -8.079  1.00 35.72  ? 45  A   A N6    1 
ATOM   973  N  N1    . A   A 1 45 ? 8.565   -13.609 -6.947  1.00 37.30  ? 45  A   A N1    1 
ATOM   974  C  C2    . A   A 1 45 ? 9.163   -14.177 -5.889  1.00 36.93  ? 45  A   A C2    1 
ATOM   975  N  N3    . A   A 1 45 ? 8.592   -14.791 -4.855  1.00 35.50  ? 45  A   A N3    1 
ATOM   976  C  C4    . A   A 1 45 ? 7.252   -14.798 -4.972  1.00 36.12  ? 45  A   A C4    1 
ATOM   977  P  P     . G   A 1 46 ? 3.925   -14.385 0.761   1.00 37.58  ? 46  G   A P     1 
ATOM   978  O  OP1   . G   A 1 46 ? 4.203   -14.312 2.201   1.00 39.38  ? 46  G   A OP1   1 
ATOM   979  O  OP2   . G   A 1 46 ? 2.548   -14.595 0.261   1.00 38.88  ? 46  G   A OP2   1 
ATOM   980  O  "O5'" . G   A 1 46 ? 4.552   -13.089 0.061   1.00 37.46  ? 46  G   A "O5'" 1 
ATOM   981  C  "C5'" . G   A 1 46 ? 3.827   -11.936 -0.277  1.00 36.56  ? 46  G   A "C5'" 1 
ATOM   982  C  "C4'" . G   A 1 46 ? 4.379   -11.477 -1.614  1.00 38.17  ? 46  G   A "C4'" 1 
ATOM   983  O  "O4'" . G   A 1 46 ? 4.250   -12.525 -2.607  1.00 39.43  ? 46  G   A "O4'" 1 
ATOM   984  C  "C3'" . G   A 1 46 ? 3.620   -10.328 -2.225  1.00 37.74  ? 46  G   A "C3'" 1 
ATOM   985  O  "O3'" . G   A 1 46 ? 4.030   -9.118  -1.608  1.00 37.72  ? 46  G   A "O3'" 1 
ATOM   986  C  "C2'" . G   A 1 46 ? 3.939   -10.495 -3.714  1.00 37.37  ? 46  G   A "C2'" 1 
ATOM   987  O  "O2'" . G   A 1 46 ? 5.207   -10.054 -4.147  1.00 39.00  ? 46  G   A "O2'" 1 
ATOM   988  C  "C1'" . G   A 1 46 ? 3.822   -12.009 -3.857  1.00 37.38  ? 46  G   A "C1'" 1 
ATOM   989  N  N9    . G   A 1 46 ? 2.428   -12.391 -4.091  1.00 36.36  ? 46  G   A N9    1 
ATOM   990  C  C8    . G   A 1 46 ? 1.589   -13.071 -3.229  1.00 35.43  ? 46  G   A C8    1 
ATOM   991  N  N7    . G   A 1 46 ? 0.394   -13.241 -3.712  1.00 34.64  ? 46  G   A N7    1 
ATOM   992  C  C5    . G   A 1 46 ? 0.435   -12.627 -4.962  1.00 34.06  ? 46  G   A C5    1 
ATOM   993  C  C6    . G   A 1 46 ? -0.562  -12.474 -5.949  1.00 32.79  ? 46  G   A C6    1 
ATOM   994  O  O6    . G   A 1 46 ? -1.715  -12.870 -5.909  1.00 33.24  ? 46  G   A O6    1 
ATOM   995  N  N1    . G   A 1 46 ? -0.138  -11.806 -7.093  1.00 33.05  ? 46  G   A N1    1 
ATOM   996  C  C2    . G   A 1 46 ? 1.128   -11.311 -7.264  1.00 33.17  ? 46  G   A C2    1 
ATOM   997  N  N2    . G   A 1 46 ? 1.361   -10.678 -8.429  1.00 30.81  ? 46  G   A N2    1 
ATOM   998  N  N3    . G   A 1 46 ? 2.085   -11.438 -6.340  1.00 34.03  ? 46  G   A N3    1 
ATOM   999  C  C4    . G   A 1 46 ? 1.676   -12.102 -5.217  1.00 35.00  ? 46  G   A C4    1 
ATOM   1000 P  P     . G   A 1 47 ? 2.965   -7.924  -1.421  1.00 38.46  ? 47  G   A P     1 
ATOM   1001 O  OP1   . G   A 1 47 ? 3.638   -6.858  -0.652  1.00 38.43  ? 47  G   A OP1   1 
ATOM   1002 O  OP2   . G   A 1 47 ? 1.713   -8.521  -0.928  1.00 36.35  ? 47  G   A OP2   1 
ATOM   1003 O  "O5'" . G   A 1 47 ? 2.711   -7.405  -2.914  1.00 36.27  ? 47  G   A "O5'" 1 
ATOM   1004 C  "C5'" . G   A 1 47 ? 3.744   -6.893  -3.735  1.00 34.85  ? 47  G   A "C5'" 1 
ATOM   1005 C  "C4'" . G   A 1 47 ? 3.165   -6.661  -5.108  1.00 35.38  ? 47  G   A "C4'" 1 
ATOM   1006 O  "O4'" . G   A 1 47 ? 2.653   -7.919  -5.620  1.00 36.41  ? 47  G   A "O4'" 1 
ATOM   1007 C  "C3'" . G   A 1 47 ? 1.921   -5.787  -5.113  1.00 35.63  ? 47  G   A "C3'" 1 
ATOM   1008 O  "O3'" . G   A 1 47 ? 2.192   -4.394  -4.999  1.00 36.26  ? 47  G   A "O3'" 1 
ATOM   1009 C  "C2'" . G   A 1 47 ? 1.318   -6.165  -6.458  1.00 35.76  ? 47  G   A "C2'" 1 
ATOM   1010 O  "O2'" . G   A 1 47 ? 1.951   -5.551  -7.562  1.00 35.76  ? 47  G   A "O2'" 1 
ATOM   1011 C  "C1'" . G   A 1 47 ? 1.514   -7.679  -6.441  1.00 35.33  ? 47  G   A "C1'" 1 
ATOM   1012 N  N9    . G   A 1 47 ? 0.310   -8.333  -5.927  1.00 33.69  ? 47  G   A N9    1 
ATOM   1013 C  C8    . G   A 1 47 ? 0.129   -8.960  -4.714  1.00 34.20  ? 47  G   A C8    1 
ATOM   1014 N  N7    . G   A 1 47 ? -1.077  -9.447  -4.551  1.00 33.01  ? 47  G   A N7    1 
ATOM   1015 C  C5    . G   A 1 47 ? -1.741  -9.105  -5.731  1.00 32.72  ? 47  G   A C5    1 
ATOM   1016 C  C6    . G   A 1 47 ? -3.080  -9.341  -6.144  1.00 33.34  ? 47  G   A C6    1 
ATOM   1017 O  O6    . G   A 1 47 ? -3.959  -9.925  -5.505  1.00 34.37  ? 47  G   A O6    1 
ATOM   1018 N  N1    . G   A 1 47 ? -3.383  -8.822  -7.417  1.00 32.75  ? 47  G   A N1    1 
ATOM   1019 C  C2    . G   A 1 47 ? -2.458  -8.150  -8.191  1.00 32.43  ? 47  G   A C2    1 
ATOM   1020 N  N2    . G   A 1 47 ? -2.862  -7.719  -9.386  1.00 32.46  ? 47  G   A N2    1 
ATOM   1021 N  N3    . G   A 1 47 ? -1.204  -7.927  -7.821  1.00 32.22  ? 47  G   A N3    1 
ATOM   1022 C  C4    . G   A 1 47 ? -0.908  -8.421  -6.582  1.00 33.01  ? 47  G   A C4    1 
ATOM   1023 P  P     . G   A 1 48 ? 1.286   -3.451  -4.064  1.00 35.17  ? 48  G   A P     1 
ATOM   1024 O  OP1   . G   A 1 48 ? 1.499   -2.074  -4.481  1.00 36.41  ? 48  G   A OP1   1 
ATOM   1025 O  OP2   . G   A 1 48 ? 1.503   -3.812  -2.651  1.00 36.60  ? 48  G   A OP2   1 
ATOM   1026 O  "O5'" . G   A 1 48 ? -0.199  -3.851  -4.517  1.00 36.43  ? 48  G   A "O5'" 1 
ATOM   1027 C  "C5'" . G   A 1 48 ? -0.848  -3.194  -5.593  1.00 33.53  ? 48  G   A "C5'" 1 
ATOM   1028 C  "C4'" . G   A 1 48 ? -2.061  -4.000  -5.996  1.00 32.77  ? 48  G   A "C4'" 1 
ATOM   1029 O  "O4'" . G   A 1 48 ? -3.091  -3.798  -5.000  1.00 31.92  ? 48  G   A "O4'" 1 
ATOM   1030 C  "C3'" . G   A 1 48 ? -2.698  -3.564  -7.300  1.00 32.46  ? 48  G   A "C3'" 1 
ATOM   1031 O  "O3'" . G   A 1 48 ? -2.093  -4.245  -8.382  1.00 35.59  ? 48  G   A "O3'" 1 
ATOM   1032 C  "C2'" . G   A 1 48 ? -4.156  -3.935  -7.045  1.00 31.44  ? 48  G   A "C2'" 1 
ATOM   1033 O  "O2'" . G   A 1 48 ? -4.352  -5.331  -7.143  1.00 31.76  ? 48  G   A "O2'" 1 
ATOM   1034 C  "C1'" . G   A 1 48 ? -4.334  -3.464  -5.601  1.00 30.99  ? 48  G   A "C1'" 1 
ATOM   1035 N  N9    . G   A 1 48 ? -4.621  -2.026  -5.555  1.00 28.93  ? 48  G   A N9    1 
ATOM   1036 C  C8    . G   A 1 48 ? -3.750  -1.002  -5.258  1.00 28.30  ? 48  G   A C8    1 
ATOM   1037 N  N7    . G   A 1 48 ? -4.295  0.183   -5.346  1.00 28.64  ? 48  G   A N7    1 
ATOM   1038 C  C5    . G   A 1 48 ? -5.611  -0.060  -5.739  1.00 27.41  ? 48  G   A C5    1 
ATOM   1039 C  C6    . G   A 1 48 ? -6.678  0.818   -6.001  1.00 27.14  ? 48  G   A C6    1 
ATOM   1040 O  O6    . G   A 1 48 ? -6.678  2.046   -5.931  1.00 30.26  ? 48  G   A O6    1 
ATOM   1041 N  N1    . G   A 1 48 ? -7.858  0.169   -6.362  1.00 26.08  ? 48  G   A N1    1 
ATOM   1042 C  C2    . G   A 1 48 ? -7.988  -1.188  -6.466  1.00 25.10  ? 48  G   A C2    1 
ATOM   1043 N  N2    . G   A 1 48 ? -9.180  -1.669  -6.835  1.00 23.18  ? 48  G   A N2    1 
ATOM   1044 N  N3    . G   A 1 48 ? -7.001  -2.021  -6.209  1.00 27.06  ? 48  G   A N3    1 
ATOM   1045 C  C4    . G   A 1 48 ? -5.838  -1.408  -5.857  1.00 28.79  ? 48  G   A C4    1 
ATOM   1046 P  P     . G   A 1 49 ? -1.956  -3.546  -9.823  1.00 36.42  ? 49  G   A P     1 
ATOM   1047 O  OP1   . G   A 1 49 ? -1.236  -4.485  -10.678 1.00 37.23  ? 49  G   A OP1   1 
ATOM   1048 O  OP2   . G   A 1 49 ? -1.468  -2.166  -9.620  1.00 36.82  ? 49  G   A OP2   1 
ATOM   1049 O  "O5'" . G   A 1 49 ? -3.466  -3.417  -10.363 1.00 35.20  ? 49  G   A "O5'" 1 
ATOM   1050 C  "C5'" . G   A 1 49 ? -4.225  -4.584  -10.628 1.00 34.54  ? 49  G   A "C5'" 1 
ATOM   1051 C  "C4'" . G   A 1 49 ? -5.675  -4.211  -10.849 1.00 34.82  ? 49  G   A "C4'" 1 
ATOM   1052 O  "O4'" . G   A 1 49 ? -6.180  -3.460  -9.710  1.00 33.83  ? 49  G   A "O4'" 1 
ATOM   1053 C  "C3'" . G   A 1 49 ? -5.892  -3.248  -12.006 1.00 35.80  ? 49  G   A "C3'" 1 
ATOM   1054 O  "O3'" . G   A 1 49 ? -5.866  -3.914  -13.255 1.00 39.17  ? 49  G   A "O3'" 1 
ATOM   1055 C  "C2'" . G   A 1 49 ? -7.280  -2.709  -11.678 1.00 34.31  ? 49  G   A "C2'" 1 
ATOM   1056 O  "O2'" . G   A 1 49 ? -8.328  -3.605  -11.991 1.00 34.33  ? 49  G   A "O2'" 1 
ATOM   1057 C  "C1'" . G   A 1 49 ? -7.137  -2.532  -10.174 1.00 32.39  ? 49  G   A "C1'" 1 
ATOM   1058 N  N9    . G   A 1 49 ? -6.717  -1.177  -9.851  1.00 29.94  ? 49  G   A N9    1 
ATOM   1059 C  C8    . G   A 1 49 ? -5.481  -0.728  -9.467  1.00 27.52  ? 49  G   A C8    1 
ATOM   1060 N  N7    . G   A 1 49 ? -5.473  0.551   -9.258  1.00 27.26  ? 49  G   A N7    1 
ATOM   1061 C  C5    . G   A 1 49 ? -6.771  0.979   -9.506  1.00 27.18  ? 49  G   A C5    1 
ATOM   1062 C  C6    . G   A 1 49 ? -7.358  2.260   -9.448  1.00 28.94  ? 49  G   A C6    1 
ATOM   1063 O  O6    . G   A 1 49 ? -6.815  3.330   -9.145  1.00 31.10  ? 49  G   A O6    1 
ATOM   1064 N  N1    . G   A 1 49 ? -8.718  2.250   -9.776  1.00 28.85  ? 49  G   A N1    1 
ATOM   1065 C  C2    . G   A 1 49 ? -9.415  1.106   -10.142 1.00 30.43  ? 49  G   A C2    1 
ATOM   1066 N  N2    . G   A 1 49 ? -10.727 1.235   -10.452 1.00 31.29  ? 49  G   A N2    1 
ATOM   1067 N  N3    . G   A 1 49 ? -8.857  -0.096  -10.212 1.00 27.73  ? 49  G   A N3    1 
ATOM   1068 C  C4    . G   A 1 49 ? -7.549  -0.080  -9.872  1.00 28.26  ? 49  G   A C4    1 
ATOM   1069 P  P     . G   A 1 50 ? -5.512  -3.134  -14.614 1.00 39.25  ? 50  G   A P     1 
ATOM   1070 O  OP1   . G   A 1 50 ? -5.654  -4.151  -15.673 1.00 39.11  ? 50  G   A OP1   1 
ATOM   1071 O  OP2   . G   A 1 50 ? -4.263  -2.369  -14.454 1.00 38.75  ? 50  G   A OP2   1 
ATOM   1072 O  "O5'" . G   A 1 50 ? -6.650  -2.019  -14.719 1.00 38.57  ? 50  G   A "O5'" 1 
ATOM   1073 C  "C5'" . G   A 1 50 ? -7.659  -2.004  -15.695 1.00 37.94  ? 50  G   A "C5'" 1 
ATOM   1074 C  "C4'" . G   A 1 50 ? -8.748  -1.018  -15.292 1.00 37.47  ? 50  G   A "C4'" 1 
ATOM   1075 O  "O4'" . G   A 1 50 ? -8.582  -0.551  -13.927 1.00 36.38  ? 50  G   A "O4'" 1 
ATOM   1076 C  "C3'" . G   A 1 50 ? -8.810  0.289   -16.056 1.00 36.69  ? 50  G   A "C3'" 1 
ATOM   1077 O  "O3'" . G   A 1 50 ? -9.394  0.094   -17.309 1.00 37.36  ? 50  G   A "O3'" 1 
ATOM   1078 C  "C2'" . G   A 1 50 ? -9.773  1.065   -15.166 1.00 36.72  ? 50  G   A "C2'" 1 
ATOM   1079 O  "O2'" . G   A 1 50 ? -11.116 0.634   -15.288 1.00 36.33  ? 50  G   A "O2'" 1 
ATOM   1080 C  "C1'" . G   A 1 50 ? -9.209  0.715   -13.790 1.00 35.29  ? 50  G   A "C1'" 1 
ATOM   1081 N  N9    . G   A 1 50 ? -8.226  1.697   -13.313 1.00 34.05  ? 50  G   A N9    1 
ATOM   1082 C  C8    . G   A 1 50 ? -6.886  1.491   -13.072 1.00 31.11  ? 50  G   A C8    1 
ATOM   1083 N  N7    . G   A 1 50 ? -6.282  2.571   -12.649 1.00 31.14  ? 50  G   A N7    1 
ATOM   1084 C  C5    . G   A 1 50 ? -7.268  3.551   -12.608 1.00 30.18  ? 50  G   A C5    1 
ATOM   1085 C  C6    . G   A 1 50 ? -7.218  4.918   -12.239 1.00 30.73  ? 50  G   A C6    1 
ATOM   1086 O  O6    . G   A 1 50 ? -6.248  5.586   -11.839 1.00 32.04  ? 50  G   A O6    1 
ATOM   1087 N  N1    . G   A 1 50 ? -8.457  5.546   -12.367 1.00 29.77  ? 50  G   A N1    1 
ATOM   1088 C  C2    . G   A 1 50 ? -9.615  4.930   -12.760 1.00 29.80  ? 50  G   A C2    1 
ATOM   1089 N  N2    . G   A 1 50 ? -10.734 5.683   -12.813 1.00 28.66  ? 50  G   A N2    1 
ATOM   1090 N  N3    . G   A 1 50 ? -9.660  3.646   -13.097 1.00 30.96  ? 50  G   A N3    1 
ATOM   1091 C  C4    . G   A 1 50 ? -8.467  3.024   -13.011 1.00 31.24  ? 50  G   A C4    1 
ATOM   1092 P  P     . A   A 1 51 ? -8.973  0.957   -18.586 1.00 35.98  ? 51  A   A P     1 
ATOM   1093 O  OP1   . A   A 1 51 ? -9.496  0.172   -19.724 1.00 38.12  ? 51  A   A OP1   1 
ATOM   1094 O  OP2   . A   A 1 51 ? -7.539  1.313   -18.507 1.00 36.42  ? 51  A   A OP2   1 
ATOM   1095 O  "O5'" . A   A 1 51 ? -9.808  2.317   -18.479 1.00 35.63  ? 51  A   A "O5'" 1 
ATOM   1096 C  "C5'" . A   A 1 51 ? -11.230 2.362   -18.394 1.00 33.55  ? 51  A   A "C5'" 1 
ATOM   1097 C  "C4'" . A   A 1 51 ? -11.616 3.751   -17.939 1.00 34.33  ? 51  A   A "C4'" 1 
ATOM   1098 O  "O4'" . A   A 1 51 ? -11.066 3.995   -16.620 1.00 35.46  ? 51  A   A "O4'" 1 
ATOM   1099 C  "C3'" . A   A 1 51 ? -11.010 4.901   -18.731 1.00 34.38  ? 51  A   A "C3'" 1 
ATOM   1100 O  "O3'" . A   A 1 51 ? -11.686 5.109   -19.947 1.00 36.20  ? 51  A   A "O3'" 1 
ATOM   1101 C  "C2'" . A   A 1 51 ? -11.201 6.062   -17.768 1.00 33.53  ? 51  A   A "C2'" 1 
ATOM   1102 O  "O2'" . A   A 1 51 ? -12.545 6.467   -17.607 1.00 33.25  ? 51  A   A "O2'" 1 
ATOM   1103 C  "C1'" . A   A 1 51 ? -10.768 5.385   -16.482 1.00 33.67  ? 51  A   A "C1'" 1 
ATOM   1104 N  N9    . A   A 1 51 ? -9.361  5.599   -16.124 1.00 31.22  ? 51  A   A N9    1 
ATOM   1105 C  C8    . A   A 1 51 ? -8.340  4.698   -16.223 1.00 28.23  ? 51  A   A C8    1 
ATOM   1106 N  N7    . A   A 1 51 ? -7.208  5.178   -15.808 1.00 28.21  ? 51  A   A N7    1 
ATOM   1107 C  C5    . A   A 1 51 ? -7.492  6.467   -15.390 1.00 29.25  ? 51  A   A C5    1 
ATOM   1108 C  C6    . A   A 1 51 ? -6.705  7.498   -14.839 1.00 29.84  ? 51  A   A C6    1 
ATOM   1109 N  N6    . A   A 1 51 ? -5.404  7.379   -14.601 1.00 30.26  ? 51  A   A N6    1 
ATOM   1110 N  N1    . A   A 1 51 ? -7.300  8.679   -14.549 1.00 29.86  ? 51  A   A N1    1 
ATOM   1111 C  C2    . A   A 1 51 ? -8.613  8.819   -14.790 1.00 29.96  ? 51  A   A C2    1 
ATOM   1112 N  N3    . A   A 1 51 ? -9.457  7.920   -15.287 1.00 28.75  ? 51  A   A N3    1 
ATOM   1113 C  C4    . A   A 1 51 ? -8.823  6.758   -15.582 1.00 29.68  ? 51  A   A C4    1 
ATOM   1114 P  P     . A   A 1 52 ? -10.908 5.601   -21.262 1.00 38.02  ? 52  A   A P     1 
ATOM   1115 O  OP1   . A   A 1 52 ? -11.807 5.235   -22.375 1.00 37.52  ? 52  A   A OP1   1 
ATOM   1116 O  OP2   . A   A 1 52 ? -9.507  5.137   -21.205 1.00 38.15  ? 52  A   A OP2   1 
ATOM   1117 O  "O5'" . A   A 1 52 ? -10.849 7.200   -21.158 1.00 38.03  ? 52  A   A "O5'" 1 
ATOM   1118 C  "C5'" . A   A 1 52 ? -12.020 7.967   -20.928 1.00 37.60  ? 52  A   A "C5'" 1 
ATOM   1119 C  "C4'" . A   A 1 52 ? -11.673 9.314   -20.332 1.00 37.46  ? 52  A   A "C4'" 1 
ATOM   1120 O  "O4'" . A   A 1 52 ? -11.100 9.152   -19.013 1.00 37.61  ? 52  A   A "O4'" 1 
ATOM   1121 C  "C3'" . A   A 1 52 ? -10.620 10.113  -21.070 1.00 38.27  ? 52  A   A "C3'" 1 
ATOM   1122 O  "O3'" . A   A 1 52 ? -11.181 10.810  -22.177 1.00 39.36  ? 52  A   A "O3'" 1 
ATOM   1123 C  "C2'" . A   A 1 52 ? -10.194 11.077  -19.970 1.00 38.25  ? 52  A   A "C2'" 1 
ATOM   1124 O  "O2'" . A   A 1 52 ? -11.182 12.039  -19.682 1.00 39.50  ? 52  A   A "O2'" 1 
ATOM   1125 C  "C1'" . A   A 1 52 ? -10.104 10.141  -18.789 1.00 36.80  ? 52  A   A "C1'" 1 
ATOM   1126 N  N9    . A   A 1 52 ? -8.779  9.541   -18.578 1.00 35.14  ? 52  A   A N9    1 
ATOM   1127 C  C8    . A   A 1 52 ? -8.342  8.304   -18.990 1.00 33.25  ? 52  A   A C8    1 
ATOM   1128 N  N7    . A   A 1 52 ? -7.110  8.029   -18.629 1.00 32.11  ? 52  A   A N7    1 
ATOM   1129 C  C5    . A   A 1 52 ? -6.714  9.169   -17.930 1.00 32.39  ? 52  A   A C5    1 
ATOM   1130 C  C6    . A   A 1 52 ? -5.513  9.525   -17.292 1.00 31.78  ? 52  A   A C6    1 
ATOM   1131 N  N6    . A   A 1 52 ? -4.457  8.710   -17.252 1.00 32.80  ? 52  A   A N6    1 
ATOM   1132 N  N1    . A   A 1 52 ? -5.434  10.740  -16.690 1.00 32.70  ? 52  A   A N1    1 
ATOM   1133 C  C2    . A   A 1 52 ? -6.496  11.558  -16.724 1.00 32.26  ? 52  A   A C2    1 
ATOM   1134 N  N3    . A   A 1 52 ? -7.675  11.321  -17.305 1.00 32.69  ? 52  A   A N3    1 
ATOM   1135 C  C4    . A   A 1 52 ? -7.726  10.108  -17.889 1.00 32.71  ? 52  A   A C4    1 
ATOM   1136 P  P     . U   A 1 53 ? -10.270 11.236  -23.426 1.00 39.12  ? 53  U   A P     1 
ATOM   1137 O  OP1   . U   A 1 53 ? -11.132 11.935  -24.386 1.00 42.62  ? 53  U   A OP1   1 
ATOM   1138 O  OP2   . U   A 1 53 ? -9.534  10.043  -23.894 1.00 40.13  ? 53  U   A OP2   1 
ATOM   1139 O  "O5'" . U   A 1 53 ? -9.240  12.305  -22.827 1.00 41.09  ? 53  U   A "O5'" 1 
ATOM   1140 C  "C5'" . U   A 1 53 ? -9.617  13.657  -22.554 1.00 41.00  ? 53  U   A "C5'" 1 
ATOM   1141 C  "C4'" . U   A 1 53 ? -8.443  14.396  -21.942 1.00 41.48  ? 53  U   A "C4'" 1 
ATOM   1142 O  "O4'" . U   A 1 53 ? -8.050  13.677  -20.748 1.00 41.90  ? 53  U   A "O4'" 1 
ATOM   1143 C  "C3'" . U   A 1 53 ? -7.161  14.439  -22.766 1.00 42.08  ? 53  U   A "C3'" 1 
ATOM   1144 O  "O3'" . U   A 1 53 ? -7.144  15.512  -23.718 1.00 43.82  ? 53  U   A "O3'" 1 
ATOM   1145 C  "C2'" . U   A 1 53 ? -6.118  14.673  -21.686 1.00 41.88  ? 53  U   A "C2'" 1 
ATOM   1146 O  "O2'" . U   A 1 53 ? -6.087  16.026  -21.267 1.00 45.00  ? 53  U   A "O2'" 1 
ATOM   1147 C  "C1'" . U   A 1 53 ? -6.642  13.774  -20.573 1.00 40.91  ? 53  U   A "C1'" 1 
ATOM   1148 N  N1    . U   A 1 53 ? -5.999  12.410  -20.565 1.00 38.93  ? 53  U   A N1    1 
ATOM   1149 C  C2    . U   A 1 53 ? -4.827  12.234  -19.850 1.00 38.86  ? 53  U   A C2    1 
ATOM   1150 O  O2    . U   A 1 53 ? -4.281  13.127  -19.221 1.00 39.75  ? 53  U   A O2    1 
ATOM   1151 N  N3    . U   A 1 53 ? -4.305  10.959  -19.899 1.00 37.10  ? 53  U   A N3    1 
ATOM   1152 C  C4    . U   A 1 53 ? -4.839  9.879   -20.581 1.00 35.20  ? 53  U   A C4    1 
ATOM   1153 O  O4    . U   A 1 53 ? -4.263  8.814   -20.537 1.00 32.86  ? 53  U   A O4    1 
ATOM   1154 C  C5    . U   A 1 53 ? -6.058  10.124  -21.299 1.00 35.09  ? 53  U   A C5    1 
ATOM   1155 C  C6    . U   A 1 53 ? -6.575  11.355  -21.267 1.00 36.82  ? 53  U   A C6    1 
HETATM 1156 SR SR    . SR  B 2 .  ? -17.787 0.356   2.669   0.50 107.34 ? 201 SR  A SR    1 
HETATM 1157 SR SR    . SR  C 2 .  ? -2.533  4.050   -10.234 1.00 104.60 ? 202 SR  A SR    1 
HETATM 1158 SR SR    . SR  D 2 .  ? -13.866 1.380   10.507  0.50 86.69  ? 203 SR  A SR    1 
HETATM 1159 SR SR    . SR  E 2 .  ? -2.341  -13.962 -3.265  1.00 61.42  ? 204 SR  A SR    1 
HETATM 1160 SR SR    . SR  F 2 .  ? -4.563  -17.896 -10.768 1.00 95.02  ? 205 SR  A SR    1 
HETATM 1161 SR SR    . SR  G 2 .  ? -23.621 13.284  25.349  0.50 78.84  ? 206 SR  A SR    1 
HETATM 1162 SR SR    . SR  H 2 .  ? -13.541 7.001   -3.351  1.00 64.65  ? 207 SR  A SR    1 
HETATM 1163 SR SR    . SR  I 2 .  ? -1.770  0.230   6.492   1.00 57.53  ? 208 SR  A SR    1 
HETATM 1164 SR SR    . SR  J 2 .  ? -12.137 -12.647 2.196   1.00 86.59  ? 209 SR  A SR    1 
HETATM 1165 SR SR    . SR  K 2 .  ? -0.725  -13.421 3.355   1.00 100.53 ? 210 SR  A SR    1 
HETATM 1166 SR SR    . SR  L 2 .  ? -26.088 12.718  21.695  0.50 64.35  ? 211 SR  A SR    1 
HETATM 1167 SR SR    . SR  M 2 .  ? 6.911   7.733   -13.202 0.50 79.56  ? 212 SR  A SR    1 
HETATM 1168 SR SR    . SR  N 2 .  ? -16.506 6.798   16.211  0.50 70.17  ? 213 SR  A SR    1 
HETATM 1169 SR SR    . SR  O 2 .  ? -13.502 -1.089  5.654   0.50 67.36  ? 214 SR  A SR    1 
HETATM 1170 SR SR    . SR  P 2 .  ? -9.681  -12.474 -3.318  1.00 102.26 ? 215 SR  A SR    1 
HETATM 1171 N  N     . SAM Q 3 .  ? -0.149  0.628   -1.350  1.00 60.17  ? 216 SAM A N     1 
HETATM 1172 C  CA    . SAM Q 3 .  ? 0.000   0.000   0.000   1.00 59.84  ? 216 SAM A CA    1 
HETATM 1173 C  C     . SAM Q 3 .  ? 1.453   -0.004  0.515   1.00 60.37  ? 216 SAM A C     1 
HETATM 1174 O  O     . SAM Q 3 .  ? 2.373   0.503   -0.145  1.00 60.61  ? 216 SAM A O     1 
HETATM 1175 O  OXT   . SAM Q 3 .  ? 1.753   -0.501  1.614   1.00 60.58  ? 216 SAM A OXT   1 
HETATM 1176 C  CB    . SAM Q 3 .  ? -0.594  -1.404  -0.025  1.00 59.54  ? 216 SAM A CB    1 
HETATM 1177 C  CG    . SAM Q 3 .  ? -1.298  -1.773  1.280   1.00 56.99  ? 216 SAM A CG    1 
HETATM 1178 S  SD    . SAM Q 3 .  ? -1.610  -3.541  1.531   1.00 54.23  ? 216 SAM A SD    1 
HETATM 1179 C  CE    . SAM Q 3 .  ? -0.538  -3.885  2.950   1.00 52.58  ? 216 SAM A CE    1 
HETATM 1180 C  "C5'" . SAM Q 3 .  ? -0.621  -4.328  0.222   1.00 47.06  ? 216 SAM A "C5'" 1 
HETATM 1181 C  "C4'" . SAM Q 3 .  ? -1.158  -5.690  -0.205  1.00 41.16  ? 216 SAM A "C4'" 1 
HETATM 1182 O  "O4'" . SAM Q 3 .  ? -2.570  -5.659  -0.309  1.00 38.65  ? 216 SAM A "O4'" 1 
HETATM 1183 C  "C3'" . SAM Q 3 .  ? -0.657  -6.062  -1.584  1.00 38.41  ? 216 SAM A "C3'" 1 
HETATM 1184 O  "O3'" . SAM Q 3 .  ? -0.421  -7.444  -1.583  1.00 36.73  ? 216 SAM A "O3'" 1 
HETATM 1185 C  "C2'" . SAM Q 3 .  ? -1.803  -5.731  -2.513  1.00 35.16  ? 216 SAM A "C2'" 1 
HETATM 1186 O  "O2'" . SAM Q 3 .  ? -1.824  -6.595  -3.615  1.00 33.82  ? 216 SAM A "O2'" 1 
HETATM 1187 C  "C1'" . SAM Q 3 .  ? -3.004  -5.953  -1.629  1.00 34.40  ? 216 SAM A "C1'" 1 
HETATM 1188 N  N9    . SAM Q 3 .  ? -4.175  -5.113  -1.930  1.00 30.38  ? 216 SAM A N9    1 
HETATM 1189 C  C8    . SAM Q 3 .  ? -5.404  -5.622  -2.232  1.00 28.71  ? 216 SAM A C8    1 
HETATM 1190 N  N7    . SAM Q 3 .  ? -6.264  -4.601  -2.437  1.00 28.45  ? 216 SAM A N7    1 
HETATM 1191 C  C5    . SAM Q 3 .  ? -5.596  -3.439  -2.252  1.00 28.44  ? 216 SAM A C5    1 
HETATM 1192 C  C6    . SAM Q 3 .  ? -6.004  -2.109  -2.330  1.00 28.43  ? 216 SAM A C6    1 
HETATM 1193 N  N6    . SAM Q 3 .  ? -7.271  -1.819  -2.632  1.00 27.54  ? 216 SAM A N6    1 
HETATM 1194 N  N1    . SAM Q 3 .  ? -5.089  -1.097  -2.081  1.00 28.00  ? 216 SAM A N1    1 
HETATM 1195 C  C2    . SAM Q 3 .  ? -3.778  -1.415  -1.763  1.00 26.69  ? 216 SAM A C2    1 
HETATM 1196 N  N3    . SAM Q 3 .  ? -3.383  -2.738  -1.699  1.00 27.60  ? 216 SAM A N3    1 
HETATM 1197 C  C4    . SAM Q 3 .  ? -4.275  -3.742  -1.922  1.00 28.19  ? 216 SAM A C4    1 
HETATM 1198 O  O     . HOH R 4 .  ? -9.292  -1.541  1.173   1.00 56.89  ? 217 HOH A O     1 
HETATM 1199 O  O     . HOH R 4 .  ? 5.710   -9.565  -6.831  1.00 41.65  ? 218 HOH A O     1 
HETATM 1200 O  O     . HOH R 4 .  ? -10.631 6.745   -2.764  1.00 39.35  ? 219 HOH A O     1 
HETATM 1201 O  O     . HOH R 4 .  ? -6.088  1.020   7.397   1.00 45.74  ? 220 HOH A O     1 
HETATM 1202 O  O     . HOH R 4 .  ? -1.757  -17.237 -11.970 1.00 47.73  ? 221 HOH A O     1 
HETATM 1203 O  O     . HOH R 4 .  ? -12.485 5.145   0.069   1.00 53.27  ? 222 HOH A O     1 
HETATM 1204 O  O     . HOH R 4 .  ? -1.360  -16.296 -4.959  1.00 56.19  ? 223 HOH A O     1 
HETATM 1205 O  O     . HOH R 4 .  ? -3.477  1.739   7.280   1.00 43.83  ? 224 HOH A O     1 
HETATM 1206 O  O     . HOH R 4 .  ? -9.092  6.478   -5.373  1.00 46.86  ? 225 HOH A O     1 
HETATM 1207 O  O     . HOH R 4 .  ? -3.100  2.426   -4.523  1.00 50.50  ? 226 HOH A O     1 
HETATM 1208 O  O     . HOH R 4 .  ? -8.090  14.646  -25.810 1.00 52.56  ? 227 HOH A O     1 
HETATM 1209 O  O     . HOH R 4 .  ? -10.162 -4.385  -9.811  1.00 45.80  ? 228 HOH A O     1 
HETATM 1210 O  O     . HOH R 4 .  ? -1.326  7.967   2.418   1.00 84.39  ? 229 HOH A O     1 
HETATM 1211 O  O     . HOH R 4 .  ? 6.827   7.003   -18.431 1.00 42.23  ? 230 HOH A O     1 
HETATM 1212 O  O     . HOH R 4 .  ? -1.578  -10.893 -2.258  1.00 35.71  ? 231 HOH A O     1 
HETATM 1213 O  O     . HOH R 4 .  ? 1.996   5.522   -14.481 1.00 65.14  ? 232 HOH A O     1 
HETATM 1214 O  O     . HOH R 4 .  ? 7.210   3.865   -15.115 1.00 62.82  ? 233 HOH A O     1 
HETATM 1215 O  O     . HOH R 4 .  ? -4.738  8.864   -4.579  1.00 56.82  ? 234 HOH A O     1 
HETATM 1216 O  O     . HOH R 4 .  ? -13.244 -2.358  -8.650  1.00 49.32  ? 235 HOH A O     1 
HETATM 1217 O  O     . HOH R 4 .  ? -12.803 14.142  -25.176 1.00 51.08  ? 236 HOH A O     1 
HETATM 1218 O  O     . HOH R 4 .  ? -7.726  8.413   -6.950  1.00 41.73  ? 237 HOH A O     1 
HETATM 1219 O  O     . HOH R 4 .  ? -11.477 16.317  -26.137 1.00 45.42  ? 238 HOH A O     1 
HETATM 1220 O  O     . HOH R 4 .  ? -4.100  -6.759  -4.890  1.00 33.30  ? 239 HOH A O     1 
HETATM 1221 O  O     . HOH R 4 .  ? -12.127 8.504   -15.702 1.00 42.95  ? 240 HOH A O     1 
HETATM 1222 O  O     . HOH R 4 .  ? -13.411 2.662   -22.370 1.00 38.64  ? 241 HOH A O     1 
HETATM 1223 O  O     . HOH R 4 .  ? -10.599 5.837   2.968   1.00 66.54  ? 242 HOH A O     1 
HETATM 1224 O  O     . HOH R 4 .  ? -1.992  12.045  -10.027 1.00 46.88  ? 243 HOH A O     1 
HETATM 1225 O  O     . HOH R 4 .  ? -12.651 -13.008 -14.371 1.00 67.87  ? 244 HOH A O     1 
HETATM 1226 O  O     . HOH R 4 .  ? 0.483   -6.569  -9.644  1.00 44.65  ? 245 HOH A O     1 
HETATM 1227 O  O     . HOH R 4 .  ? -12.759 15.727  21.446  1.00 67.77  ? 246 HOH A O     1 
HETATM 1228 O  O     . HOH R 4 .  ? -4.340  -6.623  -13.820 1.00 43.25  ? 247 HOH A O     1 
HETATM 1229 O  O     . HOH R 4 .  ? 0.485   -11.213 -0.696  1.00 43.55  ? 248 HOH A O     1 
HETATM 1230 O  O     . HOH R 4 .  ? -4.540  -0.578  -12.982 1.00 54.38  ? 249 HOH A O     1 
HETATM 1231 O  O     . HOH R 4 .  ? 2.567   -11.347 -15.941 1.00 66.17  ? 250 HOH A O     1 
HETATM 1232 O  O     . HOH R 4 .  ? -3.995  2.612   -8.281  1.00 64.81  ? 251 HOH A O     1 
HETATM 1233 O  O     . HOH R 4 .  ? -27.988 0.519   12.254  1.00 87.97  ? 252 HOH A O     1 
HETATM 1234 O  O     . HOH R 4 .  ? -28.331 2.162   10.197  1.00 83.79  ? 253 HOH A O     1 
HETATM 1235 O  O     . HOH R 4 .  ? -24.681 10.342  9.798   1.00 65.16  ? 254 HOH A O     1 
HETATM 1236 O  O     . HOH R 4 .  ? -12.581 18.139  19.960  1.00 54.66  ? 255 HOH A O     1 
HETATM 1237 O  O     . HOH R 4 .  ? -7.660  3.134   7.063   1.00 47.23  ? 256 HOH A O     1 
HETATM 1238 O  O     . HOH R 4 .  ? 4.133   -9.461  -8.681  1.00 47.08  ? 257 HOH A O     1 
HETATM 1239 O  O     . HOH R 4 .  ? -15.036 -4.895  -5.524  1.00 58.51  ? 258 HOH A O     1 
HETATM 1240 O  O     . HOH R 4 .  ? -10.430 2.207   7.451   1.00 47.17  ? 259 HOH A O     1 
HETATM 1241 O  O     . HOH R 4 .  ? -16.906 3.974   -2.563  1.00 52.19  ? 260 HOH A O     1 
HETATM 1242 O  O     . HOH R 4 .  ? -15.545 -3.240  9.314   1.00 66.58  ? 261 HOH A O     1 
HETATM 1243 O  O     . HOH R 4 .  ? -2.857  8.391   -11.115 1.00 47.74  ? 262 HOH A O     1 
HETATM 1244 O  O     . HOH R 4 .  ? -7.901  11.509  2.687   1.00 91.48  ? 263 HOH A O     1 
HETATM 1245 O  O     . HOH R 4 .  ? -8.620  6.579   4.761   1.00 58.23  ? 264 HOH A O     1 
HETATM 1246 O  O     . HOH R 4 .  ? -4.843  3.653   -5.925  1.00 60.66  ? 265 HOH A O     1 
HETATM 1247 O  O     . HOH R 4 .  ? 5.740   -22.299 -9.022  1.00 51.17  ? 266 HOH A O     1 
HETATM 1248 O  O     . HOH R 4 .  ? -6.298  -14.324 -7.262  1.00 44.11  ? 267 HOH A O     1 
HETATM 1249 O  O     . HOH R 4 .  ? -4.329  2.509   0.635   1.00 53.04  ? 268 HOH A O     1 
HETATM 1250 O  O     . HOH R 4 .  ? -15.904 -14.174 -12.002 1.00 56.76  ? 269 HOH A O     1 
HETATM 1251 O  O     . HOH R 4 .  ? -1.817  -19.231 -5.389  1.00 52.08  ? 270 HOH A O     1 
HETATM 1252 O  O     . HOH R 4 .  ? -10.648 -11.985 -7.046  1.00 56.03  ? 271 HOH A O     1 
HETATM 1253 O  O     . HOH R 4 .  ? -10.061 5.086   6.778   1.00 50.97  ? 272 HOH A O     1 
HETATM 1254 O  O     . HOH R 4 .  ? -3.851  -0.585  1.915   1.00 49.03  ? 273 HOH A O     1 
HETATM 1255 O  O     . HOH R 4 .  ? -2.096  -6.540  -11.788 1.00 56.62  ? 274 HOH A O     1 
HETATM 1256 O  O     . HOH R 4 .  ? 5.059   7.860   -10.315 1.00 55.10  ? 275 HOH A O     1 
HETATM 1257 O  O     . HOH R 4 .  ? -10.504 11.942  22.866  1.00 55.15  ? 276 HOH A O     1 
HETATM 1258 O  O     . HOH R 4 .  ? -2.439  -0.258  -11.355 1.00 45.60  ? 277 HOH A O     1 
HETATM 1259 O  O     . HOH R 4 .  ? -22.482 7.897   24.690  1.00 53.26  ? 278 HOH A O     1 
HETATM 1260 O  O     . HOH R 4 .  ? 3.952   4.934   -10.903 1.00 69.06  ? 279 HOH A O     1 
HETATM 1261 O  O     . HOH R 4 .  ? -14.560 -13.740 -8.208  1.00 59.31  ? 280 HOH A O     1 
HETATM 1262 O  O     . HOH R 4 .  ? -5.665  17.543  -15.163 1.00 53.30  ? 281 HOH A O     1 
HETATM 1263 O  O     . HOH R 4 .  ? -12.578 8.790   -1.803  1.00 55.39  ? 282 HOH A O     1 
HETATM 1264 O  O     . HOH R 4 .  ? 0.101   9.591   -11.540 1.00 53.83  ? 283 HOH A O     1 
HETATM 1265 O  O     . HOH R 4 .  ? 4.422   4.969   -13.390 1.00 59.33  ? 284 HOH A O     1 
HETATM 1266 O  O     . HOH R 4 .  ? 1.555   -10.090 -12.232 1.00 62.78  ? 285 HOH A O     1 
# 
